data_8CNY
# 
_entry.id   8CNY 
# 
_audit_conform.dict_name       mmcif_pdbx.dic 
_audit_conform.dict_version    5.395 
_audit_conform.dict_location   http://mmcif.pdb.org/dictionaries/ascii/mmcif_pdbx.dic 
# 
loop_
_database_2.database_id 
_database_2.database_code 
_database_2.pdbx_database_accession 
_database_2.pdbx_DOI 
PDB   8CNY         pdb_00008cny 10.2210/pdb8cny/pdb 
WWPDB D_1292128888 ?            ?                   
# 
loop_
_pdbx_audit_revision_history.ordinal 
_pdbx_audit_revision_history.data_content_type 
_pdbx_audit_revision_history.major_revision 
_pdbx_audit_revision_history.minor_revision 
_pdbx_audit_revision_history.revision_date 
1 'Structure model' 1 0 2023-04-05 
2 'Structure model' 1 1 2024-06-19 
3 'Structure model' 1 2 2024-07-03 
# 
_pdbx_audit_revision_details.ordinal             1 
_pdbx_audit_revision_details.revision_ordinal    1 
_pdbx_audit_revision_details.data_content_type   'Structure model' 
_pdbx_audit_revision_details.provider            repository 
_pdbx_audit_revision_details.type                'Initial release' 
_pdbx_audit_revision_details.description         ? 
_pdbx_audit_revision_details.details             ? 
# 
loop_
_pdbx_audit_revision_group.ordinal 
_pdbx_audit_revision_group.revision_ordinal 
_pdbx_audit_revision_group.data_content_type 
_pdbx_audit_revision_group.group 
1 2 'Structure model' 'Data collection'     
2 3 'Structure model' 'Database references' 
3 3 'Structure model' 'Structure summary'   
# 
loop_
_pdbx_audit_revision_category.ordinal 
_pdbx_audit_revision_category.revision_ordinal 
_pdbx_audit_revision_category.data_content_type 
_pdbx_audit_revision_category.category 
1 2 'Structure model' chem_comp_atom     
2 2 'Structure model' chem_comp_bond     
3 3 'Structure model' entity             
4 3 'Structure model' entity_name_com    
5 3 'Structure model' struct_ref         
6 3 'Structure model' struct_ref_seq     
7 3 'Structure model' struct_ref_seq_dif 
# 
loop_
_pdbx_audit_revision_item.ordinal 
_pdbx_audit_revision_item.revision_ordinal 
_pdbx_audit_revision_item.data_content_type 
_pdbx_audit_revision_item.item 
1 3 'Structure model' '_entity.pdbx_description'             
2 3 'Structure model' '_entity.pdbx_ec'                      
3 3 'Structure model' '_struct_ref.db_code'                  
4 3 'Structure model' '_struct_ref.pdbx_align_begin'         
5 3 'Structure model' '_struct_ref.pdbx_db_accession'        
6 3 'Structure model' '_struct_ref.pdbx_seq_one_letter_code' 
7 3 'Structure model' '_struct_ref_seq.db_align_beg'         
8 3 'Structure model' '_struct_ref_seq.db_align_end'         
9 3 'Structure model' '_struct_ref_seq.pdbx_db_accession'    
# 
_pdbx_database_status.status_code                     REL 
_pdbx_database_status.status_code_sf                  REL 
_pdbx_database_status.status_code_mr                  ? 
_pdbx_database_status.entry_id                        8CNY 
_pdbx_database_status.recvd_initial_deposition_date   2023-02-24 
_pdbx_database_status.SG_entry                        N 
_pdbx_database_status.deposit_site                    PDBE 
_pdbx_database_status.process_site                    PDBE 
_pdbx_database_status.status_code_cs                  ? 
_pdbx_database_status.status_code_nmr_data            ? 
_pdbx_database_status.methods_development_category    ? 
_pdbx_database_status.pdb_format_compatible           Y 
# 
_pdbx_contact_author.id                 2 
_pdbx_contact_author.email              frank.von-delft@diamond.ac.uk 
_pdbx_contact_author.name_first         Frank 
_pdbx_contact_author.name_last          'von Delft' 
_pdbx_contact_author.name_mi            ? 
_pdbx_contact_author.role               'principal investigator/group leader' 
_pdbx_contact_author.identifier_ORCID   0000-0003-0378-0017 
# 
loop_
_audit_author.name 
_audit_author.pdbx_ordinal 
_audit_author.identifier_ORCID 
'Lithgo, R.M.'        1  0000-0002-4706-9916 
'Fairhead, M.'        2  0000-0001-5361-3933 
'Koekemoer, L.'       3  0000-0001-9226-9127 
'Aschenbrenner, J.C.' 4  0000-0002-4318-0481 
'Balcomb, B.H.'       5  0000-0001-7599-8467 
'Godoy, A.S.'         6  0000-0002-0613-9164 
'Marples, P.G.'       7  0000-0002-8787-7969 
'Ni, X.'              8  0000-0002-7769-8297 
'Tomlinson, C.W.E.'   9  0000-0002-1845-6028 
'Wild, C.'            10 0000-0003-0654-8141 
'Fearon, D.'          11 0000-0003-3529-7863 
'Walsh, M.A.'         12 0000-0001-5683-1151 
'von Delft, F.'       13 0000-0003-0378-0017 
# 
_citation.abstract                  ? 
_citation.abstract_id_CAS           ? 
_citation.book_id_ISBN              ? 
_citation.book_publisher            ? 
_citation.book_publisher_city       ? 
_citation.book_title                ? 
_citation.coordinate_linkage        ? 
_citation.country                   ? 
_citation.database_id_Medline       ? 
_citation.details                   ? 
_citation.id                        primary 
_citation.journal_abbrev            'To Be Published' 
_citation.journal_id_ASTM           ? 
_citation.journal_id_CSD            0353 
_citation.journal_id_ISSN           ? 
_citation.journal_full              ? 
_citation.journal_issue             ? 
_citation.journal_volume            ? 
_citation.language                  ? 
_citation.page_first                ? 
_citation.page_last                 ? 
_citation.title                     'Structure of EV D68 3C protease - to be published' 
_citation.year                      ? 
_citation.database_id_CSD           ? 
_citation.pdbx_database_id_DOI      ? 
_citation.pdbx_database_id_PubMed   ? 
_citation.pdbx_database_id_patent   ? 
_citation.unpublished_flag          ? 
# 
loop_
_citation_author.citation_id 
_citation_author.name 
_citation_author.ordinal 
_citation_author.identifier_ORCID 
primary 'Lithgo, R.M.'  1 0000-0002-4706-9916 
primary 'von Delft, F.' 2 0000-0003-0378-0017 
# 
loop_
_entity.id 
_entity.type 
_entity.src_method 
_entity.pdbx_description 
_entity.formula_weight 
_entity.pdbx_number_of_molecules 
_entity.pdbx_ec 
_entity.pdbx_mutation 
_entity.pdbx_fragment 
_entity.details 
1 polymer man 'Protease 3C' 21361.457 1   3.4.22.28 ? ? ? 
2 water   nat water         18.015    146 ?         ? ? ? 
# 
_entity_name_com.entity_id   1 
_entity_name_com.name        'Picornain 3C,P3C' 
# 
_entity_poly.entity_id                      1 
_entity_poly.type                           'polypeptide(L)' 
_entity_poly.nstd_linkage                   no 
_entity_poly.nstd_monomer                   no 
_entity_poly.pdbx_seq_one_letter_code       
;MGPSLDFALSLLRRNIRQVQTDQGHFTMLGVRDRLAVLPRHSQPGKTIWVEHKLINILDAVELVDEQGVNLELTLVTLDT
NEKFRDITKFIPENISAASDATLVINTEHMPSMFVPVGDVVQYGFLNLSGKPTHRTMMYNFPTKAGQCGGVVTSVGKVIG
IHIGGNGRQGFCAGLKRSYFASEQLEHHHHHH
;
_entity_poly.pdbx_seq_one_letter_code_can   
;MGPSLDFALSLLRRNIRQVQTDQGHFTMLGVRDRLAVLPRHSQPGKTIWVEHKLINILDAVELVDEQGVNLELTLVTLDT
NEKFRDITKFIPENISAASDATLVINTEHMPSMFVPVGDVVQYGFLNLSGKPTHRTMMYNFPTKAGQCGGVVTSVGKVIG
IHIGGNGRQGFCAGLKRSYFASEQLEHHHHHH
;
_entity_poly.pdbx_strand_id                 A 
_entity_poly.pdbx_target_identifier         ? 
# 
_pdbx_entity_nonpoly.entity_id   2 
_pdbx_entity_nonpoly.name        water 
_pdbx_entity_nonpoly.comp_id     HOH 
# 
loop_
_entity_poly_seq.entity_id 
_entity_poly_seq.num 
_entity_poly_seq.mon_id 
_entity_poly_seq.hetero 
1 1   MET n 
1 2   GLY n 
1 3   PRO n 
1 4   SER n 
1 5   LEU n 
1 6   ASP n 
1 7   PHE n 
1 8   ALA n 
1 9   LEU n 
1 10  SER n 
1 11  LEU n 
1 12  LEU n 
1 13  ARG n 
1 14  ARG n 
1 15  ASN n 
1 16  ILE n 
1 17  ARG n 
1 18  GLN n 
1 19  VAL n 
1 20  GLN n 
1 21  THR n 
1 22  ASP n 
1 23  GLN n 
1 24  GLY n 
1 25  HIS n 
1 26  PHE n 
1 27  THR n 
1 28  MET n 
1 29  LEU n 
1 30  GLY n 
1 31  VAL n 
1 32  ARG n 
1 33  ASP n 
1 34  ARG n 
1 35  LEU n 
1 36  ALA n 
1 37  VAL n 
1 38  LEU n 
1 39  PRO n 
1 40  ARG n 
1 41  HIS n 
1 42  SER n 
1 43  GLN n 
1 44  PRO n 
1 45  GLY n 
1 46  LYS n 
1 47  THR n 
1 48  ILE n 
1 49  TRP n 
1 50  VAL n 
1 51  GLU n 
1 52  HIS n 
1 53  LYS n 
1 54  LEU n 
1 55  ILE n 
1 56  ASN n 
1 57  ILE n 
1 58  LEU n 
1 59  ASP n 
1 60  ALA n 
1 61  VAL n 
1 62  GLU n 
1 63  LEU n 
1 64  VAL n 
1 65  ASP n 
1 66  GLU n 
1 67  GLN n 
1 68  GLY n 
1 69  VAL n 
1 70  ASN n 
1 71  LEU n 
1 72  GLU n 
1 73  LEU n 
1 74  THR n 
1 75  LEU n 
1 76  VAL n 
1 77  THR n 
1 78  LEU n 
1 79  ASP n 
1 80  THR n 
1 81  ASN n 
1 82  GLU n 
1 83  LYS n 
1 84  PHE n 
1 85  ARG n 
1 86  ASP n 
1 87  ILE n 
1 88  THR n 
1 89  LYS n 
1 90  PHE n 
1 91  ILE n 
1 92  PRO n 
1 93  GLU n 
1 94  ASN n 
1 95  ILE n 
1 96  SER n 
1 97  ALA n 
1 98  ALA n 
1 99  SER n 
1 100 ASP n 
1 101 ALA n 
1 102 THR n 
1 103 LEU n 
1 104 VAL n 
1 105 ILE n 
1 106 ASN n 
1 107 THR n 
1 108 GLU n 
1 109 HIS n 
1 110 MET n 
1 111 PRO n 
1 112 SER n 
1 113 MET n 
1 114 PHE n 
1 115 VAL n 
1 116 PRO n 
1 117 VAL n 
1 118 GLY n 
1 119 ASP n 
1 120 VAL n 
1 121 VAL n 
1 122 GLN n 
1 123 TYR n 
1 124 GLY n 
1 125 PHE n 
1 126 LEU n 
1 127 ASN n 
1 128 LEU n 
1 129 SER n 
1 130 GLY n 
1 131 LYS n 
1 132 PRO n 
1 133 THR n 
1 134 HIS n 
1 135 ARG n 
1 136 THR n 
1 137 MET n 
1 138 MET n 
1 139 TYR n 
1 140 ASN n 
1 141 PHE n 
1 142 PRO n 
1 143 THR n 
1 144 LYS n 
1 145 ALA n 
1 146 GLY n 
1 147 GLN n 
1 148 CYS n 
1 149 GLY n 
1 150 GLY n 
1 151 VAL n 
1 152 VAL n 
1 153 THR n 
1 154 SER n 
1 155 VAL n 
1 156 GLY n 
1 157 LYS n 
1 158 VAL n 
1 159 ILE n 
1 160 GLY n 
1 161 ILE n 
1 162 HIS n 
1 163 ILE n 
1 164 GLY n 
1 165 GLY n 
1 166 ASN n 
1 167 GLY n 
1 168 ARG n 
1 169 GLN n 
1 170 GLY n 
1 171 PHE n 
1 172 CYS n 
1 173 ALA n 
1 174 GLY n 
1 175 LEU n 
1 176 LYS n 
1 177 ARG n 
1 178 SER n 
1 179 TYR n 
1 180 PHE n 
1 181 ALA n 
1 182 SER n 
1 183 GLU n 
1 184 GLN n 
1 185 LEU n 
1 186 GLU n 
1 187 HIS n 
1 188 HIS n 
1 189 HIS n 
1 190 HIS n 
1 191 HIS n 
1 192 HIS n 
# 
_entity_src_gen.entity_id                          1 
_entity_src_gen.pdbx_src_id                        1 
_entity_src_gen.pdbx_alt_source_flag               sample 
_entity_src_gen.pdbx_seq_type                      'Biological sequence' 
_entity_src_gen.pdbx_beg_seq_num                   1 
_entity_src_gen.pdbx_end_seq_num                   192 
_entity_src_gen.gene_src_common_name               ? 
_entity_src_gen.gene_src_genus                     ? 
_entity_src_gen.pdbx_gene_src_gene                 ? 
_entity_src_gen.gene_src_species                   ? 
_entity_src_gen.gene_src_strain                    ? 
_entity_src_gen.gene_src_tissue                    ? 
_entity_src_gen.gene_src_tissue_fraction           ? 
_entity_src_gen.gene_src_details                   ? 
_entity_src_gen.pdbx_gene_src_fragment             ? 
_entity_src_gen.pdbx_gene_src_scientific_name      Enterovirus 
_entity_src_gen.pdbx_gene_src_ncbi_taxonomy_id     12059 
_entity_src_gen.pdbx_gene_src_variant              ? 
_entity_src_gen.pdbx_gene_src_cell_line            ? 
_entity_src_gen.pdbx_gene_src_atcc                 ? 
_entity_src_gen.pdbx_gene_src_organ                ? 
_entity_src_gen.pdbx_gene_src_organelle            ? 
_entity_src_gen.pdbx_gene_src_cell                 ? 
_entity_src_gen.pdbx_gene_src_cellular_location    ? 
_entity_src_gen.host_org_common_name               ? 
_entity_src_gen.pdbx_host_org_scientific_name      'Escherichia coli BL21' 
_entity_src_gen.pdbx_host_org_ncbi_taxonomy_id     511693 
_entity_src_gen.host_org_genus                     ? 
_entity_src_gen.pdbx_host_org_gene                 ? 
_entity_src_gen.pdbx_host_org_organ                ? 
_entity_src_gen.host_org_species                   ? 
_entity_src_gen.pdbx_host_org_tissue               ? 
_entity_src_gen.pdbx_host_org_tissue_fraction      ? 
_entity_src_gen.pdbx_host_org_strain               ? 
_entity_src_gen.pdbx_host_org_variant              ? 
_entity_src_gen.pdbx_host_org_cell_line            ? 
_entity_src_gen.pdbx_host_org_atcc                 ? 
_entity_src_gen.pdbx_host_org_culture_collection   ? 
_entity_src_gen.pdbx_host_org_cell                 ? 
_entity_src_gen.pdbx_host_org_organelle            ? 
_entity_src_gen.pdbx_host_org_cellular_location    ? 
_entity_src_gen.pdbx_host_org_vector_type          ? 
_entity_src_gen.pdbx_host_org_vector               ? 
_entity_src_gen.host_org_details                   ? 
_entity_src_gen.expression_system_id               ? 
_entity_src_gen.plasmid_name                       ? 
_entity_src_gen.plasmid_details                    ? 
_entity_src_gen.pdbx_description                   ? 
# 
loop_
_chem_comp.id 
_chem_comp.type 
_chem_comp.mon_nstd_flag 
_chem_comp.name 
_chem_comp.pdbx_synonyms 
_chem_comp.formula 
_chem_comp.formula_weight 
ALA 'L-peptide linking' y ALANINE         ? 'C3 H7 N O2'     89.093  
ARG 'L-peptide linking' y ARGININE        ? 'C6 H15 N4 O2 1' 175.209 
ASN 'L-peptide linking' y ASPARAGINE      ? 'C4 H8 N2 O3'    132.118 
ASP 'L-peptide linking' y 'ASPARTIC ACID' ? 'C4 H7 N O4'     133.103 
CYS 'L-peptide linking' y CYSTEINE        ? 'C3 H7 N O2 S'   121.158 
GLN 'L-peptide linking' y GLUTAMINE       ? 'C5 H10 N2 O3'   146.144 
GLU 'L-peptide linking' y 'GLUTAMIC ACID' ? 'C5 H9 N O4'     147.129 
GLY 'peptide linking'   y GLYCINE         ? 'C2 H5 N O2'     75.067  
HIS 'L-peptide linking' y HISTIDINE       ? 'C6 H10 N3 O2 1' 156.162 
HOH non-polymer         . WATER           ? 'H2 O'           18.015  
ILE 'L-peptide linking' y ISOLEUCINE      ? 'C6 H13 N O2'    131.173 
LEU 'L-peptide linking' y LEUCINE         ? 'C6 H13 N O2'    131.173 
LYS 'L-peptide linking' y LYSINE          ? 'C6 H15 N2 O2 1' 147.195 
MET 'L-peptide linking' y METHIONINE      ? 'C5 H11 N O2 S'  149.211 
PHE 'L-peptide linking' y PHENYLALANINE   ? 'C9 H11 N O2'    165.189 
PRO 'L-peptide linking' y PROLINE         ? 'C5 H9 N O2'     115.130 
SER 'L-peptide linking' y SERINE          ? 'C3 H7 N O3'     105.093 
THR 'L-peptide linking' y THREONINE       ? 'C4 H9 N O3'     119.119 
TRP 'L-peptide linking' y TRYPTOPHAN      ? 'C11 H12 N2 O2'  204.225 
TYR 'L-peptide linking' y TYROSINE        ? 'C9 H11 N O3'    181.189 
VAL 'L-peptide linking' y VALINE          ? 'C5 H11 N O2'    117.146 
# 
loop_
_pdbx_poly_seq_scheme.asym_id 
_pdbx_poly_seq_scheme.entity_id 
_pdbx_poly_seq_scheme.seq_id 
_pdbx_poly_seq_scheme.mon_id 
_pdbx_poly_seq_scheme.ndb_seq_num 
_pdbx_poly_seq_scheme.pdb_seq_num 
_pdbx_poly_seq_scheme.auth_seq_num 
_pdbx_poly_seq_scheme.pdb_mon_id 
_pdbx_poly_seq_scheme.auth_mon_id 
_pdbx_poly_seq_scheme.pdb_strand_id 
_pdbx_poly_seq_scheme.pdb_ins_code 
_pdbx_poly_seq_scheme.hetero 
A 1 1   MET 1   0   0   MET MET A . n 
A 1 2   GLY 2   1   1   GLY GLY A . n 
A 1 3   PRO 3   2   2   PRO PRO A . n 
A 1 4   SER 4   3   3   SER SER A . n 
A 1 5   LEU 5   4   4   LEU LEU A . n 
A 1 6   ASP 6   5   5   ASP ASP A . n 
A 1 7   PHE 7   6   6   PHE PHE A . n 
A 1 8   ALA 8   7   7   ALA ALA A . n 
A 1 9   LEU 9   8   8   LEU LEU A . n 
A 1 10  SER 10  9   9   SER SER A . n 
A 1 11  LEU 11  10  10  LEU LEU A . n 
A 1 12  LEU 12  11  11  LEU LEU A . n 
A 1 13  ARG 13  12  12  ARG ARG A . n 
A 1 14  ARG 14  13  13  ARG ARG A . n 
A 1 15  ASN 15  14  14  ASN ASN A . n 
A 1 16  ILE 16  15  15  ILE ILE A . n 
A 1 17  ARG 17  16  16  ARG ARG A . n 
A 1 18  GLN 18  17  17  GLN GLN A . n 
A 1 19  VAL 19  18  18  VAL VAL A . n 
A 1 20  GLN 20  19  19  GLN GLN A . n 
A 1 21  THR 21  20  20  THR THR A . n 
A 1 22  ASP 22  21  21  ASP ASP A . n 
A 1 23  GLN 23  22  22  GLN GLN A . n 
A 1 24  GLY 24  23  23  GLY GLY A . n 
A 1 25  HIS 25  24  24  HIS HIS A . n 
A 1 26  PHE 26  25  25  PHE PHE A . n 
A 1 27  THR 27  26  26  THR THR A . n 
A 1 28  MET 28  27  27  MET MET A . n 
A 1 29  LEU 29  28  28  LEU LEU A . n 
A 1 30  GLY 30  29  29  GLY GLY A . n 
A 1 31  VAL 31  30  30  VAL VAL A . n 
A 1 32  ARG 32  31  31  ARG ARG A . n 
A 1 33  ASP 33  32  32  ASP ASP A . n 
A 1 34  ARG 34  33  33  ARG ARG A . n 
A 1 35  LEU 35  34  34  LEU LEU A . n 
A 1 36  ALA 36  35  35  ALA ALA A . n 
A 1 37  VAL 37  36  36  VAL VAL A . n 
A 1 38  LEU 38  37  37  LEU LEU A . n 
A 1 39  PRO 39  38  38  PRO PRO A . n 
A 1 40  ARG 40  39  39  ARG ARG A . n 
A 1 41  HIS 41  40  40  HIS HIS A . n 
A 1 42  SER 42  41  41  SER SER A . n 
A 1 43  GLN 43  42  42  GLN GLN A . n 
A 1 44  PRO 44  43  43  PRO PRO A . n 
A 1 45  GLY 45  44  44  GLY GLY A . n 
A 1 46  LYS 46  45  45  LYS LYS A . n 
A 1 47  THR 47  46  46  THR THR A . n 
A 1 48  ILE 48  47  47  ILE ILE A . n 
A 1 49  TRP 49  48  48  TRP TRP A . n 
A 1 50  VAL 50  49  49  VAL VAL A . n 
A 1 51  GLU 51  50  50  GLU GLU A . n 
A 1 52  HIS 52  51  51  HIS HIS A . n 
A 1 53  LYS 53  52  52  LYS LYS A . n 
A 1 54  LEU 54  53  53  LEU LEU A . n 
A 1 55  ILE 55  54  54  ILE ILE A . n 
A 1 56  ASN 56  55  55  ASN ASN A . n 
A 1 57  ILE 57  56  56  ILE ILE A . n 
A 1 58  LEU 58  57  57  LEU LEU A . n 
A 1 59  ASP 59  58  58  ASP ASP A . n 
A 1 60  ALA 60  59  59  ALA ALA A . n 
A 1 61  VAL 61  60  60  VAL VAL A . n 
A 1 62  GLU 62  61  61  GLU GLU A . n 
A 1 63  LEU 63  62  62  LEU LEU A . n 
A 1 64  VAL 64  63  63  VAL VAL A . n 
A 1 65  ASP 65  64  64  ASP ASP A . n 
A 1 66  GLU 66  65  65  GLU GLU A . n 
A 1 67  GLN 67  66  66  GLN GLN A . n 
A 1 68  GLY 68  67  67  GLY GLY A . n 
A 1 69  VAL 69  68  68  VAL VAL A . n 
A 1 70  ASN 70  69  69  ASN ASN A . n 
A 1 71  LEU 71  70  70  LEU LEU A . n 
A 1 72  GLU 72  71  71  GLU GLU A . n 
A 1 73  LEU 73  72  72  LEU LEU A . n 
A 1 74  THR 74  73  73  THR THR A . n 
A 1 75  LEU 75  74  74  LEU LEU A . n 
A 1 76  VAL 76  75  75  VAL VAL A . n 
A 1 77  THR 77  76  76  THR THR A . n 
A 1 78  LEU 78  77  77  LEU LEU A . n 
A 1 79  ASP 79  78  78  ASP ASP A . n 
A 1 80  THR 80  79  79  THR THR A . n 
A 1 81  ASN 81  80  80  ASN ASN A . n 
A 1 82  GLU 82  81  81  GLU GLU A . n 
A 1 83  LYS 83  82  82  LYS LYS A . n 
A 1 84  PHE 84  83  83  PHE PHE A . n 
A 1 85  ARG 85  84  84  ARG ARG A . n 
A 1 86  ASP 86  85  85  ASP ASP A . n 
A 1 87  ILE 87  86  86  ILE ILE A . n 
A 1 88  THR 88  87  87  THR THR A . n 
A 1 89  LYS 89  88  88  LYS LYS A . n 
A 1 90  PHE 90  89  89  PHE PHE A . n 
A 1 91  ILE 91  90  90  ILE ILE A . n 
A 1 92  PRO 92  91  91  PRO PRO A . n 
A 1 93  GLU 93  92  92  GLU GLU A . n 
A 1 94  ASN 94  93  93  ASN ASN A . n 
A 1 95  ILE 95  94  94  ILE ILE A . n 
A 1 96  SER 96  95  95  SER SER A . n 
A 1 97  ALA 97  96  96  ALA ALA A . n 
A 1 98  ALA 98  97  97  ALA ALA A . n 
A 1 99  SER 99  98  98  SER SER A . n 
A 1 100 ASP 100 99  99  ASP ASP A . n 
A 1 101 ALA 101 100 100 ALA ALA A . n 
A 1 102 THR 102 101 101 THR THR A . n 
A 1 103 LEU 103 102 102 LEU LEU A . n 
A 1 104 VAL 104 103 103 VAL VAL A . n 
A 1 105 ILE 105 104 104 ILE ILE A . n 
A 1 106 ASN 106 105 105 ASN ASN A . n 
A 1 107 THR 107 106 106 THR THR A . n 
A 1 108 GLU 108 107 107 GLU GLU A . n 
A 1 109 HIS 109 108 108 HIS HIS A . n 
A 1 110 MET 110 109 109 MET MET A . n 
A 1 111 PRO 111 110 110 PRO PRO A . n 
A 1 112 SER 112 111 111 SER SER A . n 
A 1 113 MET 113 112 112 MET MET A . n 
A 1 114 PHE 114 113 113 PHE PHE A . n 
A 1 115 VAL 115 114 114 VAL VAL A . n 
A 1 116 PRO 116 115 115 PRO PRO A . n 
A 1 117 VAL 117 116 116 VAL VAL A . n 
A 1 118 GLY 118 117 117 GLY GLY A . n 
A 1 119 ASP 119 118 118 ASP ASP A . n 
A 1 120 VAL 120 119 119 VAL VAL A . n 
A 1 121 VAL 121 120 120 VAL VAL A . n 
A 1 122 GLN 122 121 121 GLN GLN A . n 
A 1 123 TYR 123 122 122 TYR TYR A . n 
A 1 124 GLY 124 123 123 GLY GLY A . n 
A 1 125 PHE 125 124 124 PHE PHE A . n 
A 1 126 LEU 126 125 125 LEU LEU A . n 
A 1 127 ASN 127 126 126 ASN ASN A . n 
A 1 128 LEU 128 127 127 LEU LEU A . n 
A 1 129 SER 129 128 128 SER SER A . n 
A 1 130 GLY 130 129 129 GLY GLY A . n 
A 1 131 LYS 131 130 130 LYS LYS A . n 
A 1 132 PRO 132 131 131 PRO PRO A . n 
A 1 133 THR 133 132 132 THR THR A . n 
A 1 134 HIS 134 133 133 HIS HIS A . n 
A 1 135 ARG 135 134 134 ARG ARG A . n 
A 1 136 THR 136 135 135 THR THR A . n 
A 1 137 MET 137 136 136 MET MET A . n 
A 1 138 MET 138 137 137 MET MET A . n 
A 1 139 TYR 139 138 138 TYR TYR A . n 
A 1 140 ASN 140 139 139 ASN ASN A . n 
A 1 141 PHE 141 140 140 PHE PHE A . n 
A 1 142 PRO 142 141 141 PRO PRO A . n 
A 1 143 THR 143 142 142 THR THR A . n 
A 1 144 LYS 144 143 143 LYS LYS A . n 
A 1 145 ALA 145 144 144 ALA ALA A . n 
A 1 146 GLY 146 145 145 GLY GLY A . n 
A 1 147 GLN 147 146 146 GLN GLN A . n 
A 1 148 CYS 148 147 147 CYS CYS A . n 
A 1 149 GLY 149 148 148 GLY GLY A . n 
A 1 150 GLY 150 149 149 GLY GLY A . n 
A 1 151 VAL 151 150 150 VAL VAL A . n 
A 1 152 VAL 152 151 151 VAL VAL A . n 
A 1 153 THR 153 152 152 THR THR A . n 
A 1 154 SER 154 153 153 SER SER A . n 
A 1 155 VAL 155 154 154 VAL VAL A . n 
A 1 156 GLY 156 155 155 GLY GLY A . n 
A 1 157 LYS 157 156 156 LYS LYS A . n 
A 1 158 VAL 158 157 157 VAL VAL A . n 
A 1 159 ILE 159 158 158 ILE ILE A . n 
A 1 160 GLY 160 159 159 GLY GLY A . n 
A 1 161 ILE 161 160 160 ILE ILE A . n 
A 1 162 HIS 162 161 161 HIS HIS A . n 
A 1 163 ILE 163 162 162 ILE ILE A . n 
A 1 164 GLY 164 163 163 GLY GLY A . n 
A 1 165 GLY 165 164 164 GLY GLY A . n 
A 1 166 ASN 166 165 165 ASN ASN A . n 
A 1 167 GLY 167 166 166 GLY GLY A . n 
A 1 168 ARG 168 167 167 ARG ARG A . n 
A 1 169 GLN 169 168 168 GLN GLN A . n 
A 1 170 GLY 170 169 169 GLY GLY A . n 
A 1 171 PHE 171 170 170 PHE PHE A . n 
A 1 172 CYS 172 171 171 CYS CYS A . n 
A 1 173 ALA 173 172 172 ALA ALA A . n 
A 1 174 GLY 174 173 173 GLY GLY A . n 
A 1 175 LEU 175 174 174 LEU LEU A . n 
A 1 176 LYS 176 175 175 LYS LYS A . n 
A 1 177 ARG 177 176 176 ARG ARG A . n 
A 1 178 SER 178 177 177 SER SER A . n 
A 1 179 TYR 179 178 178 TYR TYR A . n 
A 1 180 PHE 180 179 179 PHE PHE A . n 
A 1 181 ALA 181 180 180 ALA ALA A . n 
A 1 182 SER 182 181 181 SER SER A . n 
A 1 183 GLU 183 182 ?   ?   ?   A . n 
A 1 184 GLN 184 183 ?   ?   ?   A . n 
A 1 185 LEU 185 184 ?   ?   ?   A . n 
A 1 186 GLU 186 185 ?   ?   ?   A . n 
A 1 187 HIS 187 186 ?   ?   ?   A . n 
A 1 188 HIS 188 187 ?   ?   ?   A . n 
A 1 189 HIS 189 188 ?   ?   ?   A . n 
A 1 190 HIS 190 189 ?   ?   ?   A . n 
A 1 191 HIS 191 190 ?   ?   ?   A . n 
A 1 192 HIS 192 191 ?   ?   ?   A . n 
# 
loop_
_pdbx_nonpoly_scheme.asym_id 
_pdbx_nonpoly_scheme.entity_id 
_pdbx_nonpoly_scheme.mon_id 
_pdbx_nonpoly_scheme.ndb_seq_num 
_pdbx_nonpoly_scheme.pdb_seq_num 
_pdbx_nonpoly_scheme.auth_seq_num 
_pdbx_nonpoly_scheme.pdb_mon_id 
_pdbx_nonpoly_scheme.auth_mon_id 
_pdbx_nonpoly_scheme.pdb_strand_id 
_pdbx_nonpoly_scheme.pdb_ins_code 
B 2 HOH 1   201 73  HOH HOH A . 
B 2 HOH 2   202 38  HOH HOH A . 
B 2 HOH 3   203 31  HOH HOH A . 
B 2 HOH 4   204 71  HOH HOH A . 
B 2 HOH 5   205 7   HOH HOH A . 
B 2 HOH 6   206 343 HOH HOH A . 
B 2 HOH 7   207 61  HOH HOH A . 
B 2 HOH 8   208 346 HOH HOH A . 
B 2 HOH 9   209 33  HOH HOH A . 
B 2 HOH 10  210 316 HOH HOH A . 
B 2 HOH 11  211 368 HOH HOH A . 
B 2 HOH 12  212 25  HOH HOH A . 
B 2 HOH 13  213 307 HOH HOH A . 
B 2 HOH 14  214 313 HOH HOH A . 
B 2 HOH 15  215 54  HOH HOH A . 
B 2 HOH 16  216 306 HOH HOH A . 
B 2 HOH 17  217 53  HOH HOH A . 
B 2 HOH 18  218 372 HOH HOH A . 
B 2 HOH 19  219 10  HOH HOH A . 
B 2 HOH 20  220 58  HOH HOH A . 
B 2 HOH 21  221 325 HOH HOH A . 
B 2 HOH 22  222 323 HOH HOH A . 
B 2 HOH 23  223 12  HOH HOH A . 
B 2 HOH 24  224 330 HOH HOH A . 
B 2 HOH 25  225 76  HOH HOH A . 
B 2 HOH 26  226 19  HOH HOH A . 
B 2 HOH 27  227 358 HOH HOH A . 
B 2 HOH 28  228 21  HOH HOH A . 
B 2 HOH 29  229 43  HOH HOH A . 
B 2 HOH 30  230 30  HOH HOH A . 
B 2 HOH 31  231 418 HOH HOH A . 
B 2 HOH 32  232 333 HOH HOH A . 
B 2 HOH 33  233 305 HOH HOH A . 
B 2 HOH 34  234 401 HOH HOH A . 
B 2 HOH 35  235 371 HOH HOH A . 
B 2 HOH 36  236 5   HOH HOH A . 
B 2 HOH 37  237 318 HOH HOH A . 
B 2 HOH 38  238 308 HOH HOH A . 
B 2 HOH 39  239 23  HOH HOH A . 
B 2 HOH 40  240 321 HOH HOH A . 
B 2 HOH 41  241 309 HOH HOH A . 
B 2 HOH 42  242 46  HOH HOH A . 
B 2 HOH 43  243 335 HOH HOH A . 
B 2 HOH 44  244 347 HOH HOH A . 
B 2 HOH 45  245 75  HOH HOH A . 
B 2 HOH 46  246 342 HOH HOH A . 
B 2 HOH 47  247 337 HOH HOH A . 
B 2 HOH 48  248 65  HOH HOH A . 
B 2 HOH 49  249 70  HOH HOH A . 
B 2 HOH 50  250 355 HOH HOH A . 
B 2 HOH 51  251 6   HOH HOH A . 
B 2 HOH 52  252 331 HOH HOH A . 
B 2 HOH 53  253 317 HOH HOH A . 
B 2 HOH 54  254 42  HOH HOH A . 
B 2 HOH 55  255 366 HOH HOH A . 
B 2 HOH 56  256 413 HOH HOH A . 
B 2 HOH 57  257 327 HOH HOH A . 
B 2 HOH 58  258 16  HOH HOH A . 
B 2 HOH 59  259 338 HOH HOH A . 
B 2 HOH 60  260 3   HOH HOH A . 
B 2 HOH 61  261 369 HOH HOH A . 
B 2 HOH 62  262 35  HOH HOH A . 
B 2 HOH 63  263 55  HOH HOH A . 
B 2 HOH 64  264 320 HOH HOH A . 
B 2 HOH 65  265 310 HOH HOH A . 
B 2 HOH 66  266 348 HOH HOH A . 
B 2 HOH 67  267 382 HOH HOH A . 
B 2 HOH 68  268 79  HOH HOH A . 
B 2 HOH 69  269 14  HOH HOH A . 
B 2 HOH 70  270 364 HOH HOH A . 
B 2 HOH 71  271 398 HOH HOH A . 
B 2 HOH 72  272 22  HOH HOH A . 
B 2 HOH 73  273 365 HOH HOH A . 
B 2 HOH 74  274 336 HOH HOH A . 
B 2 HOH 75  275 62  HOH HOH A . 
B 2 HOH 76  276 350 HOH HOH A . 
B 2 HOH 77  277 351 HOH HOH A . 
B 2 HOH 78  278 29  HOH HOH A . 
B 2 HOH 79  279 20  HOH HOH A . 
B 2 HOH 80  280 324 HOH HOH A . 
B 2 HOH 81  281 34  HOH HOH A . 
B 2 HOH 82  282 312 HOH HOH A . 
B 2 HOH 83  283 354 HOH HOH A . 
B 2 HOH 84  284 17  HOH HOH A . 
B 2 HOH 85  285 13  HOH HOH A . 
B 2 HOH 86  286 1   HOH HOH A . 
B 2 HOH 87  287 2   HOH HOH A . 
B 2 HOH 88  288 370 HOH HOH A . 
B 2 HOH 89  289 57  HOH HOH A . 
B 2 HOH 90  290 8   HOH HOH A . 
B 2 HOH 91  291 344 HOH HOH A . 
B 2 HOH 92  292 64  HOH HOH A . 
B 2 HOH 93  293 67  HOH HOH A . 
B 2 HOH 94  294 356 HOH HOH A . 
B 2 HOH 95  295 345 HOH HOH A . 
B 2 HOH 96  296 359 HOH HOH A . 
B 2 HOH 97  297 362 HOH HOH A . 
B 2 HOH 98  298 39  HOH HOH A . 
B 2 HOH 99  299 26  HOH HOH A . 
B 2 HOH 100 300 357 HOH HOH A . 
B 2 HOH 101 301 28  HOH HOH A . 
B 2 HOH 102 302 400 HOH HOH A . 
B 2 HOH 103 303 37  HOH HOH A . 
B 2 HOH 104 304 367 HOH HOH A . 
B 2 HOH 105 305 302 HOH HOH A . 
B 2 HOH 106 306 9   HOH HOH A . 
B 2 HOH 107 307 18  HOH HOH A . 
B 2 HOH 108 308 27  HOH HOH A . 
B 2 HOH 109 309 408 HOH HOH A . 
B 2 HOH 110 310 392 HOH HOH A . 
B 2 HOH 111 311 339 HOH HOH A . 
B 2 HOH 112 312 72  HOH HOH A . 
B 2 HOH 113 313 15  HOH HOH A . 
B 2 HOH 114 314 329 HOH HOH A . 
B 2 HOH 115 315 376 HOH HOH A . 
B 2 HOH 116 316 56  HOH HOH A . 
B 2 HOH 117 317 11  HOH HOH A . 
B 2 HOH 118 318 60  HOH HOH A . 
B 2 HOH 119 319 381 HOH HOH A . 
B 2 HOH 120 320 66  HOH HOH A . 
B 2 HOH 121 321 378 HOH HOH A . 
B 2 HOH 122 322 384 HOH HOH A . 
B 2 HOH 123 323 4   HOH HOH A . 
B 2 HOH 124 324 314 HOH HOH A . 
B 2 HOH 125 325 328 HOH HOH A . 
B 2 HOH 126 326 63  HOH HOH A . 
B 2 HOH 127 327 386 HOH HOH A . 
B 2 HOH 128 328 49  HOH HOH A . 
B 2 HOH 129 329 311 HOH HOH A . 
B 2 HOH 130 330 45  HOH HOH A . 
B 2 HOH 131 331 394 HOH HOH A . 
B 2 HOH 132 332 47  HOH HOH A . 
B 2 HOH 133 333 363 HOH HOH A . 
B 2 HOH 134 334 326 HOH HOH A . 
B 2 HOH 135 335 301 HOH HOH A . 
B 2 HOH 136 336 24  HOH HOH A . 
B 2 HOH 137 337 69  HOH HOH A . 
B 2 HOH 138 338 77  HOH HOH A . 
B 2 HOH 139 339 32  HOH HOH A . 
B 2 HOH 140 340 396 HOH HOH A . 
B 2 HOH 141 341 415 HOH HOH A . 
B 2 HOH 142 342 74  HOH HOH A . 
B 2 HOH 143 343 404 HOH HOH A . 
B 2 HOH 144 344 414 HOH HOH A . 
B 2 HOH 145 345 78  HOH HOH A . 
B 2 HOH 146 346 68  HOH HOH A . 
# 
loop_
_software.citation_id 
_software.classification 
_software.compiler_name 
_software.compiler_version 
_software.contact_author 
_software.contact_author_email 
_software.date 
_software.description 
_software.dependencies 
_software.hardware 
_software.language 
_software.location 
_software.mods 
_software.name 
_software.os 
_software.os_version 
_software.type 
_software.version 
_software.pdbx_ordinal 
? refinement       ? ? ? ? ? ? ? ? ? ? ? REFMAC ? ? ? 5.8.0352 1 
? 'data reduction' ? ? ? ? ? ? ? ? ? ? ? xia2   ? ? ? .        2 
? 'data scaling'   ? ? ? ? ? ? ? ? ? ? ? xia2   ? ? ? .        3 
? phasing          ? ? ? ? ? ? ? ? ? ? ? PHASER ? ? ? .        4 
# 
_cell.angle_alpha                  90.000 
_cell.angle_alpha_esd              ? 
_cell.angle_beta                   90.000 
_cell.angle_beta_esd               ? 
_cell.angle_gamma                  90.000 
_cell.angle_gamma_esd              ? 
_cell.entry_id                     8CNY 
_cell.details                      ? 
_cell.formula_units_Z              ? 
_cell.length_a                     64.900 
_cell.length_a_esd                 ? 
_cell.length_b                     65.730 
_cell.length_b_esd                 ? 
_cell.length_c                     76.270 
_cell.length_c_esd                 ? 
_cell.volume                       ? 
_cell.volume_esd                   ? 
_cell.Z_PDB                        8 
_cell.reciprocal_angle_alpha       ? 
_cell.reciprocal_angle_beta        ? 
_cell.reciprocal_angle_gamma       ? 
_cell.reciprocal_angle_alpha_esd   ? 
_cell.reciprocal_angle_beta_esd    ? 
_cell.reciprocal_angle_gamma_esd   ? 
_cell.reciprocal_length_a          ? 
_cell.reciprocal_length_b          ? 
_cell.reciprocal_length_c          ? 
_cell.reciprocal_length_a_esd      ? 
_cell.reciprocal_length_b_esd      ? 
_cell.reciprocal_length_c_esd      ? 
_cell.pdbx_unique_axis             ? 
_cell.pdbx_esd_method              ? 
# 
_symmetry.entry_id                         8CNY 
_symmetry.cell_setting                     ? 
_symmetry.Int_Tables_number                20 
_symmetry.space_group_name_Hall            ? 
_symmetry.space_group_name_H-M             'C 2 2 21' 
_symmetry.pdbx_full_space_group_name_H-M   ? 
# 
_exptl.absorpt_coefficient_mu     ? 
_exptl.absorpt_correction_T_max   ? 
_exptl.absorpt_correction_T_min   ? 
_exptl.absorpt_correction_type    ? 
_exptl.absorpt_process_details    ? 
_exptl.entry_id                   8CNY 
_exptl.crystals_number            1 
_exptl.details                    ? 
_exptl.method                     'X-RAY DIFFRACTION' 
_exptl.method_details             ? 
# 
_exptl_crystal.colour                       ? 
_exptl_crystal.density_diffrn               ? 
_exptl_crystal.density_Matthews             1.90 
_exptl_crystal.density_method               ? 
_exptl_crystal.density_percent_sol          35.40 
_exptl_crystal.description                  ? 
_exptl_crystal.F_000                        ? 
_exptl_crystal.id                           1 
_exptl_crystal.preparation                  ? 
_exptl_crystal.size_max                     ? 
_exptl_crystal.size_mid                     ? 
_exptl_crystal.size_min                     ? 
_exptl_crystal.size_rad                     ? 
_exptl_crystal.colour_lustre                ? 
_exptl_crystal.colour_modifier              ? 
_exptl_crystal.colour_primary               ? 
_exptl_crystal.density_meas                 ? 
_exptl_crystal.density_meas_esd             ? 
_exptl_crystal.density_meas_gt              ? 
_exptl_crystal.density_meas_lt              ? 
_exptl_crystal.density_meas_temp            ? 
_exptl_crystal.density_meas_temp_esd        ? 
_exptl_crystal.density_meas_temp_gt         ? 
_exptl_crystal.density_meas_temp_lt         ? 
_exptl_crystal.pdbx_crystal_image_url       ? 
_exptl_crystal.pdbx_crystal_image_format    ? 
_exptl_crystal.pdbx_mosaicity               ? 
_exptl_crystal.pdbx_mosaicity_esd           ? 
_exptl_crystal.pdbx_mosaic_method           ? 
_exptl_crystal.pdbx_mosaic_block_size       ? 
_exptl_crystal.pdbx_mosaic_block_size_esd   ? 
# 
_exptl_crystal_grow.apparatus       ? 
_exptl_crystal_grow.atmosphere      ? 
_exptl_crystal_grow.crystal_id      1 
_exptl_crystal_grow.details         ? 
_exptl_crystal_grow.method          'VAPOR DIFFUSION, SITTING DROP' 
_exptl_crystal_grow.method_ref      ? 
_exptl_crystal_grow.pH              8.5 
_exptl_crystal_grow.pressure        ? 
_exptl_crystal_grow.pressure_esd    ? 
_exptl_crystal_grow.seeding         ? 
_exptl_crystal_grow.seeding_ref     ? 
_exptl_crystal_grow.temp_details    ? 
_exptl_crystal_grow.temp_esd        ? 
_exptl_crystal_grow.time            ? 
_exptl_crystal_grow.pdbx_details    
;0.2 M MgCl2.6H2O
0.1 M Tris.HCl
30% PEG 4,000
;
_exptl_crystal_grow.pdbx_pH_range   ? 
_exptl_crystal_grow.temp            298 
# 
_diffrn.ambient_environment              ? 
_diffrn.ambient_temp                     100 
_diffrn.ambient_temp_details             ? 
_diffrn.ambient_temp_esd                 ? 
_diffrn.crystal_id                       1 
_diffrn.crystal_support                  ? 
_diffrn.crystal_treatment                ? 
_diffrn.details                          ? 
_diffrn.id                               1 
_diffrn.ambient_pressure                 ? 
_diffrn.ambient_pressure_esd             ? 
_diffrn.ambient_pressure_gt              ? 
_diffrn.ambient_pressure_lt              ? 
_diffrn.ambient_temp_gt                  ? 
_diffrn.ambient_temp_lt                  ? 
_diffrn.pdbx_serial_crystal_experiment   N 
# 
_diffrn_detector.details                      ? 
_diffrn_detector.detector                     PIXEL 
_diffrn_detector.diffrn_id                    1 
_diffrn_detector.type                         'DECTRIS EIGER2 X 9M' 
_diffrn_detector.area_resol_mean              ? 
_diffrn_detector.dtime                        ? 
_diffrn_detector.pdbx_frames_total            ? 
_diffrn_detector.pdbx_collection_time_total   ? 
_diffrn_detector.pdbx_collection_date         2022-12-14 
_diffrn_detector.pdbx_frequency               ? 
_diffrn_detector.id                           ? 
_diffrn_detector.number_of_axes               ? 
# 
_diffrn_radiation.collimation                      ? 
_diffrn_radiation.diffrn_id                        1 
_diffrn_radiation.filter_edge                      ? 
_diffrn_radiation.inhomogeneity                    ? 
_diffrn_radiation.monochromator                    ? 
_diffrn_radiation.polarisn_norm                    ? 
_diffrn_radiation.polarisn_ratio                   ? 
_diffrn_radiation.probe                            ? 
_diffrn_radiation.type                             ? 
_diffrn_radiation.xray_symbol                      ? 
_diffrn_radiation.wavelength_id                    1 
_diffrn_radiation.pdbx_monochromatic_or_laue_m_l   M 
_diffrn_radiation.pdbx_wavelength_list             ? 
_diffrn_radiation.pdbx_wavelength                  ? 
_diffrn_radiation.pdbx_diffrn_protocol             'SINGLE WAVELENGTH' 
_diffrn_radiation.pdbx_analyzer                    ? 
_diffrn_radiation.pdbx_scattering_type             x-ray 
# 
_diffrn_radiation_wavelength.id           1 
_diffrn_radiation_wavelength.wavelength   0.92124 
_diffrn_radiation_wavelength.wt           1.0 
# 
_diffrn_source.current                     ? 
_diffrn_source.details                     ? 
_diffrn_source.diffrn_id                   1 
_diffrn_source.power                       ? 
_diffrn_source.size                        ? 
_diffrn_source.source                      SYNCHROTRON 
_diffrn_source.target                      ? 
_diffrn_source.type                        'DIAMOND BEAMLINE I04-1' 
_diffrn_source.voltage                     ? 
_diffrn_source.take-off_angle              ? 
_diffrn_source.pdbx_wavelength_list        0.92124 
_diffrn_source.pdbx_wavelength             ? 
_diffrn_source.pdbx_synchrotron_beamline   I04-1 
_diffrn_source.pdbx_synchrotron_site       Diamond 
# 
_reflns.B_iso_Wilson_estimate                          ? 
_reflns.entry_id                                       8CNY 
_reflns.data_reduction_details                         ? 
_reflns.data_reduction_method                          ? 
_reflns.d_resolution_high                              1.341 
_reflns.d_resolution_low                               46.166 
_reflns.details                                        ? 
_reflns.limit_h_max                                    ? 
_reflns.limit_h_min                                    ? 
_reflns.limit_k_max                                    ? 
_reflns.limit_k_min                                    ? 
_reflns.limit_l_max                                    ? 
_reflns.limit_l_min                                    ? 
_reflns.number_all                                     ? 
_reflns.number_obs                                     28216 
_reflns.observed_criterion                             ? 
_reflns.observed_criterion_F_max                       ? 
_reflns.observed_criterion_F_min                       ? 
_reflns.observed_criterion_I_max                       ? 
_reflns.observed_criterion_I_min                       ? 
_reflns.observed_criterion_sigma_F                     ? 
_reflns.observed_criterion_sigma_I                     ? 
_reflns.percent_possible_obs                           76.6 
_reflns.R_free_details                                 ? 
_reflns.Rmerge_F_all                                   ? 
_reflns.Rmerge_F_obs                                   ? 
_reflns.Friedel_coverage                               ? 
_reflns.number_gt                                      ? 
_reflns.threshold_expression                           ? 
_reflns.pdbx_redundancy                                7.8 
_reflns.pdbx_netI_over_av_sigmaI                       ? 
_reflns.pdbx_netI_over_sigmaI                          18.2 
_reflns.pdbx_res_netI_over_av_sigmaI_2                 ? 
_reflns.pdbx_res_netI_over_sigmaI_2                    ? 
_reflns.pdbx_chi_squared                               ? 
_reflns.pdbx_scaling_rejects                           ? 
_reflns.pdbx_d_res_high_opt                            ? 
_reflns.pdbx_d_res_low_opt                             ? 
_reflns.pdbx_d_res_opt_method                          ? 
_reflns.phase_calculation_details                      ? 
_reflns.pdbx_Rrim_I_all                                ? 
_reflns.pdbx_Rpim_I_all                                ? 
_reflns.pdbx_d_opt                                     ? 
_reflns.pdbx_number_measured_all                       ? 
_reflns.pdbx_diffrn_id                                 1 
_reflns.pdbx_ordinal                                   1 
_reflns.pdbx_CC_half                                   0.999 
_reflns.pdbx_CC_star                                   ? 
_reflns.pdbx_R_split                                   ? 
_reflns.pdbx_Rmerge_I_obs                              0.075 
_reflns.pdbx_Rmerge_I_all                              ? 
_reflns.pdbx_Rsym_value                                ? 
_reflns.pdbx_CC_split_method                           ? 
_reflns.pdbx_aniso_diffraction_limit_axis_1_ortho[1]   ? 
_reflns.pdbx_aniso_diffraction_limit_axis_1_ortho[2]   ? 
_reflns.pdbx_aniso_diffraction_limit_axis_1_ortho[3]   ? 
_reflns.pdbx_aniso_diffraction_limit_axis_2_ortho[1]   ? 
_reflns.pdbx_aniso_diffraction_limit_axis_2_ortho[2]   ? 
_reflns.pdbx_aniso_diffraction_limit_axis_2_ortho[3]   ? 
_reflns.pdbx_aniso_diffraction_limit_axis_3_ortho[1]   ? 
_reflns.pdbx_aniso_diffraction_limit_axis_3_ortho[2]   ? 
_reflns.pdbx_aniso_diffraction_limit_axis_3_ortho[3]   ? 
_reflns.pdbx_aniso_diffraction_limit_1                 ? 
_reflns.pdbx_aniso_diffraction_limit_2                 ? 
_reflns.pdbx_aniso_diffraction_limit_3                 ? 
_reflns.pdbx_aniso_B_tensor_eigenvector_1_ortho[1]     ? 
_reflns.pdbx_aniso_B_tensor_eigenvector_1_ortho[2]     ? 
_reflns.pdbx_aniso_B_tensor_eigenvector_1_ortho[3]     ? 
_reflns.pdbx_aniso_B_tensor_eigenvector_2_ortho[1]     ? 
_reflns.pdbx_aniso_B_tensor_eigenvector_2_ortho[2]     ? 
_reflns.pdbx_aniso_B_tensor_eigenvector_2_ortho[3]     ? 
_reflns.pdbx_aniso_B_tensor_eigenvector_3_ortho[1]     ? 
_reflns.pdbx_aniso_B_tensor_eigenvector_3_ortho[2]     ? 
_reflns.pdbx_aniso_B_tensor_eigenvector_3_ortho[3]     ? 
_reflns.pdbx_aniso_B_tensor_eigenvalue_1               ? 
_reflns.pdbx_aniso_B_tensor_eigenvalue_2               ? 
_reflns.pdbx_aniso_B_tensor_eigenvalue_3               ? 
_reflns.pdbx_orthogonalization_convention              ? 
_reflns.pdbx_percent_possible_ellipsoidal              ? 
_reflns.pdbx_percent_possible_spherical                ? 
_reflns.pdbx_percent_possible_ellipsoidal_anomalous    ? 
_reflns.pdbx_percent_possible_spherical_anomalous      ? 
_reflns.pdbx_redundancy_anomalous                      ? 
_reflns.pdbx_CC_half_anomalous                         ? 
_reflns.pdbx_absDiff_over_sigma_anomalous              ? 
_reflns.pdbx_percent_possible_anomalous                ? 
_reflns.pdbx_observed_signal_threshold                 ? 
_reflns.pdbx_signal_type                               ? 
_reflns.pdbx_signal_details                            ? 
_reflns.pdbx_signal_software_id                        ? 
# 
_reflns_shell.d_res_high                                    1.341 
_reflns_shell.d_res_low                                     1.452 
_reflns_shell.meanI_over_sigI_all                           ? 
_reflns_shell.meanI_over_sigI_obs                           1.9 
_reflns_shell.number_measured_all                           ? 
_reflns_shell.number_measured_obs                           ? 
_reflns_shell.number_possible                               ? 
_reflns_shell.number_unique_all                             ? 
_reflns_shell.number_unique_obs                             1411 
_reflns_shell.percent_possible_obs                          ? 
_reflns_shell.Rmerge_F_all                                  ? 
_reflns_shell.Rmerge_F_obs                                  ? 
_reflns_shell.meanI_over_sigI_gt                            ? 
_reflns_shell.meanI_over_uI_all                             ? 
_reflns_shell.meanI_over_uI_gt                              ? 
_reflns_shell.number_measured_gt                            ? 
_reflns_shell.number_unique_gt                              ? 
_reflns_shell.percent_possible_gt                           ? 
_reflns_shell.Rmerge_F_gt                                   ? 
_reflns_shell.Rmerge_I_gt                                   ? 
_reflns_shell.pdbx_redundancy                               ? 
_reflns_shell.pdbx_chi_squared                              ? 
_reflns_shell.pdbx_netI_over_sigmaI_all                     ? 
_reflns_shell.pdbx_netI_over_sigmaI_obs                     ? 
_reflns_shell.pdbx_Rrim_I_all                               ? 
_reflns_shell.pdbx_Rpim_I_all                               ? 
_reflns_shell.pdbx_rejects                                  ? 
_reflns_shell.pdbx_ordinal                                  1 
_reflns_shell.pdbx_diffrn_id                                1 
_reflns_shell.pdbx_CC_half                                  0.811 
_reflns_shell.pdbx_CC_star                                  ? 
_reflns_shell.pdbx_R_split                                  ? 
_reflns_shell.percent_possible_all                          ? 
_reflns_shell.Rmerge_I_all                                  ? 
_reflns_shell.Rmerge_I_obs                                  ? 
_reflns_shell.pdbx_Rsym_value                               ? 
_reflns_shell.pdbx_percent_possible_ellipsoidal             ? 
_reflns_shell.pdbx_percent_possible_spherical               ? 
_reflns_shell.pdbx_percent_possible_ellipsoidal_anomalous   ? 
_reflns_shell.pdbx_percent_possible_spherical_anomalous     ? 
_reflns_shell.pdbx_redundancy_anomalous                     ? 
_reflns_shell.pdbx_CC_half_anomalous                        ? 
_reflns_shell.pdbx_absDiff_over_sigma_anomalous             ? 
_reflns_shell.pdbx_percent_possible_anomalous               ? 
# 
_refine.aniso_B[1][1]                            -0.595 
_refine.aniso_B[1][2]                            -0.000 
_refine.aniso_B[1][3]                            0.000 
_refine.aniso_B[2][2]                            1.051 
_refine.aniso_B[2][3]                            0.000 
_refine.aniso_B[3][3]                            -0.456 
_refine.B_iso_max                                ? 
_refine.B_iso_mean                               16.468 
_refine.B_iso_min                                ? 
_refine.correlation_coeff_Fo_to_Fc               0.967 
_refine.correlation_coeff_Fo_to_Fc_free          0.955 
_refine.details                                  'Hydrogens have been added in their riding positions' 
_refine.diff_density_max                         ? 
_refine.diff_density_max_esd                     ? 
_refine.diff_density_min                         ? 
_refine.diff_density_min_esd                     ? 
_refine.diff_density_rms                         ? 
_refine.diff_density_rms_esd                     ? 
_refine.entry_id                                 8CNY 
_refine.pdbx_refine_id                           'X-RAY DIFFRACTION' 
_refine.ls_abs_structure_details                 ? 
_refine.ls_abs_structure_Flack                   ? 
_refine.ls_abs_structure_Flack_esd               ? 
_refine.ls_abs_structure_Rogers                  ? 
_refine.ls_abs_structure_Rogers_esd              ? 
_refine.ls_d_res_high                            1.510 
_refine.ls_d_res_low                             32.865 
_refine.ls_extinction_coef                       ? 
_refine.ls_extinction_coef_esd                   ? 
_refine.ls_extinction_expression                 ? 
_refine.ls_extinction_method                     ? 
_refine.ls_goodness_of_fit_all                   ? 
_refine.ls_goodness_of_fit_all_esd               ? 
_refine.ls_goodness_of_fit_obs                   ? 
_refine.ls_goodness_of_fit_obs_esd               ? 
_refine.ls_hydrogen_treatment                    ? 
_refine.ls_matrix_type                           ? 
_refine.ls_number_constraints                    ? 
_refine.ls_number_parameters                     ? 
_refine.ls_number_reflns_all                     ? 
_refine.ls_number_reflns_obs                     24902 
_refine.ls_number_reflns_R_free                  1237 
_refine.ls_number_reflns_R_work                  23665 
_refine.ls_number_restraints                     ? 
_refine.ls_percent_reflns_obs                    95.884 
_refine.ls_percent_reflns_R_free                 4.967 
_refine.ls_R_factor_all                          0.181 
_refine.ls_R_factor_obs                          ? 
_refine.ls_R_factor_R_free                       0.2101 
_refine.ls_R_factor_R_free_error                 ? 
_refine.ls_R_factor_R_free_error_details         ? 
_refine.ls_R_factor_R_work                       0.1793 
_refine.ls_R_Fsqd_factor_obs                     ? 
_refine.ls_R_I_factor_obs                        ? 
_refine.ls_redundancy_reflns_all                 ? 
_refine.ls_redundancy_reflns_obs                 ? 
_refine.ls_restrained_S_all                      ? 
_refine.ls_restrained_S_obs                      ? 
_refine.ls_shift_over_esd_max                    ? 
_refine.ls_shift_over_esd_mean                   ? 
_refine.ls_structure_factor_coef                 ? 
_refine.ls_weighting_details                     ? 
_refine.ls_weighting_scheme                      ? 
_refine.ls_wR_factor_all                         ? 
_refine.ls_wR_factor_obs                         ? 
_refine.ls_wR_factor_R_free                      ? 
_refine.ls_wR_factor_R_work                      ? 
_refine.occupancy_max                            ? 
_refine.occupancy_min                            ? 
_refine.solvent_model_details                    'MASK BULK SOLVENT' 
_refine.solvent_model_param_bsol                 ? 
_refine.solvent_model_param_ksol                 ? 
_refine.pdbx_R_complete                          ? 
_refine.ls_R_factor_gt                           ? 
_refine.ls_goodness_of_fit_gt                    ? 
_refine.ls_goodness_of_fit_ref                   ? 
_refine.ls_shift_over_su_max                     ? 
_refine.ls_shift_over_su_max_lt                  ? 
_refine.ls_shift_over_su_mean                    ? 
_refine.ls_shift_over_su_mean_lt                 ? 
_refine.pdbx_ls_sigma_I                          ? 
_refine.pdbx_ls_sigma_F                          ? 
_refine.pdbx_ls_sigma_Fsqd                       ? 
_refine.pdbx_data_cutoff_high_absF               ? 
_refine.pdbx_data_cutoff_high_rms_absF           ? 
_refine.pdbx_data_cutoff_low_absF                ? 
_refine.pdbx_isotropic_thermal_model             ? 
_refine.pdbx_ls_cross_valid_method               'FREE R-VALUE' 
_refine.pdbx_method_to_determine_struct          'MOLECULAR REPLACEMENT' 
_refine.pdbx_starting_model                      ? 
_refine.pdbx_stereochemistry_target_values       ? 
_refine.pdbx_R_Free_selection_details            ? 
_refine.pdbx_stereochem_target_val_spec_case     ? 
_refine.pdbx_overall_ESU_R                       0.084 
_refine.pdbx_overall_ESU_R_Free                  0.084 
_refine.pdbx_solvent_vdw_probe_radii             1.200 
_refine.pdbx_solvent_ion_probe_radii             0.800 
_refine.pdbx_solvent_shrinkage_radii             0.800 
_refine.pdbx_real_space_R                        ? 
_refine.pdbx_density_correlation                 ? 
_refine.pdbx_pd_number_of_powder_patterns        ? 
_refine.pdbx_pd_number_of_points                 ? 
_refine.pdbx_pd_meas_number_of_points            ? 
_refine.pdbx_pd_proc_ls_prof_R_factor            ? 
_refine.pdbx_pd_proc_ls_prof_wR_factor           ? 
_refine.pdbx_pd_Marquardt_correlation_coeff      ? 
_refine.pdbx_pd_Fsqrd_R_factor                   ? 
_refine.pdbx_pd_ls_matrix_band_width             ? 
_refine.pdbx_overall_phase_error                 ? 
_refine.pdbx_overall_SU_R_free_Cruickshank_DPI   ? 
_refine.pdbx_overall_SU_R_free_Blow_DPI          ? 
_refine.pdbx_overall_SU_R_Blow_DPI               ? 
_refine.pdbx_TLS_residual_ADP_flag               ? 
_refine.pdbx_diffrn_id                           1 
_refine.overall_SU_B                             2.037 
_refine.overall_SU_ML                            0.068 
_refine.overall_SU_R_Cruickshank_DPI             ? 
_refine.overall_SU_R_free                        ? 
_refine.overall_FOM_free_R_set                   ? 
_refine.overall_FOM_work_R_set                   ? 
_refine.pdbx_average_fsc_overall                 ? 
_refine.pdbx_average_fsc_work                    ? 
_refine.pdbx_average_fsc_free                    ? 
# 
_refine_hist.pdbx_refine_id                   'X-RAY DIFFRACTION' 
_refine_hist.cycle_id                         LAST 
_refine_hist.pdbx_number_atoms_protein        1405 
_refine_hist.pdbx_number_atoms_nucleic_acid   0 
_refine_hist.pdbx_number_atoms_ligand         0 
_refine_hist.number_atoms_solvent             146 
_refine_hist.number_atoms_total               1551 
_refine_hist.d_res_high                       1.510 
_refine_hist.d_res_low                        32.865 
# 
loop_
_refine_ls_restr.pdbx_refine_id 
_refine_ls_restr.criterion 
_refine_ls_restr.dev_ideal 
_refine_ls_restr.dev_ideal_target 
_refine_ls_restr.number 
_refine_ls_restr.rejects 
_refine_ls_restr.type 
_refine_ls_restr.weight 
_refine_ls_restr.pdbx_restraint_function 
'X-RAY DIFFRACTION' ? 0.010  0.012  1448 ? r_bond_refined_d               ? ? 
'X-RAY DIFFRACTION' ? 0.018  0.016  1344 ? r_bond_other_d                 ? ? 
'X-RAY DIFFRACTION' ? 1.528  1.645  1963 ? r_angle_refined_deg            ? ? 
'X-RAY DIFFRACTION' ? 0.614  1.562  3131 ? r_angle_other_deg              ? ? 
'X-RAY DIFFRACTION' ? 6.984  5.000  185  ? r_dihedral_angle_1_deg         ? ? 
'X-RAY DIFFRACTION' ? 8.117  5.000  10   ? r_dihedral_angle_2_deg         ? ? 
'X-RAY DIFFRACTION' ? 14.453 10.000 249  ? r_dihedral_angle_3_deg         ? ? 
'X-RAY DIFFRACTION' ? 15.860 10.000 63   ? r_dihedral_angle_6_deg         ? ? 
'X-RAY DIFFRACTION' ? 0.078  0.200  225  ? r_chiral_restr                 ? ? 
'X-RAY DIFFRACTION' ? 0.008  0.020  1662 ? r_gen_planes_refined           ? ? 
'X-RAY DIFFRACTION' ? 0.001  0.020  282  ? r_gen_planes_other             ? ? 
'X-RAY DIFFRACTION' ? 0.237  0.200  195  ? r_nbd_refined                  ? ? 
'X-RAY DIFFRACTION' ? 0.192  0.200  1158 ? r_symmetry_nbd_other           ? ? 
'X-RAY DIFFRACTION' ? 0.166  0.200  673  ? r_nbtor_refined                ? ? 
'X-RAY DIFFRACTION' ? 0.082  0.200  751  ? r_symmetry_nbtor_other         ? ? 
'X-RAY DIFFRACTION' ? 0.218  0.200  72   ? r_xyhbond_nbd_refined          ? ? 
'X-RAY DIFFRACTION' ? 0.149  0.200  11   ? r_symmetry_nbd_refined         ? ? 
'X-RAY DIFFRACTION' ? 0.198  0.200  45   ? r_nbd_other                    ? ? 
'X-RAY DIFFRACTION' ? 0.158  0.200  16   ? r_symmetry_xyhbond_nbd_refined ? ? 
'X-RAY DIFFRACTION' ? 1.682  1.594  737  ? r_mcbond_it                    ? ? 
'X-RAY DIFFRACTION' ? 1.681  1.594  737  ? r_mcbond_other                 ? ? 
'X-RAY DIFFRACTION' ? 2.666  2.386  923  ? r_mcangle_it                   ? ? 
'X-RAY DIFFRACTION' ? 2.669  2.391  924  ? r_mcangle_other                ? ? 
'X-RAY DIFFRACTION' ? 2.855  1.949  711  ? r_scbond_it                    ? ? 
'X-RAY DIFFRACTION' ? 2.853  1.954  712  ? r_scbond_other                 ? ? 
'X-RAY DIFFRACTION' ? 4.366  2.768  1040 ? r_scangle_it                   ? ? 
'X-RAY DIFFRACTION' ? 4.364  2.773  1041 ? r_scangle_other                ? ? 
'X-RAY DIFFRACTION' ? 5.915  25.459 1479 ? r_lrange_it                    ? ? 
'X-RAY DIFFRACTION' ? 5.845  22.717 1447 ? r_lrange_other                 ? ? 
# 
loop_
_refine_ls_shell.pdbx_refine_id 
_refine_ls_shell.d_res_high 
_refine_ls_shell.d_res_low 
_refine_ls_shell.number_reflns_all 
_refine_ls_shell.number_reflns_obs 
_refine_ls_shell.number_reflns_R_free 
_refine_ls_shell.number_reflns_R_work 
_refine_ls_shell.percent_reflns_obs 
_refine_ls_shell.percent_reflns_R_free 
_refine_ls_shell.R_factor_all 
_refine_ls_shell.R_factor_obs 
_refine_ls_shell.R_factor_R_free_error 
_refine_ls_shell.R_factor_R_work 
_refine_ls_shell.redundancy_reflns_all 
_refine_ls_shell.redundancy_reflns_obs 
_refine_ls_shell.wR_factor_all 
_refine_ls_shell.wR_factor_obs 
_refine_ls_shell.wR_factor_R_free 
_refine_ls_shell.wR_factor_R_work 
_refine_ls_shell.pdbx_R_complete 
_refine_ls_shell.pdbx_total_number_of_bins_used 
_refine_ls_shell.pdbx_phase_error 
_refine_ls_shell.pdbx_fsc_work 
_refine_ls_shell.pdbx_fsc_free 
_refine_ls_shell.R_factor_R_free 
'X-RAY DIFFRACTION' 1.510 1.549  1908 . 65 1305 71.8029  . 0.381 . . 0.378 . . . . . 0.381 . 20 . 0.899 0.868 0.431 
'X-RAY DIFFRACTION' 1.549 1.591  1848 . 75 1441 82.0346  . 0.319 . . 0.321 . . . . . 0.317 . 20 . 0.924 0.941 0.281 
'X-RAY DIFFRACTION' 1.591 1.638  1760 . 76 1525 90.9659  . 0.295 . . 0.294 . . . . . 0.279 . 20 . 0.937 0.933 0.332 
'X-RAY DIFFRACTION' 1.638 1.688  1760 . 77 1656 98.4659  . 0.262 . . 0.259 . . . . . 0.238 . 20 . 0.953 0.942 0.312 
'X-RAY DIFFRACTION' 1.688 1.743  1687 . 98 1586 99.8222  . 0.244 . . 0.243 . . . . . 0.217 . 20 . 0.959 0.959 0.263 
'X-RAY DIFFRACTION' 1.743 1.804  1640 . 87 1553 100.0000 . 0.215 . . 0.210 . . . . . 0.184 . 20 . 0.971 0.946 0.299 
'X-RAY DIFFRACTION' 1.804 1.872  1579 . 69 1510 100.0000 . 0.190 . . 0.188 . . . . . 0.162 . 20 . 0.977 0.966 0.234 
'X-RAY DIFFRACTION' 1.872 1.948  1521 . 85 1436 100.0000 . 0.185 . . 0.184 . . . . . 0.159 . 20 . 0.978 0.978 0.197 
'X-RAY DIFFRACTION' 1.948 2.034  1472 . 75 1397 100.0000 . 0.184 . . 0.180 . . . . . 0.159 . 20 . 0.980 0.965 0.247 
'X-RAY DIFFRACTION' 2.034 2.133  1404 . 74 1329 99.9288  . 0.165 . . 0.164 . . . . . 0.145 . 20 . 0.984 0.980 0.185 
'X-RAY DIFFRACTION' 2.133 2.248  1345 . 57 1288 100.0000 . 0.166 . . 0.164 . . . . . 0.146 . 20 . 0.984 0.975 0.201 
'X-RAY DIFFRACTION' 2.248 2.384  1263 . 72 1191 100.0000 . 0.155 . . 0.155 . . . . . 0.139 . 20 . 0.986 0.986 0.161 
'X-RAY DIFFRACTION' 2.384 2.547  1213 . 59 1152 99.8351  . 0.153 . . 0.154 . . . . . 0.142 . 20 . 0.986 0.990 0.134 
'X-RAY DIFFRACTION' 2.547 2.750  1107 . 74 1032 99.9097  . 0.165 . . 0.163 . . . . . 0.153 . 20 . 0.984 0.979 0.187 
'X-RAY DIFFRACTION' 2.750 3.010  1033 . 40 993  100.0000 . 0.164 . . 0.161 . . . . . 0.157 . 20 . 0.984 0.968 0.255 
'X-RAY DIFFRACTION' 3.010 3.362  939  . 46 890  99.6805  . 0.161 . . 0.158 . . . . . 0.161 . 20 . 0.985 0.974 0.206 
'X-RAY DIFFRACTION' 3.362 3.876  852  . 43 809  100.0000 . 0.146 . . 0.145 . . . . . 0.155 . 20 . 0.988 0.985 0.160 
'X-RAY DIFFRACTION' 3.876 4.730  715  . 24 691  100.0000 . 0.137 . . 0.137 . . . . . 0.157 . 20 . 0.989 0.987 0.163 
'X-RAY DIFFRACTION' 4.730 6.621  576  . 28 548  100.0000 . 0.175 . . 0.174 . . . . . 0.200 . 20 . 0.985 0.983 0.189 
'X-RAY DIFFRACTION' 6.621 32.865 345  . 13 332  100.0000 . 0.208 . . 0.207 . . . . . 0.255 . 20 . 0.965 0.964 0.240 
# 
_struct.entry_id                     8CNY 
_struct.title                        'Structure of Enterovirus A71 3C protease' 
_struct.pdbx_model_details           ? 
_struct.pdbx_formula_weight          ? 
_struct.pdbx_formula_weight_method   ? 
_struct.pdbx_model_type_details      ? 
_struct.pdbx_CASP_flag               N 
# 
_struct_keywords.entry_id        8CNY 
_struct_keywords.text            'Enterovirus 3C protease ASAP AViDD Cysteine, ANTIVIRAL PROTEIN' 
_struct_keywords.pdbx_keywords   'ANTIVIRAL PROTEIN' 
# 
loop_
_struct_asym.id 
_struct_asym.pdbx_blank_PDB_chainid_flag 
_struct_asym.pdbx_modified 
_struct_asym.entity_id 
_struct_asym.details 
A N N 1 ? 
B N N 2 ? 
# 
_struct_ref.id                         1 
_struct_ref.db_name                    UNP 
_struct_ref.db_code                    POLG_HE71 
_struct_ref.pdbx_db_accession          B9VUU3 
_struct_ref.pdbx_db_isoform            ? 
_struct_ref.entity_id                  1 
_struct_ref.pdbx_seq_one_letter_code   
;GPSLDFALSLLRRNVRQVQTDQGHFTMLGVRDRLAVLPRHSQPGKTIWIEHKLVNVLDAVELVDEQGVNLELTLITLDTN
EKFRDITKFIPENISTASDATLVINTEHMPSMFVPVGDVVQYGFLNLSGKPTHRTMMYNFPTKAGQCGGVVTSVGKVIGI
HIGGNGRQGFCAGLKRSYFASEQ
;
_struct_ref.pdbx_align_begin           1549 
# 
_struct_ref_seq.align_id                      1 
_struct_ref_seq.ref_id                        1 
_struct_ref_seq.pdbx_PDB_id_code              8CNY 
_struct_ref_seq.pdbx_strand_id                A 
_struct_ref_seq.seq_align_beg                 2 
_struct_ref_seq.pdbx_seq_align_beg_ins_code   ? 
_struct_ref_seq.seq_align_end                 184 
_struct_ref_seq.pdbx_seq_align_end_ins_code   ? 
_struct_ref_seq.pdbx_db_accession             B9VUU3 
_struct_ref_seq.db_align_beg                  1549 
_struct_ref_seq.pdbx_db_align_beg_ins_code    ? 
_struct_ref_seq.db_align_end                  1731 
_struct_ref_seq.pdbx_db_align_end_ins_code    ? 
_struct_ref_seq.pdbx_auth_seq_align_beg       1 
_struct_ref_seq.pdbx_auth_seq_align_end       183 
# 
loop_
_struct_ref_seq_dif.align_id 
_struct_ref_seq_dif.pdbx_pdb_id_code 
_struct_ref_seq_dif.mon_id 
_struct_ref_seq_dif.pdbx_pdb_strand_id 
_struct_ref_seq_dif.seq_num 
_struct_ref_seq_dif.pdbx_pdb_ins_code 
_struct_ref_seq_dif.pdbx_seq_db_name 
_struct_ref_seq_dif.pdbx_seq_db_accession_code 
_struct_ref_seq_dif.db_mon_id 
_struct_ref_seq_dif.pdbx_seq_db_seq_num 
_struct_ref_seq_dif.details 
_struct_ref_seq_dif.pdbx_auth_seq_num 
_struct_ref_seq_dif.pdbx_ordinal 
1 8CNY MET A 1   ? UNP B9VUU3 ?   ?    'initiating methionine' 0   1  
1 8CNY ILE A 16  ? UNP B9VUU3 VAL 1563 variant                 15  2  
1 8CNY VAL A 50  ? UNP B9VUU3 ILE 1597 variant                 49  3  
1 8CNY ILE A 55  ? UNP B9VUU3 VAL 1602 variant                 54  4  
1 8CNY ILE A 57  ? UNP B9VUU3 VAL 1604 variant                 56  5  
1 8CNY VAL A 76  ? UNP B9VUU3 ILE 1623 variant                 75  6  
1 8CNY ALA A 97  ? UNP B9VUU3 THR 1644 conflict                96  7  
1 8CNY LEU A 185 ? UNP B9VUU3 ?   ?    'expression tag'        184 8  
1 8CNY GLU A 186 ? UNP B9VUU3 ?   ?    'expression tag'        185 9  
1 8CNY HIS A 187 ? UNP B9VUU3 ?   ?    'expression tag'        186 10 
1 8CNY HIS A 188 ? UNP B9VUU3 ?   ?    'expression tag'        187 11 
1 8CNY HIS A 189 ? UNP B9VUU3 ?   ?    'expression tag'        188 12 
1 8CNY HIS A 190 ? UNP B9VUU3 ?   ?    'expression tag'        189 13 
1 8CNY HIS A 191 ? UNP B9VUU3 ?   ?    'expression tag'        190 14 
1 8CNY HIS A 192 ? UNP B9VUU3 ?   ?    'expression tag'        191 15 
# 
_pdbx_struct_assembly.id                   1 
_pdbx_struct_assembly.details              author_defined_assembly 
_pdbx_struct_assembly.method_details       ? 
_pdbx_struct_assembly.oligomeric_details   monomeric 
_pdbx_struct_assembly.oligomeric_count     1 
# 
loop_
_pdbx_struct_assembly_prop.biol_id 
_pdbx_struct_assembly_prop.type 
_pdbx_struct_assembly_prop.value 
_pdbx_struct_assembly_prop.details 
1 'ABSA (A^2)' 0    ? 
1 MORE         0    ? 
1 'SSA (A^2)'  8660 ? 
# 
_pdbx_struct_assembly_gen.assembly_id       1 
_pdbx_struct_assembly_gen.oper_expression   1 
_pdbx_struct_assembly_gen.asym_id_list      A,B 
# 
_pdbx_struct_assembly_auth_evidence.id                     1 
_pdbx_struct_assembly_auth_evidence.assembly_id            1 
_pdbx_struct_assembly_auth_evidence.experimental_support   'gel filtration' 
_pdbx_struct_assembly_auth_evidence.details                ? 
# 
_pdbx_struct_oper_list.id                   1 
_pdbx_struct_oper_list.type                 'identity operation' 
_pdbx_struct_oper_list.name                 1_555 
_pdbx_struct_oper_list.symmetry_operation   x,y,z 
_pdbx_struct_oper_list.matrix[1][1]         1.0000000000 
_pdbx_struct_oper_list.matrix[1][2]         0.0000000000 
_pdbx_struct_oper_list.matrix[1][3]         0.0000000000 
_pdbx_struct_oper_list.vector[1]            0.0000000000 
_pdbx_struct_oper_list.matrix[2][1]         0.0000000000 
_pdbx_struct_oper_list.matrix[2][2]         1.0000000000 
_pdbx_struct_oper_list.matrix[2][3]         0.0000000000 
_pdbx_struct_oper_list.vector[2]            0.0000000000 
_pdbx_struct_oper_list.matrix[3][1]         0.0000000000 
_pdbx_struct_oper_list.matrix[3][2]         0.0000000000 
_pdbx_struct_oper_list.matrix[3][3]         1.0000000000 
_pdbx_struct_oper_list.vector[3]            0.0000000000 
# 
loop_
_struct_conf.conf_type_id 
_struct_conf.id 
_struct_conf.pdbx_PDB_helix_id 
_struct_conf.beg_label_comp_id 
_struct_conf.beg_label_asym_id 
_struct_conf.beg_label_seq_id 
_struct_conf.pdbx_beg_PDB_ins_code 
_struct_conf.end_label_comp_id 
_struct_conf.end_label_asym_id 
_struct_conf.end_label_seq_id 
_struct_conf.pdbx_end_PDB_ins_code 
_struct_conf.beg_auth_comp_id 
_struct_conf.beg_auth_asym_id 
_struct_conf.beg_auth_seq_id 
_struct_conf.end_auth_comp_id 
_struct_conf.end_auth_asym_id 
_struct_conf.end_auth_seq_id 
_struct_conf.pdbx_PDB_helix_class 
_struct_conf.details 
_struct_conf.pdbx_PDB_helix_length 
HELX_P HELX_P1 AA1 GLY A 2   ? ASN A 15  ? GLY A 1   ASN A 14  1 ? 14 
HELX_P HELX_P2 AA2 HIS A 41  ? GLN A 43  ? HIS A 40  GLN A 42  5 ? 3  
HELX_P HELX_P3 AA3 ILE A 87  ? ILE A 91  ? ILE A 86  ILE A 90  5 ? 5  
HELX_P HELX_P4 AA4 LYS A 176 ? ALA A 181 ? LYS A 175 ALA A 180 5 ? 6  
# 
_struct_conf_type.id          HELX_P 
_struct_conf_type.criteria    ? 
_struct_conf_type.reference   ? 
# 
loop_
_struct_sheet.id 
_struct_sheet.type 
_struct_sheet.number_strands 
_struct_sheet.details 
AA1 ? 7 ? 
AA2 ? 7 ? 
# 
loop_
_struct_sheet_order.sheet_id 
_struct_sheet_order.range_id_1 
_struct_sheet_order.range_id_2 
_struct_sheet_order.offset 
_struct_sheet_order.sense 
AA1 1 2 ? anti-parallel 
AA1 2 3 ? anti-parallel 
AA1 3 4 ? anti-parallel 
AA1 4 5 ? anti-parallel 
AA1 5 6 ? anti-parallel 
AA1 6 7 ? anti-parallel 
AA2 1 2 ? anti-parallel 
AA2 2 3 ? anti-parallel 
AA2 3 4 ? anti-parallel 
AA2 4 5 ? anti-parallel 
AA2 5 6 ? anti-parallel 
AA2 6 7 ? anti-parallel 
# 
loop_
_struct_sheet_range.sheet_id 
_struct_sheet_range.id 
_struct_sheet_range.beg_label_comp_id 
_struct_sheet_range.beg_label_asym_id 
_struct_sheet_range.beg_label_seq_id 
_struct_sheet_range.pdbx_beg_PDB_ins_code 
_struct_sheet_range.end_label_comp_id 
_struct_sheet_range.end_label_asym_id 
_struct_sheet_range.end_label_seq_id 
_struct_sheet_range.pdbx_end_PDB_ins_code 
_struct_sheet_range.beg_auth_comp_id 
_struct_sheet_range.beg_auth_asym_id 
_struct_sheet_range.beg_auth_seq_id 
_struct_sheet_range.end_auth_comp_id 
_struct_sheet_range.end_auth_asym_id 
_struct_sheet_range.end_auth_seq_id 
AA1 1 ILE A 16  ? THR A 21  ? ILE A 15  THR A 20  
AA1 2 GLY A 24  ? ARG A 32  ? GLY A 23  ARG A 31  
AA1 3 LEU A 35  ? PRO A 39  ? LEU A 34  PRO A 38  
AA1 4 ASN A 70  ? LEU A 78  ? ASN A 69  LEU A 77  
AA1 5 LYS A 53  ? VAL A 64  ? LYS A 52  VAL A 63  
AA1 6 THR A 47  ? VAL A 50  ? THR A 46  VAL A 49  
AA1 7 ILE A 16  ? THR A 21  ? ILE A 15  THR A 20  
AA2 1 ALA A 98  ? ILE A 105 ? ALA A 97  ILE A 104 
AA2 2 MET A 113 ? LEU A 128 ? MET A 112 LEU A 127 
AA2 3 LYS A 131 ? TYR A 139 ? LYS A 130 TYR A 138 
AA2 4 GLY A 170 ? GLY A 174 ? GLY A 169 GLY A 173 
AA2 5 LYS A 157 ? GLY A 165 ? LYS A 156 GLY A 164 
AA2 6 VAL A 151 ? SER A 154 ? VAL A 150 SER A 153 
AA2 7 ALA A 98  ? ILE A 105 ? ALA A 97  ILE A 104 
# 
loop_
_pdbx_struct_sheet_hbond.sheet_id 
_pdbx_struct_sheet_hbond.range_id_1 
_pdbx_struct_sheet_hbond.range_id_2 
_pdbx_struct_sheet_hbond.range_1_label_atom_id 
_pdbx_struct_sheet_hbond.range_1_label_comp_id 
_pdbx_struct_sheet_hbond.range_1_label_asym_id 
_pdbx_struct_sheet_hbond.range_1_label_seq_id 
_pdbx_struct_sheet_hbond.range_1_PDB_ins_code 
_pdbx_struct_sheet_hbond.range_1_auth_atom_id 
_pdbx_struct_sheet_hbond.range_1_auth_comp_id 
_pdbx_struct_sheet_hbond.range_1_auth_asym_id 
_pdbx_struct_sheet_hbond.range_1_auth_seq_id 
_pdbx_struct_sheet_hbond.range_2_label_atom_id 
_pdbx_struct_sheet_hbond.range_2_label_comp_id 
_pdbx_struct_sheet_hbond.range_2_label_asym_id 
_pdbx_struct_sheet_hbond.range_2_label_seq_id 
_pdbx_struct_sheet_hbond.range_2_PDB_ins_code 
_pdbx_struct_sheet_hbond.range_2_auth_atom_id 
_pdbx_struct_sheet_hbond.range_2_auth_comp_id 
_pdbx_struct_sheet_hbond.range_2_auth_asym_id 
_pdbx_struct_sheet_hbond.range_2_auth_seq_id 
AA1 1 2 N ARG A 17  ? N ARG A 16  O MET A 28  ? O MET A 27  
AA1 2 3 N ARG A 32  ? N ARG A 31  O LEU A 35  ? O LEU A 34  
AA1 3 4 N LEU A 38  ? N LEU A 37  O THR A 74  ? O THR A 73  
AA1 4 5 O LEU A 75  ? O LEU A 74  N VAL A 61  ? N VAL A 60  
AA1 5 6 O LYS A 53  ? O LYS A 52  N VAL A 50  ? N VAL A 49  
AA1 6 7 O TRP A 49  ? O TRP A 48  N GLN A 20  ? N GLN A 19  
AA2 1 2 N LEU A 103 ? N LEU A 102 O VAL A 115 ? O VAL A 114 
AA2 2 3 N LEU A 128 ? N LEU A 127 O LYS A 131 ? O LYS A 130 
AA2 3 4 N TYR A 139 ? N TYR A 138 O GLY A 170 ? O GLY A 169 
AA2 4 5 O PHE A 171 ? O PHE A 170 N ILE A 163 ? N ILE A 162 
AA2 5 6 O GLY A 160 ? O GLY A 159 N VAL A 152 ? N VAL A 151 
AA2 6 7 O THR A 153 ? O THR A 152 N THR A 102 ? N THR A 101 
# 
_pdbx_validate_close_contact.id               1 
_pdbx_validate_close_contact.PDB_model_num    1 
_pdbx_validate_close_contact.auth_atom_id_1   O 
_pdbx_validate_close_contact.auth_asym_id_1   A 
_pdbx_validate_close_contact.auth_comp_id_1   HOH 
_pdbx_validate_close_contact.auth_seq_id_1    302 
_pdbx_validate_close_contact.PDB_ins_code_1   ? 
_pdbx_validate_close_contact.label_alt_id_1   ? 
_pdbx_validate_close_contact.auth_atom_id_2   O 
_pdbx_validate_close_contact.auth_asym_id_2   A 
_pdbx_validate_close_contact.auth_comp_id_2   HOH 
_pdbx_validate_close_contact.auth_seq_id_2    330 
_pdbx_validate_close_contact.PDB_ins_code_2   ? 
_pdbx_validate_close_contact.label_alt_id_2   ? 
_pdbx_validate_close_contact.dist             2.19 
# 
_pdbx_validate_symm_contact.id                1 
_pdbx_validate_symm_contact.PDB_model_num     1 
_pdbx_validate_symm_contact.auth_atom_id_1    O 
_pdbx_validate_symm_contact.auth_asym_id_1    A 
_pdbx_validate_symm_contact.auth_comp_id_1    HOH 
_pdbx_validate_symm_contact.auth_seq_id_1     225 
_pdbx_validate_symm_contact.PDB_ins_code_1    ? 
_pdbx_validate_symm_contact.label_alt_id_1    ? 
_pdbx_validate_symm_contact.site_symmetry_1   1_555 
_pdbx_validate_symm_contact.auth_atom_id_2    O 
_pdbx_validate_symm_contact.auth_asym_id_2    A 
_pdbx_validate_symm_contact.auth_comp_id_2    HOH 
_pdbx_validate_symm_contact.auth_seq_id_2     273 
_pdbx_validate_symm_contact.PDB_ins_code_2    ? 
_pdbx_validate_symm_contact.label_alt_id_2    ? 
_pdbx_validate_symm_contact.site_symmetry_2   8_555 
_pdbx_validate_symm_contact.dist              1.96 
# 
loop_
_pdbx_validate_torsion.id 
_pdbx_validate_torsion.PDB_model_num 
_pdbx_validate_torsion.auth_comp_id 
_pdbx_validate_torsion.auth_asym_id 
_pdbx_validate_torsion.auth_seq_id 
_pdbx_validate_torsion.PDB_ins_code 
_pdbx_validate_torsion.label_alt_id 
_pdbx_validate_torsion.phi 
_pdbx_validate_torsion.psi 
1 1 ASP A 32  ? ? 53.32   -126.80 
2 1 GLU A 50  ? ? 69.25   -71.97  
3 1 TYR A 122 ? ? -126.60 -55.08  
# 
loop_
_pdbx_unobs_or_zero_occ_residues.id 
_pdbx_unobs_or_zero_occ_residues.PDB_model_num 
_pdbx_unobs_or_zero_occ_residues.polymer_flag 
_pdbx_unobs_or_zero_occ_residues.occupancy_flag 
_pdbx_unobs_or_zero_occ_residues.auth_asym_id 
_pdbx_unobs_or_zero_occ_residues.auth_comp_id 
_pdbx_unobs_or_zero_occ_residues.auth_seq_id 
_pdbx_unobs_or_zero_occ_residues.PDB_ins_code 
_pdbx_unobs_or_zero_occ_residues.label_asym_id 
_pdbx_unobs_or_zero_occ_residues.label_comp_id 
_pdbx_unobs_or_zero_occ_residues.label_seq_id 
1  1 Y 1 A GLU 182 ? A GLU 183 
2  1 Y 1 A GLN 183 ? A GLN 184 
3  1 Y 1 A LEU 184 ? A LEU 185 
4  1 Y 1 A GLU 185 ? A GLU 186 
5  1 Y 1 A HIS 186 ? A HIS 187 
6  1 Y 1 A HIS 187 ? A HIS 188 
7  1 Y 1 A HIS 188 ? A HIS 189 
8  1 Y 1 A HIS 189 ? A HIS 190 
9  1 Y 1 A HIS 190 ? A HIS 191 
10 1 Y 1 A HIS 191 ? A HIS 192 
# 
loop_
_chem_comp_atom.comp_id 
_chem_comp_atom.atom_id 
_chem_comp_atom.type_symbol 
_chem_comp_atom.pdbx_aromatic_flag 
_chem_comp_atom.pdbx_stereo_config 
_chem_comp_atom.pdbx_ordinal 
ALA N    N N N 1   
ALA CA   C N S 2   
ALA C    C N N 3   
ALA O    O N N 4   
ALA CB   C N N 5   
ALA OXT  O N N 6   
ALA H    H N N 7   
ALA H2   H N N 8   
ALA HA   H N N 9   
ALA HB1  H N N 10  
ALA HB2  H N N 11  
ALA HB3  H N N 12  
ALA HXT  H N N 13  
ARG N    N N N 14  
ARG CA   C N S 15  
ARG C    C N N 16  
ARG O    O N N 17  
ARG CB   C N N 18  
ARG CG   C N N 19  
ARG CD   C N N 20  
ARG NE   N N N 21  
ARG CZ   C N N 22  
ARG NH1  N N N 23  
ARG NH2  N N N 24  
ARG OXT  O N N 25  
ARG H    H N N 26  
ARG H2   H N N 27  
ARG HA   H N N 28  
ARG HB2  H N N 29  
ARG HB3  H N N 30  
ARG HG2  H N N 31  
ARG HG3  H N N 32  
ARG HD2  H N N 33  
ARG HD3  H N N 34  
ARG HE   H N N 35  
ARG HH11 H N N 36  
ARG HH12 H N N 37  
ARG HH21 H N N 38  
ARG HH22 H N N 39  
ARG HXT  H N N 40  
ASN N    N N N 41  
ASN CA   C N S 42  
ASN C    C N N 43  
ASN O    O N N 44  
ASN CB   C N N 45  
ASN CG   C N N 46  
ASN OD1  O N N 47  
ASN ND2  N N N 48  
ASN OXT  O N N 49  
ASN H    H N N 50  
ASN H2   H N N 51  
ASN HA   H N N 52  
ASN HB2  H N N 53  
ASN HB3  H N N 54  
ASN HD21 H N N 55  
ASN HD22 H N N 56  
ASN HXT  H N N 57  
ASP N    N N N 58  
ASP CA   C N S 59  
ASP C    C N N 60  
ASP O    O N N 61  
ASP CB   C N N 62  
ASP CG   C N N 63  
ASP OD1  O N N 64  
ASP OD2  O N N 65  
ASP OXT  O N N 66  
ASP H    H N N 67  
ASP H2   H N N 68  
ASP HA   H N N 69  
ASP HB2  H N N 70  
ASP HB3  H N N 71  
ASP HD2  H N N 72  
ASP HXT  H N N 73  
CYS N    N N N 74  
CYS CA   C N R 75  
CYS C    C N N 76  
CYS O    O N N 77  
CYS CB   C N N 78  
CYS SG   S N N 79  
CYS OXT  O N N 80  
CYS H    H N N 81  
CYS H2   H N N 82  
CYS HA   H N N 83  
CYS HB2  H N N 84  
CYS HB3  H N N 85  
CYS HG   H N N 86  
CYS HXT  H N N 87  
GLN N    N N N 88  
GLN CA   C N S 89  
GLN C    C N N 90  
GLN O    O N N 91  
GLN CB   C N N 92  
GLN CG   C N N 93  
GLN CD   C N N 94  
GLN OE1  O N N 95  
GLN NE2  N N N 96  
GLN OXT  O N N 97  
GLN H    H N N 98  
GLN H2   H N N 99  
GLN HA   H N N 100 
GLN HB2  H N N 101 
GLN HB3  H N N 102 
GLN HG2  H N N 103 
GLN HG3  H N N 104 
GLN HE21 H N N 105 
GLN HE22 H N N 106 
GLN HXT  H N N 107 
GLU N    N N N 108 
GLU CA   C N S 109 
GLU C    C N N 110 
GLU O    O N N 111 
GLU CB   C N N 112 
GLU CG   C N N 113 
GLU CD   C N N 114 
GLU OE1  O N N 115 
GLU OE2  O N N 116 
GLU OXT  O N N 117 
GLU H    H N N 118 
GLU H2   H N N 119 
GLU HA   H N N 120 
GLU HB2  H N N 121 
GLU HB3  H N N 122 
GLU HG2  H N N 123 
GLU HG3  H N N 124 
GLU HE2  H N N 125 
GLU HXT  H N N 126 
GLY N    N N N 127 
GLY CA   C N N 128 
GLY C    C N N 129 
GLY O    O N N 130 
GLY OXT  O N N 131 
GLY H    H N N 132 
GLY H2   H N N 133 
GLY HA2  H N N 134 
GLY HA3  H N N 135 
GLY HXT  H N N 136 
HIS N    N N N 137 
HIS CA   C N S 138 
HIS C    C N N 139 
HIS O    O N N 140 
HIS CB   C N N 141 
HIS CG   C Y N 142 
HIS ND1  N Y N 143 
HIS CD2  C Y N 144 
HIS CE1  C Y N 145 
HIS NE2  N Y N 146 
HIS OXT  O N N 147 
HIS H    H N N 148 
HIS H2   H N N 149 
HIS HA   H N N 150 
HIS HB2  H N N 151 
HIS HB3  H N N 152 
HIS HD1  H N N 153 
HIS HD2  H N N 154 
HIS HE1  H N N 155 
HIS HE2  H N N 156 
HIS HXT  H N N 157 
HOH O    O N N 158 
HOH H1   H N N 159 
HOH H2   H N N 160 
ILE N    N N N 161 
ILE CA   C N S 162 
ILE C    C N N 163 
ILE O    O N N 164 
ILE CB   C N S 165 
ILE CG1  C N N 166 
ILE CG2  C N N 167 
ILE CD1  C N N 168 
ILE OXT  O N N 169 
ILE H    H N N 170 
ILE H2   H N N 171 
ILE HA   H N N 172 
ILE HB   H N N 173 
ILE HG12 H N N 174 
ILE HG13 H N N 175 
ILE HG21 H N N 176 
ILE HG22 H N N 177 
ILE HG23 H N N 178 
ILE HD11 H N N 179 
ILE HD12 H N N 180 
ILE HD13 H N N 181 
ILE HXT  H N N 182 
LEU N    N N N 183 
LEU CA   C N S 184 
LEU C    C N N 185 
LEU O    O N N 186 
LEU CB   C N N 187 
LEU CG   C N N 188 
LEU CD1  C N N 189 
LEU CD2  C N N 190 
LEU OXT  O N N 191 
LEU H    H N N 192 
LEU H2   H N N 193 
LEU HA   H N N 194 
LEU HB2  H N N 195 
LEU HB3  H N N 196 
LEU HG   H N N 197 
LEU HD11 H N N 198 
LEU HD12 H N N 199 
LEU HD13 H N N 200 
LEU HD21 H N N 201 
LEU HD22 H N N 202 
LEU HD23 H N N 203 
LEU HXT  H N N 204 
LYS N    N N N 205 
LYS CA   C N S 206 
LYS C    C N N 207 
LYS O    O N N 208 
LYS CB   C N N 209 
LYS CG   C N N 210 
LYS CD   C N N 211 
LYS CE   C N N 212 
LYS NZ   N N N 213 
LYS OXT  O N N 214 
LYS H    H N N 215 
LYS H2   H N N 216 
LYS HA   H N N 217 
LYS HB2  H N N 218 
LYS HB3  H N N 219 
LYS HG2  H N N 220 
LYS HG3  H N N 221 
LYS HD2  H N N 222 
LYS HD3  H N N 223 
LYS HE2  H N N 224 
LYS HE3  H N N 225 
LYS HZ1  H N N 226 
LYS HZ2  H N N 227 
LYS HZ3  H N N 228 
LYS HXT  H N N 229 
MET N    N N N 230 
MET CA   C N S 231 
MET C    C N N 232 
MET O    O N N 233 
MET CB   C N N 234 
MET CG   C N N 235 
MET SD   S N N 236 
MET CE   C N N 237 
MET OXT  O N N 238 
MET H    H N N 239 
MET H2   H N N 240 
MET HA   H N N 241 
MET HB2  H N N 242 
MET HB3  H N N 243 
MET HG2  H N N 244 
MET HG3  H N N 245 
MET HE1  H N N 246 
MET HE2  H N N 247 
MET HE3  H N N 248 
MET HXT  H N N 249 
PHE N    N N N 250 
PHE CA   C N S 251 
PHE C    C N N 252 
PHE O    O N N 253 
PHE CB   C N N 254 
PHE CG   C Y N 255 
PHE CD1  C Y N 256 
PHE CD2  C Y N 257 
PHE CE1  C Y N 258 
PHE CE2  C Y N 259 
PHE CZ   C Y N 260 
PHE OXT  O N N 261 
PHE H    H N N 262 
PHE H2   H N N 263 
PHE HA   H N N 264 
PHE HB2  H N N 265 
PHE HB3  H N N 266 
PHE HD1  H N N 267 
PHE HD2  H N N 268 
PHE HE1  H N N 269 
PHE HE2  H N N 270 
PHE HZ   H N N 271 
PHE HXT  H N N 272 
PRO N    N N N 273 
PRO CA   C N S 274 
PRO C    C N N 275 
PRO O    O N N 276 
PRO CB   C N N 277 
PRO CG   C N N 278 
PRO CD   C N N 279 
PRO OXT  O N N 280 
PRO H    H N N 281 
PRO HA   H N N 282 
PRO HB2  H N N 283 
PRO HB3  H N N 284 
PRO HG2  H N N 285 
PRO HG3  H N N 286 
PRO HD2  H N N 287 
PRO HD3  H N N 288 
PRO HXT  H N N 289 
SER N    N N N 290 
SER CA   C N S 291 
SER C    C N N 292 
SER O    O N N 293 
SER CB   C N N 294 
SER OG   O N N 295 
SER OXT  O N N 296 
SER H    H N N 297 
SER H2   H N N 298 
SER HA   H N N 299 
SER HB2  H N N 300 
SER HB3  H N N 301 
SER HG   H N N 302 
SER HXT  H N N 303 
THR N    N N N 304 
THR CA   C N S 305 
THR C    C N N 306 
THR O    O N N 307 
THR CB   C N R 308 
THR OG1  O N N 309 
THR CG2  C N N 310 
THR OXT  O N N 311 
THR H    H N N 312 
THR H2   H N N 313 
THR HA   H N N 314 
THR HB   H N N 315 
THR HG1  H N N 316 
THR HG21 H N N 317 
THR HG22 H N N 318 
THR HG23 H N N 319 
THR HXT  H N N 320 
TRP N    N N N 321 
TRP CA   C N S 322 
TRP C    C N N 323 
TRP O    O N N 324 
TRP CB   C N N 325 
TRP CG   C Y N 326 
TRP CD1  C Y N 327 
TRP CD2  C Y N 328 
TRP NE1  N Y N 329 
TRP CE2  C Y N 330 
TRP CE3  C Y N 331 
TRP CZ2  C Y N 332 
TRP CZ3  C Y N 333 
TRP CH2  C Y N 334 
TRP OXT  O N N 335 
TRP H    H N N 336 
TRP H2   H N N 337 
TRP HA   H N N 338 
TRP HB2  H N N 339 
TRP HB3  H N N 340 
TRP HD1  H N N 341 
TRP HE1  H N N 342 
TRP HE3  H N N 343 
TRP HZ2  H N N 344 
TRP HZ3  H N N 345 
TRP HH2  H N N 346 
TRP HXT  H N N 347 
TYR N    N N N 348 
TYR CA   C N S 349 
TYR C    C N N 350 
TYR O    O N N 351 
TYR CB   C N N 352 
TYR CG   C Y N 353 
TYR CD1  C Y N 354 
TYR CD2  C Y N 355 
TYR CE1  C Y N 356 
TYR CE2  C Y N 357 
TYR CZ   C Y N 358 
TYR OH   O N N 359 
TYR OXT  O N N 360 
TYR H    H N N 361 
TYR H2   H N N 362 
TYR HA   H N N 363 
TYR HB2  H N N 364 
TYR HB3  H N N 365 
TYR HD1  H N N 366 
TYR HD2  H N N 367 
TYR HE1  H N N 368 
TYR HE2  H N N 369 
TYR HH   H N N 370 
TYR HXT  H N N 371 
VAL N    N N N 372 
VAL CA   C N S 373 
VAL C    C N N 374 
VAL O    O N N 375 
VAL CB   C N N 376 
VAL CG1  C N N 377 
VAL CG2  C N N 378 
VAL OXT  O N N 379 
VAL H    H N N 380 
VAL H2   H N N 381 
VAL HA   H N N 382 
VAL HB   H N N 383 
VAL HG11 H N N 384 
VAL HG12 H N N 385 
VAL HG13 H N N 386 
VAL HG21 H N N 387 
VAL HG22 H N N 388 
VAL HG23 H N N 389 
VAL HXT  H N N 390 
# 
loop_
_chem_comp_bond.comp_id 
_chem_comp_bond.atom_id_1 
_chem_comp_bond.atom_id_2 
_chem_comp_bond.value_order 
_chem_comp_bond.pdbx_aromatic_flag 
_chem_comp_bond.pdbx_stereo_config 
_chem_comp_bond.pdbx_ordinal 
ALA N   CA   sing N N 1   
ALA N   H    sing N N 2   
ALA N   H2   sing N N 3   
ALA CA  C    sing N N 4   
ALA CA  CB   sing N N 5   
ALA CA  HA   sing N N 6   
ALA C   O    doub N N 7   
ALA C   OXT  sing N N 8   
ALA CB  HB1  sing N N 9   
ALA CB  HB2  sing N N 10  
ALA CB  HB3  sing N N 11  
ALA OXT HXT  sing N N 12  
ARG N   CA   sing N N 13  
ARG N   H    sing N N 14  
ARG N   H2   sing N N 15  
ARG CA  C    sing N N 16  
ARG CA  CB   sing N N 17  
ARG CA  HA   sing N N 18  
ARG C   O    doub N N 19  
ARG C   OXT  sing N N 20  
ARG CB  CG   sing N N 21  
ARG CB  HB2  sing N N 22  
ARG CB  HB3  sing N N 23  
ARG CG  CD   sing N N 24  
ARG CG  HG2  sing N N 25  
ARG CG  HG3  sing N N 26  
ARG CD  NE   sing N N 27  
ARG CD  HD2  sing N N 28  
ARG CD  HD3  sing N N 29  
ARG NE  CZ   sing N N 30  
ARG NE  HE   sing N N 31  
ARG CZ  NH1  sing N N 32  
ARG CZ  NH2  doub N N 33  
ARG NH1 HH11 sing N N 34  
ARG NH1 HH12 sing N N 35  
ARG NH2 HH21 sing N N 36  
ARG NH2 HH22 sing N N 37  
ARG OXT HXT  sing N N 38  
ASN N   CA   sing N N 39  
ASN N   H    sing N N 40  
ASN N   H2   sing N N 41  
ASN CA  C    sing N N 42  
ASN CA  CB   sing N N 43  
ASN CA  HA   sing N N 44  
ASN C   O    doub N N 45  
ASN C   OXT  sing N N 46  
ASN CB  CG   sing N N 47  
ASN CB  HB2  sing N N 48  
ASN CB  HB3  sing N N 49  
ASN CG  OD1  doub N N 50  
ASN CG  ND2  sing N N 51  
ASN ND2 HD21 sing N N 52  
ASN ND2 HD22 sing N N 53  
ASN OXT HXT  sing N N 54  
ASP N   CA   sing N N 55  
ASP N   H    sing N N 56  
ASP N   H2   sing N N 57  
ASP CA  C    sing N N 58  
ASP CA  CB   sing N N 59  
ASP CA  HA   sing N N 60  
ASP C   O    doub N N 61  
ASP C   OXT  sing N N 62  
ASP CB  CG   sing N N 63  
ASP CB  HB2  sing N N 64  
ASP CB  HB3  sing N N 65  
ASP CG  OD1  doub N N 66  
ASP CG  OD2  sing N N 67  
ASP OD2 HD2  sing N N 68  
ASP OXT HXT  sing N N 69  
CYS N   CA   sing N N 70  
CYS N   H    sing N N 71  
CYS N   H2   sing N N 72  
CYS CA  C    sing N N 73  
CYS CA  CB   sing N N 74  
CYS CA  HA   sing N N 75  
CYS C   O    doub N N 76  
CYS C   OXT  sing N N 77  
CYS CB  SG   sing N N 78  
CYS CB  HB2  sing N N 79  
CYS CB  HB3  sing N N 80  
CYS SG  HG   sing N N 81  
CYS OXT HXT  sing N N 82  
GLN N   CA   sing N N 83  
GLN N   H    sing N N 84  
GLN N   H2   sing N N 85  
GLN CA  C    sing N N 86  
GLN CA  CB   sing N N 87  
GLN CA  HA   sing N N 88  
GLN C   O    doub N N 89  
GLN C   OXT  sing N N 90  
GLN CB  CG   sing N N 91  
GLN CB  HB2  sing N N 92  
GLN CB  HB3  sing N N 93  
GLN CG  CD   sing N N 94  
GLN CG  HG2  sing N N 95  
GLN CG  HG3  sing N N 96  
GLN CD  OE1  doub N N 97  
GLN CD  NE2  sing N N 98  
GLN NE2 HE21 sing N N 99  
GLN NE2 HE22 sing N N 100 
GLN OXT HXT  sing N N 101 
GLU N   CA   sing N N 102 
GLU N   H    sing N N 103 
GLU N   H2   sing N N 104 
GLU CA  C    sing N N 105 
GLU CA  CB   sing N N 106 
GLU CA  HA   sing N N 107 
GLU C   O    doub N N 108 
GLU C   OXT  sing N N 109 
GLU CB  CG   sing N N 110 
GLU CB  HB2  sing N N 111 
GLU CB  HB3  sing N N 112 
GLU CG  CD   sing N N 113 
GLU CG  HG2  sing N N 114 
GLU CG  HG3  sing N N 115 
GLU CD  OE1  doub N N 116 
GLU CD  OE2  sing N N 117 
GLU OE2 HE2  sing N N 118 
GLU OXT HXT  sing N N 119 
GLY N   CA   sing N N 120 
GLY N   H    sing N N 121 
GLY N   H2   sing N N 122 
GLY CA  C    sing N N 123 
GLY CA  HA2  sing N N 124 
GLY CA  HA3  sing N N 125 
GLY C   O    doub N N 126 
GLY C   OXT  sing N N 127 
GLY OXT HXT  sing N N 128 
HIS N   CA   sing N N 129 
HIS N   H    sing N N 130 
HIS N   H2   sing N N 131 
HIS CA  C    sing N N 132 
HIS CA  CB   sing N N 133 
HIS CA  HA   sing N N 134 
HIS C   O    doub N N 135 
HIS C   OXT  sing N N 136 
HIS CB  CG   sing N N 137 
HIS CB  HB2  sing N N 138 
HIS CB  HB3  sing N N 139 
HIS CG  ND1  sing Y N 140 
HIS CG  CD2  doub Y N 141 
HIS ND1 CE1  doub Y N 142 
HIS ND1 HD1  sing N N 143 
HIS CD2 NE2  sing Y N 144 
HIS CD2 HD2  sing N N 145 
HIS CE1 NE2  sing Y N 146 
HIS CE1 HE1  sing N N 147 
HIS NE2 HE2  sing N N 148 
HIS OXT HXT  sing N N 149 
HOH O   H1   sing N N 150 
HOH O   H2   sing N N 151 
ILE N   CA   sing N N 152 
ILE N   H    sing N N 153 
ILE N   H2   sing N N 154 
ILE CA  C    sing N N 155 
ILE CA  CB   sing N N 156 
ILE CA  HA   sing N N 157 
ILE C   O    doub N N 158 
ILE C   OXT  sing N N 159 
ILE CB  CG1  sing N N 160 
ILE CB  CG2  sing N N 161 
ILE CB  HB   sing N N 162 
ILE CG1 CD1  sing N N 163 
ILE CG1 HG12 sing N N 164 
ILE CG1 HG13 sing N N 165 
ILE CG2 HG21 sing N N 166 
ILE CG2 HG22 sing N N 167 
ILE CG2 HG23 sing N N 168 
ILE CD1 HD11 sing N N 169 
ILE CD1 HD12 sing N N 170 
ILE CD1 HD13 sing N N 171 
ILE OXT HXT  sing N N 172 
LEU N   CA   sing N N 173 
LEU N   H    sing N N 174 
LEU N   H2   sing N N 175 
LEU CA  C    sing N N 176 
LEU CA  CB   sing N N 177 
LEU CA  HA   sing N N 178 
LEU C   O    doub N N 179 
LEU C   OXT  sing N N 180 
LEU CB  CG   sing N N 181 
LEU CB  HB2  sing N N 182 
LEU CB  HB3  sing N N 183 
LEU CG  CD1  sing N N 184 
LEU CG  CD2  sing N N 185 
LEU CG  HG   sing N N 186 
LEU CD1 HD11 sing N N 187 
LEU CD1 HD12 sing N N 188 
LEU CD1 HD13 sing N N 189 
LEU CD2 HD21 sing N N 190 
LEU CD2 HD22 sing N N 191 
LEU CD2 HD23 sing N N 192 
LEU OXT HXT  sing N N 193 
LYS N   CA   sing N N 194 
LYS N   H    sing N N 195 
LYS N   H2   sing N N 196 
LYS CA  C    sing N N 197 
LYS CA  CB   sing N N 198 
LYS CA  HA   sing N N 199 
LYS C   O    doub N N 200 
LYS C   OXT  sing N N 201 
LYS CB  CG   sing N N 202 
LYS CB  HB2  sing N N 203 
LYS CB  HB3  sing N N 204 
LYS CG  CD   sing N N 205 
LYS CG  HG2  sing N N 206 
LYS CG  HG3  sing N N 207 
LYS CD  CE   sing N N 208 
LYS CD  HD2  sing N N 209 
LYS CD  HD3  sing N N 210 
LYS CE  NZ   sing N N 211 
LYS CE  HE2  sing N N 212 
LYS CE  HE3  sing N N 213 
LYS NZ  HZ1  sing N N 214 
LYS NZ  HZ2  sing N N 215 
LYS NZ  HZ3  sing N N 216 
LYS OXT HXT  sing N N 217 
MET N   CA   sing N N 218 
MET N   H    sing N N 219 
MET N   H2   sing N N 220 
MET CA  C    sing N N 221 
MET CA  CB   sing N N 222 
MET CA  HA   sing N N 223 
MET C   O    doub N N 224 
MET C   OXT  sing N N 225 
MET CB  CG   sing N N 226 
MET CB  HB2  sing N N 227 
MET CB  HB3  sing N N 228 
MET CG  SD   sing N N 229 
MET CG  HG2  sing N N 230 
MET CG  HG3  sing N N 231 
MET SD  CE   sing N N 232 
MET CE  HE1  sing N N 233 
MET CE  HE2  sing N N 234 
MET CE  HE3  sing N N 235 
MET OXT HXT  sing N N 236 
PHE N   CA   sing N N 237 
PHE N   H    sing N N 238 
PHE N   H2   sing N N 239 
PHE CA  C    sing N N 240 
PHE CA  CB   sing N N 241 
PHE CA  HA   sing N N 242 
PHE C   O    doub N N 243 
PHE C   OXT  sing N N 244 
PHE CB  CG   sing N N 245 
PHE CB  HB2  sing N N 246 
PHE CB  HB3  sing N N 247 
PHE CG  CD1  doub Y N 248 
PHE CG  CD2  sing Y N 249 
PHE CD1 CE1  sing Y N 250 
PHE CD1 HD1  sing N N 251 
PHE CD2 CE2  doub Y N 252 
PHE CD2 HD2  sing N N 253 
PHE CE1 CZ   doub Y N 254 
PHE CE1 HE1  sing N N 255 
PHE CE2 CZ   sing Y N 256 
PHE CE2 HE2  sing N N 257 
PHE CZ  HZ   sing N N 258 
PHE OXT HXT  sing N N 259 
PRO N   CA   sing N N 260 
PRO N   CD   sing N N 261 
PRO N   H    sing N N 262 
PRO CA  C    sing N N 263 
PRO CA  CB   sing N N 264 
PRO CA  HA   sing N N 265 
PRO C   O    doub N N 266 
PRO C   OXT  sing N N 267 
PRO CB  CG   sing N N 268 
PRO CB  HB2  sing N N 269 
PRO CB  HB3  sing N N 270 
PRO CG  CD   sing N N 271 
PRO CG  HG2  sing N N 272 
PRO CG  HG3  sing N N 273 
PRO CD  HD2  sing N N 274 
PRO CD  HD3  sing N N 275 
PRO OXT HXT  sing N N 276 
SER N   CA   sing N N 277 
SER N   H    sing N N 278 
SER N   H2   sing N N 279 
SER CA  C    sing N N 280 
SER CA  CB   sing N N 281 
SER CA  HA   sing N N 282 
SER C   O    doub N N 283 
SER C   OXT  sing N N 284 
SER CB  OG   sing N N 285 
SER CB  HB2  sing N N 286 
SER CB  HB3  sing N N 287 
SER OG  HG   sing N N 288 
SER OXT HXT  sing N N 289 
THR N   CA   sing N N 290 
THR N   H    sing N N 291 
THR N   H2   sing N N 292 
THR CA  C    sing N N 293 
THR CA  CB   sing N N 294 
THR CA  HA   sing N N 295 
THR C   O    doub N N 296 
THR C   OXT  sing N N 297 
THR CB  OG1  sing N N 298 
THR CB  CG2  sing N N 299 
THR CB  HB   sing N N 300 
THR OG1 HG1  sing N N 301 
THR CG2 HG21 sing N N 302 
THR CG2 HG22 sing N N 303 
THR CG2 HG23 sing N N 304 
THR OXT HXT  sing N N 305 
TRP N   CA   sing N N 306 
TRP N   H    sing N N 307 
TRP N   H2   sing N N 308 
TRP CA  C    sing N N 309 
TRP CA  CB   sing N N 310 
TRP CA  HA   sing N N 311 
TRP C   O    doub N N 312 
TRP C   OXT  sing N N 313 
TRP CB  CG   sing N N 314 
TRP CB  HB2  sing N N 315 
TRP CB  HB3  sing N N 316 
TRP CG  CD1  doub Y N 317 
TRP CG  CD2  sing Y N 318 
TRP CD1 NE1  sing Y N 319 
TRP CD1 HD1  sing N N 320 
TRP CD2 CE2  doub Y N 321 
TRP CD2 CE3  sing Y N 322 
TRP NE1 CE2  sing Y N 323 
TRP NE1 HE1  sing N N 324 
TRP CE2 CZ2  sing Y N 325 
TRP CE3 CZ3  doub Y N 326 
TRP CE3 HE3  sing N N 327 
TRP CZ2 CH2  doub Y N 328 
TRP CZ2 HZ2  sing N N 329 
TRP CZ3 CH2  sing Y N 330 
TRP CZ3 HZ3  sing N N 331 
TRP CH2 HH2  sing N N 332 
TRP OXT HXT  sing N N 333 
TYR N   CA   sing N N 334 
TYR N   H    sing N N 335 
TYR N   H2   sing N N 336 
TYR CA  C    sing N N 337 
TYR CA  CB   sing N N 338 
TYR CA  HA   sing N N 339 
TYR C   O    doub N N 340 
TYR C   OXT  sing N N 341 
TYR CB  CG   sing N N 342 
TYR CB  HB2  sing N N 343 
TYR CB  HB3  sing N N 344 
TYR CG  CD1  doub Y N 345 
TYR CG  CD2  sing Y N 346 
TYR CD1 CE1  sing Y N 347 
TYR CD1 HD1  sing N N 348 
TYR CD2 CE2  doub Y N 349 
TYR CD2 HD2  sing N N 350 
TYR CE1 CZ   doub Y N 351 
TYR CE1 HE1  sing N N 352 
TYR CE2 CZ   sing Y N 353 
TYR CE2 HE2  sing N N 354 
TYR CZ  OH   sing N N 355 
TYR OH  HH   sing N N 356 
TYR OXT HXT  sing N N 357 
VAL N   CA   sing N N 358 
VAL N   H    sing N N 359 
VAL N   H2   sing N N 360 
VAL CA  C    sing N N 361 
VAL CA  CB   sing N N 362 
VAL CA  HA   sing N N 363 
VAL C   O    doub N N 364 
VAL C   OXT  sing N N 365 
VAL CB  CG1  sing N N 366 
VAL CB  CG2  sing N N 367 
VAL CB  HB   sing N N 368 
VAL CG1 HG11 sing N N 369 
VAL CG1 HG12 sing N N 370 
VAL CG1 HG13 sing N N 371 
VAL CG2 HG21 sing N N 372 
VAL CG2 HG22 sing N N 373 
VAL CG2 HG23 sing N N 374 
VAL OXT HXT  sing N N 375 
# 
_pdbx_audit_support.funding_organization   
'National Institutes of Health/National Institute Of Allergy and Infectious Diseases (NIH/NIAID)' 
_pdbx_audit_support.country                'United States' 
_pdbx_audit_support.grant_number           U19AI171399 
_pdbx_audit_support.ordinal                1 
# 
_pdbx_initial_refinement_model.id               1 
_pdbx_initial_refinement_model.entity_id_list   ? 
_pdbx_initial_refinement_model.type             'experimental model' 
_pdbx_initial_refinement_model.source_name      PDB 
_pdbx_initial_refinement_model.accession_code   6LKA 
_pdbx_initial_refinement_model.details          ? 
# 
_atom_sites.entry_id                    8CNY 
_atom_sites.Cartn_transf_matrix[1][1]   ? 
_atom_sites.Cartn_transf_matrix[1][2]   ? 
_atom_sites.Cartn_transf_matrix[1][3]   ? 
_atom_sites.Cartn_transf_matrix[2][1]   ? 
_atom_sites.Cartn_transf_matrix[2][2]   ? 
_atom_sites.Cartn_transf_matrix[2][3]   ? 
_atom_sites.Cartn_transf_matrix[3][1]   ? 
_atom_sites.Cartn_transf_matrix[3][2]   ? 
_atom_sites.Cartn_transf_matrix[3][3]   ? 
_atom_sites.Cartn_transf_vector[1]      ? 
_atom_sites.Cartn_transf_vector[2]      ? 
_atom_sites.Cartn_transf_vector[3]      ? 
_atom_sites.fract_transf_matrix[1][1]   -0.00316506 
_atom_sites.fract_transf_matrix[1][2]   -0.01384348 
_atom_sites.fract_transf_matrix[1][3]   0.00597888 
_atom_sites.fract_transf_matrix[2][1]   -0.01477010 
_atom_sites.fract_transf_matrix[2][2]   0.00360863 
_atom_sites.fract_transf_matrix[2][3]   0.00053651 
_atom_sites.fract_transf_matrix[3][1]   -0.00162213 
_atom_sites.fract_transf_matrix[3][2]   -0.00484414 
_atom_sites.fract_transf_matrix[3][3]   -0.01207482 
_atom_sites.fract_transf_vector[1]      0.196970 
_atom_sites.fract_transf_vector[2]      0.254345 
_atom_sites.fract_transf_vector[3]      -0.122455 
_atom_sites.solution_primary            ? 
_atom_sites.solution_secondary          ? 
_atom_sites.solution_hydrogens          ? 
_atom_sites.special_details             ? 
# 
loop_
_atom_type.symbol 
_atom_type.pdbx_scat_Z 
_atom_type.pdbx_N_electrons 
_atom_type.scat_Cromer_Mann_a1 
_atom_type.scat_Cromer_Mann_b1 
_atom_type.scat_Cromer_Mann_a2 
_atom_type.scat_Cromer_Mann_b2 
_atom_type.scat_Cromer_Mann_a3 
_atom_type.scat_Cromer_Mann_b3 
_atom_type.scat_Cromer_Mann_a4 
_atom_type.scat_Cromer_Mann_b4 
_atom_type.scat_Cromer_Mann_c 
C 6  6  2.310  20.844 1.020 10.208 1.589 0.569  0.865 51.651 0.216   
H 1  1  0.493  10.511 0.323 26.126 0.140 3.142  0.041 57.800 0.003   
N 7  7  12.222 0.006  3.135 9.893  2.014 28.997 1.167 0.583  -11.538 
O 8  8  3.049  13.277 2.287 5.701  1.546 0.324  0.867 32.909 0.251   
S 16 16 6.905  1.468  5.203 22.215 1.438 0.254  1.586 56.172 1.033   
# 
loop_
_atom_site.group_PDB 
_atom_site.id 
_atom_site.type_symbol 
_atom_site.label_atom_id 
_atom_site.label_alt_id 
_atom_site.label_comp_id 
_atom_site.label_asym_id 
_atom_site.label_entity_id 
_atom_site.label_seq_id 
_atom_site.pdbx_PDB_ins_code 
_atom_site.Cartn_x 
_atom_site.Cartn_y 
_atom_site.Cartn_z 
_atom_site.occupancy 
_atom_site.B_iso_or_equiv 
_atom_site.pdbx_formal_charge 
_atom_site.auth_seq_id 
_atom_site.auth_comp_id 
_atom_site.auth_asym_id 
_atom_site.auth_atom_id 
_atom_site.pdbx_PDB_model_num 
_atom_site.calc_flag 
ATOM   1    N N   . MET A 1 1   ? -10.266 21.638  11.742  1.000 34.033 0 0   MET A N   1 ? 
ATOM   2    C CA  . MET A 1 1   ? -9.682  20.829  10.643  1.000 26.470 0 0   MET A CA  1 ? 
ATOM   3    C C   . MET A 1 1   ? -10.807 20.214  9.831   1.000 25.940 0 0   MET A C   1 ? 
ATOM   4    O O   . MET A 1 1   ? -11.786 19.718  10.396  1.000 29.419 0 0   MET A O   1 ? 
ATOM   5    C CB  . MET A 1 1   ? -8.826  19.704  11.214  1.000 27.876 0 0   MET A CB  1 ? 
ATOM   6    C CG  . MET A 1 1   ? -8.118  18.902  10.140  1.000 24.585 0 0   MET A CG  1 ? 
ATOM   7    S SD  . MET A 1 1   ? -7.029  17.780  10.821  1.000 30.091 0 0   MET A SD  1 ? 
ATOM   8    C CE  . MET A 1 1   ? -5.799  18.867  11.545  1.000 31.785 0 0   MET A CE  1 ? 
ATOM   9    N N   . GLY A 1 2   ? -10.572 20.092  8.528   1.000 19.236 0 1   GLY A N   1 ? 
ATOM   10   C CA  . GLY A 1 2   ? -11.532 19.489  7.627   1.000 16.768 0 1   GLY A CA  1 ? 
ATOM   11   C C   . GLY A 1 2   ? -11.502 17.963  7.662   1.000 15.353 0 1   GLY A C   1 ? 
ATOM   12   O O   . GLY A 1 2   ? -10.553 17.340  8.157   1.000 15.980 0 1   GLY A O   1 ? 
ATOM   13   N N   . PRO A 1 3   ? -12.536 17.339  7.075   1.000 15.669 0 2   PRO A N   1 ? 
ATOM   14   C CA  . PRO A 1 3   ? -12.685 15.867  7.114   1.000 15.049 0 2   PRO A CA  1 ? 
ATOM   15   C C   . PRO A 1 3   ? -11.641 15.029  6.374   1.000 14.129 0 2   PRO A C   1 ? 
ATOM   16   O O   . PRO A 1 3   ? -11.274 13.946  6.821   1.000 14.744 0 2   PRO A O   1 ? 
ATOM   17   C CB  . PRO A 1 3   ? -14.070 15.681  6.456   1.000 15.957 0 2   PRO A CB  1 ? 
ATOM   18   C CG  . PRO A 1 3   ? -14.257 16.901  5.536   1.000 16.256 0 2   PRO A CG  1 ? 
ATOM   19   C CD  . PRO A 1 3   ? -13.649 18.004  6.349   1.000 15.350 0 2   PRO A CD  1 ? 
ATOM   20   N N   . SER A 1 4   ? -11.194 15.477  5.193   1.000 13.168 0 3   SER A N   1 ? 
ATOM   21   C CA  . SER A 1 4   ? -10.214 14.730  4.401   1.000 13.678 0 3   SER A CA  1 ? 
ATOM   22   C C   . SER A 1 4   ? -8.812  14.836  5.023   1.000 13.826 0 3   SER A C   1 ? 
ATOM   23   O O   . SER A 1 4   ? -8.046  13.863  5.071   1.000 12.935 0 3   SER A O   1 ? 
ATOM   24   C CB  . SER A 1 4   ? -10.175 15.180  2.955   1.000 14.864 0 3   SER A CB  1 ? 
ATOM   25   O OG  . SER A 1 4   ? -11.375 14.918  2.208   1.000 15.239 0 3   SER A OG  1 ? 
ATOM   26   N N   . LEU A 1 5   ? -8.447  16.030  5.517   1.000 13.875 0 4   LEU A N   1 ? 
ATOM   27   C CA  . LEU A 1 5   ? -7.174  16.185  6.203   1.000 14.090 0 4   LEU A CA  1 ? 
ATOM   28   C C   . LEU A 1 5   ? -7.121  15.329  7.491   1.000 13.527 0 4   LEU A C   1 ? 
ATOM   29   O O   . LEU A 1 5   ? -6.147  14.616  7.743   1.000 12.567 0 4   LEU A O   1 ? 
ATOM   30   C CB  . LEU A 1 5   ? -6.910  17.671  6.480   1.000 13.559 0 4   LEU A CB  1 ? 
ATOM   31   C CG  . LEU A 1 5   ? -5.559  17.984  7.139   1.000 14.849 0 4   LEU A CG  1 ? 
ATOM   32   C CD1 . LEU A 1 5   ? -4.401  17.392  6.352   1.000 14.518 0 4   LEU A CD1 1 ? 
ATOM   33   C CD2 . LEU A 1 5   ? -5.381  19.494  7.270   1.000 14.150 0 4   LEU A CD2 1 ? 
ATOM   34   N N   . ASP A 1 6   ? -8.207  15.387  8.289   1.000 14.406 0 5   ASP A N   1 ? 
ATOM   35   C CA  . ASP A 1 6   ? -8.351  14.588  9.497   1.000 14.315 0 5   ASP A CA  1 ? 
ATOM   36   C C   . ASP A 1 6   ? -8.224  13.107  9.158   1.000 13.183 0 5   ASP A C   1 ? 
ATOM   37   O O   . ASP A 1 6   ? -7.464  12.385  9.853   1.000 15.090 0 5   ASP A O   1 ? 
ATOM   38   C CB  . ASP A 1 6   ? -9.692  14.869  10.171  1.000 14.684 0 5   ASP A CB  1 ? 
ATOM   39   C CG  . ASP A 1 6   ? -9.897  14.027  11.413  1.000 18.889 0 5   ASP A CG  1 ? 
ATOM   40   O OD1 . ASP A 1 6   ? -9.317  14.367  12.449  1.000 24.015 0 5   ASP A OD1 1 ? 
ATOM   41   O OD2 . ASP A 1 6   ? -10.587 13.024  11.315  1.000 19.265 0 5   ASP A OD2 1 ? 
ATOM   42   N N   . PHE A 1 7   ? -8.890  12.656  8.063   1.000 12.323 0 6   PHE A N   1 ? 
ATOM   43   C CA  . PHE A 1 7   ? -8.866  11.227  7.709   1.000 13.115 0 6   PHE A CA  1 ? 
ATOM   44   C C   . PHE A 1 7   ? -7.453  10.783  7.318   1.000 12.439 0 6   PHE A C   1 ? 
ATOM   45   O O   . PHE A 1 7   ? -6.935  9.775   7.822   1.000 12.499 0 6   PHE A O   1 ? 
ATOM   46   C CB  . PHE A 1 7   ? -9.863  10.897  6.595   1.000 14.214 0 6   PHE A CB  1 ? 
ATOM   47   C CG  . PHE A 1 7   ? -9.919  9.444   6.187   1.000 13.018 0 6   PHE A CG  1 ? 
ATOM   48   C CD1 . PHE A 1 7   ? -10.700 8.544   6.888   1.000 14.623 0 6   PHE A CD1 1 ? 
ATOM   49   C CD2 . PHE A 1 7   ? -9.150  8.961   5.159   1.000 13.751 0 6   PHE A CD2 1 ? 
ATOM   50   C CE1 . PHE A 1 7   ? -10.744 7.208   6.512   1.000 13.978 0 6   PHE A CE1 1 ? 
ATOM   51   C CE2 . PHE A 1 7   ? -9.143  7.616   4.824   1.000 13.559 0 6   PHE A CE2 1 ? 
ATOM   52   C CZ  . PHE A 1 7   ? -9.970  6.745   5.486   1.000 15.100 0 6   PHE A CZ  1 ? 
ATOM   53   N N   . ALA A 1 8   ? -6.761  11.581  6.497   1.000 12.495 0 7   ALA A N   1 ? 
ATOM   54   C CA  . ALA A 1 8   ? -5.420  11.223  6.052   1.000 13.516 0 7   ALA A CA  1 ? 
ATOM   55   C C   . ALA A 1 8   ? -4.440  11.203  7.231   1.000 13.111 0 7   ALA A C   1 ? 
ATOM   56   O O   . ALA A 1 8   ? -3.593  10.296  7.331   1.000 13.578 0 7   ALA A O   1 ? 
ATOM   57   C CB  . ALA A 1 8   ? -4.965  12.167  4.947   1.000 13.738 0 7   ALA A CB  1 ? 
ATOM   58   N N   . LEU A 1 9   ? -4.508  12.229  8.096   1.000 13.428 0 8   LEU A N   1 ? 
ATOM   59   C CA  . LEU A 1 9   ? -3.604  12.289  9.242   1.000 13.623 0 8   LEU A CA  1 ? 
ATOM   60   C C   . LEU A 1 9   ? -3.845  11.136  10.221  1.000 13.184 0 8   LEU A C   1 ? 
ATOM   61   O O   . LEU A 1 9   ? -2.895  10.638  10.791  1.000 13.313 0 8   LEU A O   1 ? 
ATOM   62   C CB  . LEU A 1 9   ? -3.714  13.628  9.962   1.000 14.835 0 8   LEU A CB  1 ? 
ATOM   63   C CG  . LEU A 1 9   ? -3.208  14.832  9.181   1.000 16.575 0 8   LEU A CG  1 ? 
ATOM   64   C CD1 . LEU A 1 9   ? -3.536  16.099  9.946   1.000 19.096 0 8   LEU A CD1 1 ? 
ATOM   65   C CD2 . LEU A 1 9   ? -1.696  14.722  8.894   1.000 17.236 0 8   LEU A CD2 1 ? 
ATOM   66   N N   . SER A 1 10  ? -5.092  10.724  10.413  1.000 13.230 0 9   SER A N   1 ? 
ATOM   67   C CA  . SER A 1 10  ? -5.413  9.617   11.301  1.000 14.988 0 9   SER A CA  1 ? 
ATOM   68   C C   . SER A 1 10  ? -4.916  8.320   10.676  1.000 13.732 0 9   SER A C   1 ? 
ATOM   69   O O   . SER A 1 10  ? -4.420  7.437   11.372  1.000 13.479 0 9   SER A O   1 ? 
ATOM   70   C CB  . SER A 1 10  ? -6.905  9.575   11.551  1.000 17.994 0 9   SER A CB  1 ? 
ATOM   71   O OG  . SER A 1 10  ? -7.309  8.358   12.158  1.000 26.904 0 9   SER A OG  1 ? 
ATOM   72   N N   . LEU A 1 11  ? -5.051  8.196   9.346   1.000 13.795 0 10  LEU A N   1 ? 
ATOM   73   C CA  . LEU A 1 11  ? -4.540  6.989   8.689   1.000 14.395 0 10  LEU A CA  1 ? 
ATOM   74   C C   . LEU A 1 11  ? -3.034  6.880   8.908   1.000 13.818 0 10  LEU A C   1 ? 
ATOM   75   O O   . LEU A 1 11  ? -2.506  5.825   9.189   1.000 15.070 0 10  LEU A O   1 ? 
ATOM   76   C CB  . LEU A 1 11  ? -4.792  7.119   7.177   1.000 16.638 0 10  LEU A CB  1 ? 
ATOM   77   C CG  . LEU A 1 11  ? -5.758  6.220   6.429   1.000 21.011 0 10  LEU A CG  1 ? 
ATOM   78   C CD1 . LEU A 1 11  ? -5.342  6.189   4.955   1.000 19.473 0 10  LEU A CD1 1 ? 
ATOM   79   C CD2 . LEU A 1 11  ? -5.941  4.807   6.978   1.000 18.614 0 10  LEU A CD2 1 ? 
ATOM   80   N N   . LEU A 1 12  ? -2.324  7.992   8.725   1.000 13.557 0 11  LEU A N   1 ? 
ATOM   81   C CA  . LEU A 1 12  ? -0.884  8.055   8.964   1.000 15.125 0 11  LEU A CA  1 ? 
ATOM   82   C C   . LEU A 1 12  ? -0.548  7.636   10.387  1.000 15.795 0 11  LEU A C   1 ? 
ATOM   83   O O   . LEU A 1 12  ? 0.284   6.762   10.598  1.000 18.688 0 11  LEU A O   1 ? 
ATOM   84   C CB  . LEU A 1 12  ? -0.349  9.476   8.673   1.000 15.698 0 11  LEU A CB  1 ? 
ATOM   85   C CG  . LEU A 1 12  ? 0.399   9.631   7.356   1.000 21.110 0 11  LEU A CG  1 ? 
ATOM   86   C CD1 . LEU A 1 12  ? 0.464   11.100  6.940   1.000 22.907 0 11  LEU A CD1 1 ? 
ATOM   87   C CD2 . LEU A 1 12  ? 1.814   9.048   7.495   1.000 19.494 0 11  LEU A CD2 1 ? 
ATOM   88   N N   . ARG A 1 13  ? -1.246  8.211   11.381  1.000 14.622 0 12  ARG A N   1 ? 
ATOM   89   C CA  . ARG A 1 13  ? -0.947  7.952   12.773  1.000 14.608 0 12  ARG A CA  1 ? 
ATOM   90   C C   . ARG A 1 13  ? -1.258  6.507   13.161  1.000 14.598 0 12  ARG A C   1 ? 
ATOM   91   O O   . ARG A 1 13  ? -0.451  5.871   13.859  1.000 16.239 0 12  ARG A O   1 ? 
ATOM   92   C CB  . ARG A 1 13  ? -1.725  8.937   13.655  1.000 16.982 0 12  ARG A CB  1 ? 
ATOM   93   C CG  . ARG A 1 13  ? -1.515  8.775   15.161  1.000 19.377 0 12  ARG A CG  1 ? 
ATOM   94   C CD  . ARG A 1 13  ? -2.212  9.892   15.931  1.000 20.205 0 12  ARG A CD  1 ? 
ATOM   95   N NE  . ARG A 1 13  ? -3.635  9.563   16.036  1.000 24.525 0 12  ARG A NE  1 ? 
ATOM   96   C CZ  . ARG A 1 13  ? -4.646  10.126  15.369  1.000 28.887 0 12  ARG A CZ  1 ? 
ATOM   97   N NH1 . ARG A 1 13  ? -4.446  11.210  14.641  1.000 26.665 0 12  ARG A NH1 1 ? 
ATOM   98   N NH2 . ARG A 1 13  ? -5.866  9.603   15.463  1.000 26.274 0 12  ARG A NH2 1 ? 
ATOM   99   N N   . ARG A 1 14  ? -2.368  5.967   12.679  1.000 11.804 0 13  ARG A N   1 ? 
ATOM   100  C CA  . ARG A 1 14  ? -2.843  4.704   13.230  1.000 12.739 0 13  ARG A CA  1 ? 
ATOM   101  C C   . ARG A 1 14  ? -2.534  3.511   12.341  1.000 11.717 0 13  ARG A C   1 ? 
ATOM   102  O O   . ARG A 1 14  ? -2.617  2.386   12.848  1.000 13.131 0 13  ARG A O   1 ? 
ATOM   103  C CB  . ARG A 1 14  ? -4.337  4.781   13.538  1.000 14.106 0 13  ARG A CB  1 ? 
ATOM   104  C CG  . ARG A 1 14  ? -4.661  5.911   14.513  1.000 15.822 0 13  ARG A CG  1 ? 
ATOM   105  C CD  . ARG A 1 14  ? -6.159  5.966   14.771  1.000 17.716 0 13  ARG A CD  1 ? 
ATOM   106  N NE  . ARG A 1 14  ? -6.551  4.910   15.696  1.000 20.457 0 13  ARG A NE  1 ? 
ATOM   107  C CZ  . ARG A 1 14  ? -7.745  4.829   16.270  1.000 20.734 0 13  ARG A CZ  1 ? 
ATOM   108  N NH1 . ARG A 1 14  ? -8.689  5.703   15.972  1.000 24.537 0 13  ARG A NH1 1 ? 
ATOM   109  N NH2 . ARG A 1 14  ? -7.990  3.853   17.114  1.000 23.356 0 13  ARG A NH2 1 ? 
ATOM   110  N N   . ASN A 1 15  ? -2.210  3.720   11.056  1.000 11.087 0 14  ASN A N   1 ? 
ATOM   111  C CA  . ASN A 1 15  ? -2.209  2.591   10.136  1.000 11.025 0 14  ASN A CA  1 ? 
ATOM   112  C C   . ASN A 1 15  ? -1.010  2.567   9.191   1.000 11.259 0 14  ASN A C   1 ? 
ATOM   113  O O   . ASN A 1 15  ? -0.783  1.528   8.582   1.000 14.023 0 14  ASN A O   1 ? 
ATOM   114  C CB  . ASN A 1 15  ? -3.490  2.539   9.313   1.000 10.643 0 14  ASN A CB  1 ? 
ATOM   115  C CG  . ASN A 1 15  ? -4.693  2.166   10.160  1.000 11.435 0 14  ASN A CG  1 ? 
ATOM   116  O OD1 . ASN A 1 15  ? -5.375  3.050   10.686  1.000 11.958 0 14  ASN A OD1 1 ? 
ATOM   117  N ND2 . ASN A 1 15  ? -4.921  0.864   10.325  1.000 10.023 0 14  ASN A ND2 1 ? 
ATOM   118  N N   . ILE A 1 16  ? -0.265  3.674   9.006   1.000 10.460 0 15  ILE A N   1 ? 
ATOM   119  C CA  . ILE A 1 16  ? 0.745   3.703   7.948   1.000 11.080 0 15  ILE A CA  1 ? 
ATOM   120  C C   . ILE A 1 16  ? 2.123   3.815   8.601   1.000 12.339 0 15  ILE A C   1 ? 
ATOM   121  O O   . ILE A 1 16  ? 2.405   4.771   9.312   1.000 14.319 0 15  ILE A O   1 ? 
ATOM   122  C CB  . ILE A 1 16  ? 0.505   4.836   6.918   1.000 10.878 0 15  ILE A CB  1 ? 
ATOM   123  C CG1 . ILE A 1 16  ? -0.875  4.757   6.261   1.000 11.961 0 15  ILE A CG1 1 ? 
ATOM   124  C CG2 . ILE A 1 16  ? 1.611   4.852   5.858   1.000 10.814 0 15  ILE A CG2 1 ? 
ATOM   125  C CD1 . ILE A 1 16  ? -1.195  5.858   5.265   1.000 12.739 0 15  ILE A CD1 1 ? 
ATOM   126  N N   . ARG A 1 17  ? 2.978   2.806   8.380   1.000 11.139 0 16  ARG A N   1 ? 
ATOM   127  C CA  . ARG A 1 17  ? 4.218   2.664   9.114   1.000 11.051 0 16  ARG A CA  1 ? 
ATOM   128  C C   . ARG A 1 17  ? 5.436   2.729   8.200   1.000 10.193 0 16  ARG A C   1 ? 
ATOM   129  O O   . ARG A 1 17  ? 5.403   2.244   7.070   1.000 10.038 0 16  ARG A O   1 ? 
ATOM   130  C CB  . ARG A 1 17  ? 4.227   1.311   9.833   1.000 11.918 0 16  ARG A CB  1 ? 
ATOM   131  C CG  . ARG A 1 17  ? 3.111   1.109   10.853  1.000 13.482 0 16  ARG A CG  1 ? 
ATOM   132  C CD  . ARG A 1 17  ? 3.312   1.957   12.089  1.000 15.895 0 16  ARG A CD  1 ? 
ATOM   133  N NE  . ARG A 1 17  ? 2.153   1.866   12.973  1.000 20.831 0 16  ARG A NE  1 ? 
ATOM   134  C CZ  . ARG A 1 17  ? 1.278   2.858   13.157  1.000 24.372 0 16  ARG A CZ  1 ? 
ATOM   135  N NH1 . ARG A 1 17  ? 1.303   3.936   12.388  1.000 23.186 0 16  ARG A NH1 1 ? 
ATOM   136  N NH2 . ARG A 1 17  ? 0.379   2.743   14.122  1.000 30.084 0 16  ARG A NH2 1 ? 
ATOM   137  N N   . GLN A 1 18  ? 6.508   3.332   8.713   1.000 10.207 0 17  GLN A N   1 ? 
ATOM   138  C CA  . GLN A 1 18  ? 7.842   3.327   8.083   1.000 10.439 0 17  GLN A CA  1 ? 
ATOM   139  C C   . GLN A 1 18  ? 8.509   1.977   8.313   1.000 10.952 0 17  GLN A C   1 ? 
ATOM   140  O O   . GLN A 1 18  ? 8.568   1.493   9.449   1.000 10.840 0 17  GLN A O   1 ? 
ATOM   141  C CB  . GLN A 1 18  ? 8.755   4.405   8.686   1.000 11.629 0 17  GLN A CB  1 ? 
ATOM   142  C CG  . GLN A 1 18  ? 8.169   5.809   8.710   1.000 12.049 0 17  GLN A CG  1 ? 
ATOM   143  C CD  . GLN A 1 18  ? 9.021   6.856   9.404   1.000 14.074 0 17  GLN A CD  1 ? 
ATOM   144  O OE1 . GLN A 1 18  ? 10.079  6.560   9.953   1.000 16.286 0 17  GLN A OE1 1 ? 
ATOM   145  N NE2 . GLN A 1 18  ? 8.601   8.108   9.307   1.000 15.039 0 17  GLN A NE2 1 ? 
ATOM   146  N N   . VAL A 1 19  ? 8.957   1.339   7.229   1.000 10.245 0 18  VAL A N   1 ? 
ATOM   147  C CA  . VAL A 1 19  ? 9.585   0.030   7.366   1.000 10.579 0 18  VAL A CA  1 ? 
ATOM   148  C C   . VAL A 1 19  ? 10.869  -0.017  6.555   1.000 10.793 0 18  VAL A C   1 ? 
ATOM   149  O O   . VAL A 1 19  ? 11.105  0.781   5.657   1.000 10.814 0 18  VAL A O   1 ? 
ATOM   150  C CB  . VAL A 1 19  ? 8.657   -1.147  7.011   1.000 10.767 0 18  VAL A CB  1 ? 
ATOM   151  C CG1 . VAL A 1 19  ? 7.369   -1.134  7.800   1.000 10.577 0 18  VAL A CG1 1 ? 
ATOM   152  C CG2 . VAL A 1 19  ? 8.357   -1.215  5.508   1.000 11.743 0 18  VAL A CG2 1 ? 
ATOM   153  N N   . GLN A 1 20  ? 11.720  -0.981  6.930   1.000 11.507 0 19  GLN A N   1 ? 
ATOM   154  C CA  . GLN A 1 20  ? 12.904  -1.326  6.174   1.000 13.146 0 19  GLN A CA  1 ? 
ATOM   155  C C   . GLN A 1 20  ? 13.042  -2.836  6.057   1.000 12.387 0 19  GLN A C   1 ? 
ATOM   156  O O   . GLN A 1 20  ? 12.853  -3.561  7.027   1.000 13.090 0 19  GLN A O   1 ? 
ATOM   157  C CB  . GLN A 1 20  ? 14.186  -0.780  6.812   1.000 14.777 0 19  GLN A CB  1 ? 
ATOM   158  C CG  . GLN A 1 20  ? 14.290  0.731   6.881   1.000 16.632 0 19  GLN A CG  1 ? 
ATOM   159  C CD  . GLN A 1 20  ? 15.503  1.181   7.656   1.000 17.499 0 19  GLN A CD  1 ? 
ATOM   160  O OE1 . GLN A 1 20  ? 16.624  0.776   7.331   1.000 17.932 0 19  GLN A OE1 1 ? 
ATOM   161  N NE2 . GLN A 1 20  ? 15.277  2.017   8.676   1.000 16.513 0 19  GLN A NE2 1 ? 
ATOM   162  N N   . THR A 1 21  ? 13.324  -3.288  4.840   1.000 13.489 0 20  THR A N   1 ? 
ATOM   163  C CA  . THR A 1 21  ? 13.713  -4.674  4.599   1.000 15.524 0 20  THR A CA  1 ? 
ATOM   164  C C   . THR A 1 21  ? 15.136  -4.665  4.046   1.000 15.516 0 20  THR A C   1 ? 
ATOM   165  O O   . THR A 1 21  ? 15.707  -3.615  3.800   1.000 16.827 0 20  THR A O   1 ? 
ATOM   166  C CB  . THR A 1 21  ? 12.735  -5.348  3.625   1.000 14.627 0 20  THR A CB  1 ? 
ATOM   167  O OG1 . THR A 1 21  ? 13.008  -4.806  2.324   1.000 14.186 0 20  THR A OG1 1 ? 
ATOM   168  C CG2 . THR A 1 21  ? 11.288  -5.185  4.054   1.000 14.257 0 20  THR A CG2 1 ? 
ATOM   169  N N   . ASP A 1 22  ? 15.659  -5.838  3.654   1.000 18.152 0 21  ASP A N   1 ? 
ATOM   170  C CA  . ASP A 1 22  ? 16.940  -5.871  2.954   1.000 18.906 0 21  ASP A CA  1 ? 
ATOM   171  C C   . ASP A 1 22  ? 16.893  -5.165  1.591   1.000 19.988 0 21  ASP A C   1 ? 
ATOM   172  O O   . ASP A 1 22  ? 17.932  -4.791  1.068   1.000 21.889 0 21  ASP A O   1 ? 
ATOM   173  C CB  . ASP A 1 22  ? 17.396  -7.331  2.768   1.000 21.823 0 21  ASP A CB  1 ? 
ATOM   174  C CG  . ASP A 1 22  ? 17.809  -8.062  4.044   1.000 24.029 0 21  ASP A CG  1 ? 
ATOM   175  O OD1 . ASP A 1 22  ? 17.982  -7.417  5.108   1.000 28.092 0 21  ASP A OD1 1 ? 
ATOM   176  O OD2 . ASP A 1 22  ? 17.981  -9.287  3.973   1.000 28.059 0 21  ASP A OD2 1 ? 
ATOM   177  N N   . GLN A 1 23  ? 15.698  -4.950  0.979   1.000 18.781 0 22  GLN A N   1 ? 
ATOM   178  C CA  . GLN A 1 23  ? 15.578  -4.207  -0.271  1.000 19.159 0 22  GLN A CA  1 ? 
ATOM   179  C C   . GLN A 1 23  ? 15.490  -2.688  -0.069  1.000 19.132 0 22  GLN A C   1 ? 
ATOM   180  O O   . GLN A 1 23  ? 15.432  -1.961  -1.051  1.000 22.798 0 22  GLN A O   1 ? 
ATOM   181  C CB  . GLN A 1 23  ? 14.341  -4.670  -1.056  1.000 21.725 0 22  GLN A CB  1 ? 
ATOM   182  C CG  . GLN A 1 23  ? 14.412  -6.117  -1.513  1.000 25.940 0 22  GLN A CG  1 ? 
ATOM   183  C CD  . GLN A 1 23  ? 15.656  -6.379  -2.337  1.000 28.299 0 22  GLN A CD  1 ? 
ATOM   184  O OE1 . GLN A 1 23  ? 16.503  -7.177  -1.948  1.000 34.202 0 22  GLN A OE1 1 ? 
ATOM   185  N NE2 . GLN A 1 23  ? 15.793  -5.674  -3.450  1.000 25.005 0 22  GLN A NE2 1 ? 
ATOM   186  N N   . GLY A 1 24  ? 15.432  -2.203  1.180   1.000 17.715 0 23  GLY A N   1 ? 
ATOM   187  C CA  . GLY A 1 24  ? 15.456  -0.772  1.479   1.000 17.317 0 23  GLY A CA  1 ? 
ATOM   188  C C   . GLY A 1 24  ? 14.194  -0.290  2.208   1.000 15.435 0 23  GLY A C   1 ? 
ATOM   189  O O   . GLY A 1 24  ? 13.607  -1.033  2.982   1.000 14.476 0 23  GLY A O   1 ? 
ATOM   190  N N   . HIS A 1 25  ? 13.840  0.986   1.970   1.000 15.170 0 24  HIS A N   1 ? 
ATOM   191  C CA  . HIS A 1 25  ? 12.835  1.734   2.718   1.000 13.813 0 24  HIS A CA  1 ? 
ATOM   192  C C   . HIS A 1 25  ? 11.497  1.655   2.000   1.000 13.355 0 24  HIS A C   1 ? 
ATOM   193  O O   . HIS A 1 25  ? 11.427  1.863   0.781   1.000 14.611 0 24  HIS A O   1 ? 
ATOM   194  C CB  . HIS A 1 25  ? 13.250  3.212   2.902   1.000 14.654 0 24  HIS A CB  1 ? 
ATOM   195  C CG  . HIS A 1 25  ? 14.394  3.393   3.844   1.000 14.705 0 24  HIS A CG  1 ? 
ATOM   196  N ND1 . HIS A 1 25  ? 14.187  3.692   5.175   1.000 14.587 0 24  HIS A ND1 1 ? 
ATOM   197  C CD2 . HIS A 1 25  ? 15.743  3.311   3.679   1.000 18.612 0 24  HIS A CD2 1 ? 
ATOM   198  C CE1 . HIS A 1 25  ? 15.373  3.768   5.790   1.000 19.724 0 24  HIS A CE1 1 ? 
ATOM   199  N NE2 . HIS A 1 25  ? 16.320  3.527   4.918   1.000 19.438 0 24  HIS A NE2 1 ? 
ATOM   200  N N   . PHE A 1 26  ? 10.425  1.325   2.740   1.000 11.827 0 25  PHE A N   1 ? 
ATOM   201  C CA  . PHE A 1 26  ? 9.089   1.201   2.148   1.000 10.686 0 25  PHE A CA  1 ? 
ATOM   202  C C   . PHE A 1 26  ? 8.057   1.734   3.132   1.000 9.993  0 25  PHE A C   1 ? 
ATOM   203  O O   . PHE A 1 26  ? 8.354   1.909   4.318   1.000 9.387  0 25  PHE A O   1 ? 
ATOM   204  C CB  . PHE A 1 26  ? 8.728   -0.255  1.827   1.000 11.263 0 25  PHE A CB  1 ? 
ATOM   205  C CG  . PHE A 1 26  ? 9.669   -0.887  0.826   1.000 12.543 0 25  PHE A CG  1 ? 
ATOM   206  C CD1 . PHE A 1 26  ? 10.810  -1.535  1.243   1.000 11.967 0 25  PHE A CD1 1 ? 
ATOM   207  C CD2 . PHE A 1 26  ? 9.451   -0.767  -0.538  1.000 13.521 0 25  PHE A CD2 1 ? 
ATOM   208  C CE1 . PHE A 1 26  ? 11.733  -2.011  0.311   1.000 13.112 0 25  PHE A CE1 1 ? 
ATOM   209  C CE2 . PHE A 1 26  ? 10.359  -1.277  -1.464  1.000 14.202 0 25  PHE A CE2 1 ? 
ATOM   210  C CZ  . PHE A 1 26  ? 11.510  -1.878  -1.040  1.000 12.739 0 25  PHE A CZ  1 ? 
ATOM   211  N N   . THR A 1 27  ? 6.856   1.999   2.604   1.000 9.506  0 26  THR A N   1 ? 
ATOM   212  C CA  . THR A 1 27  ? 5.677   2.322   3.392   1.000 9.464  0 26  THR A CA  1 ? 
ATOM   213  C C   . THR A 1 27  ? 4.844   1.047   3.562   1.000 9.878  0 26  THR A C   1 ? 
ATOM   214  O O   . THR A 1 27  ? 4.676   0.282   2.607   1.000 10.556 0 26  THR A O   1 ? 
ATOM   215  C CB  . THR A 1 27  ? 4.866   3.396   2.679   1.000 9.513  0 26  THR A CB  1 ? 
ATOM   216  O OG1 . THR A 1 27  ? 5.679   4.565   2.503   1.000 9.630  0 26  THR A OG1 1 ? 
ATOM   217  C CG2 . THR A 1 27  ? 3.588   3.772   3.403   1.000 9.780  0 26  THR A CG2 1 ? 
ATOM   218  N N   . MET A 1 28  ? 4.356   0.788   4.781   1.000 9.656  0 27  MET A N   1 ? 
ATOM   219  C CA  . MET A 1 28  ? 3.532   -0.388  5.059   1.000 10.651 0 27  MET A CA  1 ? 
ATOM   220  C C   . MET A 1 28  ? 2.154   0.050   5.552   1.000 10.127 0 27  MET A C   1 ? 
ATOM   221  O O   . MET A 1 28  ? 2.073   0.930   6.414   1.000 11.615 0 27  MET A O   1 ? 
ATOM   222  C CB  . MET A 1 28  ? 4.186   -1.243  6.145   1.000 12.272 0 27  MET A CB  1 ? 
ATOM   223  C CG  . MET A 1 28  ? 3.400   -2.536  6.453   1.000 12.543 0 27  MET A CG  1 ? 
ATOM   224  S SD  . MET A 1 28  ? 4.323   -3.702  7.565   1.000 12.162 0 27  MET A SD  1 ? 
ATOM   225  C CE  . MET A 1 28  ? 4.149   -2.749  9.061   1.000 12.570 0 27  MET A CE  1 ? 
ATOM   226  N N   . LEU A 1 29  ? 1.088   -0.579  5.030   1.000 9.463  0 28  LEU A N   1 ? 
ATOM   227  C CA  . LEU A 1 29  ? -0.268  -0.346  5.532   1.000 9.055  0 28  LEU A CA  1 ? 
ATOM   228  C C   . LEU A 1 29  ? -0.743  -1.463  6.460   1.000 9.422  0 28  LEU A C   1 ? 
ATOM   229  O O   . LEU A 1 29  ? -0.919  -2.597  6.022   1.000 9.833  0 28  LEU A O   1 ? 
ATOM   230  C CB  . LEU A 1 29  ? -1.222  -0.170  4.363   1.000 9.127  0 28  LEU A CB  1 ? 
ATOM   231  C CG  . LEU A 1 29  ? -2.694  0.081   4.739   1.000 8.955  0 28  LEU A CG  1 ? 
ATOM   232  C CD1 . LEU A 1 29  ? -2.870  1.425   5.402   1.000 9.504  0 28  LEU A CD1 1 ? 
ATOM   233  C CD2 . LEU A 1 29  ? -3.601  -0.077  3.516   1.000 9.975  0 28  LEU A CD2 1 ? 
ATOM   234  N N   . GLY A 1 30  ? -0.953  -1.150  7.745   1.000 9.758  0 29  GLY A N   1 ? 
ATOM   235  C CA  . GLY A 1 30  ? -1.598  -2.065  8.664   1.000 9.978  0 29  GLY A CA  1 ? 
ATOM   236  C C   . GLY A 1 30  ? -3.109  -1.986  8.507   1.000 11.180 0 29  GLY A C   1 ? 
ATOM   237  O O   . GLY A 1 30  ? -3.644  -0.877  8.476   1.000 11.073 0 29  GLY A O   1 ? 
ATOM   238  N N   . VAL A 1 31  ? -3.770  -3.147  8.353   1.000 10.565 0 30  VAL A N   1 ? 
ATOM   239  C CA  . VAL A 1 31  ? -5.175  -3.181  7.972   1.000 11.027 0 30  VAL A CA  1 ? 
ATOM   240  C C   . VAL A 1 31  ? -6.079  -3.552  9.150   1.000 12.144 0 30  VAL A C   1 ? 
ATOM   241  O O   . VAL A 1 31  ? -7.085  -2.897  9.336   1.000 13.049 0 30  VAL A O   1 ? 
ATOM   242  C CB  . VAL A 1 31  ? -5.384  -4.097  6.746   1.000 12.261 0 30  VAL A CB  1 ? 
ATOM   243  C CG1 . VAL A 1 31  ? -6.852  -4.303  6.463   1.000 13.709 0 30  VAL A CG1 1 ? 
ATOM   244  C CG2 . VAL A 1 31  ? -4.669  -3.555  5.513   1.000 12.745 0 30  VAL A CG2 1 ? 
ATOM   245  N N   . ARG A 1 32  ? -5.770  -4.617  9.889   1.000 12.098 0 31  ARG A N   1 ? 
ATOM   246  C CA  . ARG A 1 32  ? -6.544  -4.993  11.062  1.000 13.215 0 31  ARG A CA  1 ? 
ATOM   247  C C   . ARG A 1 32  ? -5.693  -5.951  11.869  1.000 14.169 0 31  ARG A C   1 ? 
ATOM   248  O O   . ARG A 1 32  ? -4.814  -6.583  11.296  1.000 13.391 0 31  ARG A O   1 ? 
ATOM   249  C CB  . ARG A 1 32  ? -7.870  -5.670  10.685  1.000 14.028 0 31  ARG A CB  1 ? 
ATOM   250  C CG  . ARG A 1 32  ? -7.716  -6.942  9.856   1.000 15.706 0 31  ARG A CG  1 ? 
ATOM   251  C CD  . ARG A 1 32  ? -8.974  -7.794  9.814   1.000 16.804 0 31  ARG A CD  1 ? 
ATOM   252  N NE  . ARG A 1 32  ? -8.865  -9.017  9.049   1.000 17.888 0 31  ARG A NE  1 ? 
ATOM   253  C CZ  . ARG A 1 32  ? -8.180  -10.110 9.413   1.000 18.023 0 31  ARG A CZ  1 ? 
ATOM   254  N NH1 . ARG A 1 32  ? -7.700  -10.231 10.640  1.000 18.598 0 31  ARG A NH1 1 ? 
ATOM   255  N NH2 . ARG A 1 32  ? -8.041  -11.117 8.564   1.000 16.535 0 31  ARG A NH2 1 ? 
ATOM   256  N N   . ASP A 1 33  ? -5.963  -6.077  13.169  1.000 14.367 0 32  ASP A N   1 ? 
ATOM   257  C CA  . ASP A 1 33  ? -5.303  -7.143  13.943  1.000 15.691 0 32  ASP A CA  1 ? 
ATOM   258  C C   . ASP A 1 33  ? -3.786  -7.035  13.743  1.000 14.054 0 32  ASP A C   1 ? 
ATOM   259  O O   . ASP A 1 33  ? -3.209  -5.982  13.991  1.000 15.516 0 32  ASP A O   1 ? 
ATOM   260  C CB  . ASP A 1 33  ? -5.898  -8.506  13.600  1.000 17.171 0 32  ASP A CB  1 ? 
ATOM   261  C CG  . ASP A 1 33  ? -7.370  -8.627  13.959  1.000 21.592 0 32  ASP A CG  1 ? 
ATOM   262  O OD1 . ASP A 1 33  ? -7.661  -8.543  15.176  1.000 24.127 0 32  ASP A OD1 1 ? 
ATOM   263  O OD2 . ASP A 1 33  ? -8.217  -8.836  13.021  1.000 20.682 0 32  ASP A OD2 1 ? 
ATOM   264  N N   . ARG A 1 34  ? -3.123  -8.132  13.337  1.000 16.359 0 33  ARG A N   1 ? 
ATOM   265  C CA  . ARG A 1 34  ? -1.674  -8.105  13.134  1.000 16.176 0 33  ARG A CA  1 ? 
ATOM   266  C C   . ARG A 1 34  ? -1.361  -8.295  11.644  1.000 12.786 0 33  ARG A C   1 ? 
ATOM   267  O O   . ARG A 1 34  ? -0.216  -8.629  11.268  1.000 12.881 0 33  ARG A O   1 ? 
ATOM   268  C CB  . ARG A 1 34  ? -0.984  -9.162  14.005  1.000 19.642 0 33  ARG A CB  1 ? 
ATOM   269  C CG  . ARG A 1 34  ? -0.689  -8.697  15.427  1.000 23.372 0 33  ARG A CG  1 ? 
ATOM   270  C CD  . ARG A 1 34  ? -1.924  -8.375  16.213  1.000 31.605 0 33  ARG A CD  1 ? 
ATOM   271  N NE  . ARG A 1 34  ? -1.762  -8.340  17.667  1.000 37.186 0 33  ARG A NE  1 ? 
ATOM   272  C CZ  . ARG A 1 34  ? -2.579  -8.963  18.513  1.000 45.367 0 33  ARG A CZ  1 ? 
ATOM   273  N NH1 . ARG A 1 34  ? -3.602  -9.667  18.055  1.000 49.161 0 33  ARG A NH1 1 ? 
ATOM   274  N NH2 . ARG A 1 34  ? -2.365  -8.884  19.814  1.000 52.944 0 33  ARG A NH2 1 ? 
ATOM   275  N N   . LEU A 1 35  ? -2.348  -7.944  10.804  1.000 11.893 0 34  LEU A N   1 ? 
ATOM   276  C CA  . LEU A 1 35  ? -2.273  -8.108  9.351   1.000 11.677 0 34  LEU A CA  1 ? 
ATOM   277  C C   . LEU A 1 35  ? -1.947  -6.792  8.669   1.000 10.819 0 34  LEU A C   1 ? 
ATOM   278  O O   . LEU A 1 35  ? -2.652  -5.813  8.860   1.000 11.218 0 34  LEU A O   1 ? 
ATOM   279  C CB  . LEU A 1 35  ? -3.611  -8.626  8.842   1.000 13.213 0 34  LEU A CB  1 ? 
ATOM   280  C CG  . LEU A 1 35  ? -3.732  -8.854  7.339   1.000 13.869 0 34  LEU A CG  1 ? 
ATOM   281  C CD1 . LEU A 1 35  ? -2.780  -9.928  6.846   1.000 14.573 0 34  LEU A CD1 1 ? 
ATOM   282  C CD2 . LEU A 1 35  ? -5.154  -9.245  7.006   1.000 15.459 0 34  LEU A CD2 1 ? 
ATOM   283  N N   . ALA A 1 36  ? -0.865  -6.800  7.878   1.000 10.613 0 35  ALA A N   1 ? 
ATOM   284  C CA  . ALA A 1 36  ? -0.452  -5.639  7.100   1.000 9.970  0 35  ALA A CA  1 ? 
ATOM   285  C C   . ALA A 1 36  ? -0.185  -6.054  5.652   1.000 9.550  0 35  ALA A C   1 ? 
ATOM   286  O O   . ALA A 1 36  ? -0.109  -7.236  5.335   1.000 10.370 0 35  ALA A O   1 ? 
ATOM   287  C CB  . ALA A 1 36  ? 0.772   -4.996  7.734   1.000 9.335  0 35  ALA A CB  1 ? 
ATOM   288  N N   . VAL A 1 37  ? -0.132  -5.050  4.773   1.000 9.675  0 36  VAL A N   1 ? 
ATOM   289  C CA  . VAL A 1 37  ? 0.212   -5.259  3.377   1.000 10.391 0 36  VAL A CA  1 ? 
ATOM   290  C C   . VAL A 1 37  ? 1.435   -4.408  2.992   1.000 10.106 0 36  VAL A C   1 ? 
ATOM   291  O O   . VAL A 1 37  ? 1.611   -3.292  3.490   1.000 10.610 0 36  VAL A O   1 ? 
ATOM   292  C CB  . VAL A 1 37  ? -1.013  -5.014  2.478   1.000 11.316 0 36  VAL A CB  1 ? 
ATOM   293  C CG1 . VAL A 1 37  ? -1.517  -3.586  2.537   1.000 11.853 0 36  VAL A CG1 1 ? 
ATOM   294  C CG2 . VAL A 1 37  ? -0.751  -5.455  1.027   1.000 12.439 0 36  VAL A CG2 1 ? 
ATOM   295  N N   . LEU A 1 38  ? 2.281   -5.037  2.142   1.000 10.292 0 37  LEU A N   1 ? 
ATOM   296  C CA  . LEU A 1 38  ? 3.507   -4.481  1.575   1.000 11.003 0 37  LEU A CA  1 ? 
ATOM   297  C C   . LEU A 1 38  ? 3.478   -4.592  0.057   1.000 11.110 0 37  LEU A C   1 ? 
ATOM   298  O O   . LEU A 1 38  ? 2.914   -5.543  -0.470  1.000 11.756 0 37  LEU A O   1 ? 
ATOM   299  C CB  . LEU A 1 38  ? 4.713   -5.276  2.097   1.000 11.510 0 37  LEU A CB  1 ? 
ATOM   300  C CG  . LEU A 1 38  ? 5.069   -5.038  3.559   1.000 12.800 0 37  LEU A CG  1 ? 
ATOM   301  C CD1 . LEU A 1 38  ? 5.991   -6.126  4.109   1.000 13.813 0 37  LEU A CD1 1 ? 
ATOM   302  C CD2 . LEU A 1 38  ? 5.723   -3.681  3.725   1.000 13.264 0 37  LEU A CD2 1 ? 
ATOM   303  N N   . PRO A 1 39  ? 4.216   -3.723  -0.659  1.000 11.760 0 38  PRO A N   1 ? 
ATOM   304  C CA  . PRO A 1 39  ? 4.509   -3.960  -2.073  1.000 12.382 0 38  PRO A CA  1 ? 
ATOM   305  C C   . PRO A 1 39  ? 5.406   -5.194  -2.187  1.000 13.689 0 38  PRO A C   1 ? 
ATOM   306  O O   . PRO A 1 39  ? 6.340   -5.377  -1.401  1.000 12.677 0 38  PRO A O   1 ? 
ATOM   307  C CB  . PRO A 1 39  ? 5.218   -2.649  -2.484  1.000 12.927 0 38  PRO A CB  1 ? 
ATOM   308  C CG  . PRO A 1 39  ? 5.945   -2.227  -1.245  1.000 13.337 0 38  PRO A CG  1 ? 
ATOM   309  C CD  . PRO A 1 39  ? 5.005   -2.604  -0.119  1.000 12.109 0 38  PRO A CD  1 ? 
ATOM   310  N N   . ARG A 1 40  ? 5.127   -6.070  -3.165  1.000 14.431 0 39  ARG A N   1 ? 
ATOM   311  C CA  . ARG A 1 40  ? 5.865   -7.316  -3.306  1.000 15.684 0 39  ARG A CA  1 ? 
ATOM   312  C C   . ARG A 1 40  ? 7.383   -7.078  -3.426  1.000 16.421 0 39  ARG A C   1 ? 
ATOM   313  O O   . ARG A 1 40  ? 8.135   -7.882  -2.877  1.000 16.872 0 39  ARG A O   1 ? 
ATOM   314  C CB  . ARG A 1 40  ? 5.326   -8.135  -4.495  1.000 17.249 0 39  ARG A CB  1 ? 
ATOM   315  C CG  . ARG A 1 40  ? 5.799   -9.590  -4.522  1.000 20.674 0 39  ARG A CG  1 ? 
ATOM   316  C CD  . ARG A 1 40  ? 5.764   -10.244 -5.911  1.000 24.445 0 39  ARG A CD  1 ? 
ATOM   317  N NE  . ARG A 1 40  ? 6.348   -9.330  -6.902  1.000 28.567 0 39  ARG A NE  1 ? 
ATOM   318  C CZ  . ARG A 1 40  ? 7.645   -9.002  -7.020  1.000 34.006 0 39  ARG A CZ  1 ? 
ATOM   319  N NH1 . ARG A 1 40  ? 8.595   -9.691  -6.389  1.000 38.867 0 39  ARG A NH1 1 ? 
ATOM   320  N NH2 . ARG A 1 40  ? 7.996   -7.968  -7.773  1.000 35.540 0 39  ARG A NH2 1 ? 
ATOM   321  N N   . HIS A 1 41  ? 7.806   -5.981  -4.072  1.000 18.382 0 40  HIS A N   1 ? 
ATOM   322  C CA  . HIS A 1 41  ? 9.227   -5.702  -4.321  1.000 22.444 0 40  HIS A CA  1 ? 
ATOM   323  C C   . HIS A 1 41  ? 10.010  -5.597  -3.013  1.000 19.258 0 40  HIS A C   1 ? 
ATOM   324  O O   . HIS A 1 41  ? 11.248  -5.725  -3.002  1.000 20.545 0 40  HIS A O   1 ? 
ATOM   325  C CB  . HIS A 1 41  ? 9.429   -4.440  -5.208  1.000 26.240 0 40  HIS A CB  1 ? 
ATOM   326  C CG  . HIS A 1 41  ? 10.880  -4.141  -5.499  1.000 33.724 0 40  HIS A CG  1 ? 
ATOM   327  N ND1 . HIS A 1 41  ? 11.567  -3.039  -5.017  1.000 37.507 0 40  HIS A ND1 1 ? 
ATOM   328  C CD2 . HIS A 1 41  ? 11.795  -4.860  -6.193  1.000 34.621 0 40  HIS A CD2 1 ? 
ATOM   329  C CE1 . HIS A 1 41  ? 12.836  -3.081  -5.420  1.000 35.643 0 40  HIS A CE1 1 ? 
ATOM   330  N NE2 . HIS A 1 41  ? 12.998  -4.179  -6.139  1.000 40.382 0 40  HIS A NE2 1 ? 
ATOM   331  N N   . SER A 1 42  ? 9.324   -5.377  -1.886  1.000 16.482 0 41  SER A N   1 ? 
ATOM   332  C CA  . SER A 1 42  ? 10.014  -5.215  -0.617  1.000 16.036 0 41  SER A CA  1 ? 
ATOM   333  C C   . SER A 1 42  ? 10.628  -6.543  -0.138  1.000 16.728 0 41  SER A C   1 ? 
ATOM   334  O O   . SER A 1 42  ? 11.554  -6.532  0.700   1.000 16.882 0 41  SER A O   1 ? 
ATOM   335  C CB  . SER A 1 42  ? 9.080   -4.612  0.450   1.000 16.687 0 41  SER A CB  1 ? 
ATOM   336  O OG  . SER A 1 42  ? 8.016   -5.492  0.782   1.000 14.881 0 41  SER A OG  1 ? 
ATOM   337  N N   . GLN A 1 43  ? 10.106  -7.680  -0.640  1.000 15.808 0 42  GLN A N   1 ? 
ATOM   338  C CA  . GLN A 1 43  ? 10.625  -9.017  -0.332  1.000 18.266 0 42  GLN A CA  1 ? 
ATOM   339  C C   . GLN A 1 43  ? 10.952  -9.178  1.163   1.000 17.419 0 42  GLN A C   1 ? 
ATOM   340  O O   . GLN A 1 43  ? 12.098  -9.439  1.543   1.000 18.448 0 42  GLN A O   1 ? 
ATOM   341  C CB  . GLN A 1 43  ? 11.856  -9.289  -1.212  1.000 19.404 0 42  GLN A CB  1 ? 
ATOM   342  C CG  . GLN A 1 43  ? 11.518  -9.227  -2.701  1.000 24.660 0 42  GLN A CG  1 ? 
ATOM   343  C CD  . GLN A 1 43  ? 12.702  -8.935  -3.598  1.000 30.681 0 42  GLN A CD  1 ? 
ATOM   344  O OE1 . GLN A 1 43  ? 12.794  -7.883  -4.242  1.000 36.503 0 42  GLN A OE1 1 ? 
ATOM   345  N NE2 . GLN A 1 43  ? 13.622  -9.881  -3.650  1.000 32.966 0 42  GLN A NE2 1 ? 
ATOM   346  N N   . PRO A 1 44  ? 9.956   -9.072  2.062   1.000 17.560 0 43  PRO A N   1 ? 
ATOM   347  C CA  . PRO A 1 44  ? 10.190  -9.223  3.503   1.000 17.336 0 43  PRO A CA  1 ? 
ATOM   348  C C   . PRO A 1 44  ? 10.777  -10.602 3.823   1.000 19.546 0 43  PRO A C   1 ? 
ATOM   349  O O   . PRO A 1 44  ? 10.398  -11.605 3.210   1.000 19.500 0 43  PRO A O   1 ? 
ATOM   350  C CB  . PRO A 1 44  ? 8.785   -9.077  4.109   1.000 19.572 0 43  PRO A CB  1 ? 
ATOM   351  C CG  . PRO A 1 44  ? 7.861   -9.382  2.982   1.000 17.955 0 43  PRO A CG  1 ? 
ATOM   352  C CD  . PRO A 1 44  ? 8.542   -8.811  1.761   1.000 17.250 0 43  PRO A CD  1 ? 
ATOM   353  N N   . GLY A 1 45  ? 11.747  -10.596 4.734   1.000 21.017 0 44  GLY A N   1 ? 
ATOM   354  C CA  . GLY A 1 45  ? 12.362  -11.818 5.261   1.000 21.176 0 44  GLY A CA  1 ? 
ATOM   355  C C   . GLY A 1 45  ? 11.653  -12.344 6.515   1.000 21.321 0 44  GLY A C   1 ? 
ATOM   356  O O   . GLY A 1 45  ? 10.422  -12.257 6.678   1.000 18.411 0 44  GLY A O   1 ? 
ATOM   357  N N   . LYS A 1 46  ? 12.440  -12.934 7.429   1.000 17.439 0 45  LYS A N   1 ? 
ATOM   358  C CA  . LYS A 1 46  ? 11.846  -13.500 8.627   1.000 19.401 0 45  LYS A CA  1 ? 
ATOM   359  C C   . LYS A 1 46  ? 11.545  -12.391 9.634   1.000 16.630 0 45  LYS A C   1 ? 
ATOM   360  O O   . LYS A 1 46  ? 10.795  -12.623 10.577  1.000 17.146 0 45  LYS A O   1 ? 
ATOM   361  C CB  . LYS A 1 46  ? 12.727  -14.546 9.340   1.000 22.040 0 45  LYS A CB  1 ? 
ATOM   362  C CG  . LYS A 1 46  ? 13.276  -15.700 8.513   1.000 32.420 0 45  LYS A CG  1 ? 
ATOM   363  C CD  . LYS A 1 46  ? 12.535  -16.034 7.238   1.000 41.582 0 45  LYS A CD  1 ? 
ATOM   364  C CE  . LYS A 1 46  ? 11.126  -16.543 7.437   1.000 50.982 0 45  LYS A CE  1 ? 
ATOM   365  N NZ  . LYS A 1 46  ? 11.105  -18.025 7.445   1.000 56.865 0 45  LYS A NZ  1 ? 
ATOM   366  N N   . THR A 1 47  ? 12.274  -11.274 9.529   1.000 15.340 0 46  THR A N   1 ? 
ATOM   367  C CA  . THR A 1 47  ? 12.052  -10.091 10.372  1.000 14.718 0 46  THR A CA  1 ? 
ATOM   368  C C   . THR A 1 47  ? 11.998  -8.857  9.469   1.000 13.829 0 46  THR A C   1 ? 
ATOM   369  O O   . THR A 1 47  ? 12.549  -8.856  8.369   1.000 14.648 0 46  THR A O   1 ? 
ATOM   370  C CB  . THR A 1 47  ? 13.140  -9.901  11.447  1.000 15.076 0 46  THR A CB  1 ? 
ATOM   371  O OG1 . THR A 1 47  ? 14.434  -9.800  10.819  1.000 14.833 0 46  THR A OG1 1 ? 
ATOM   372  C CG2 . THR A 1 47  ? 13.135  -11.025 12.484  1.000 15.667 0 46  THR A CG2 1 ? 
ATOM   373  N N   . ILE A 1 48  ? 11.315  -7.830  9.957   1.000 13.547 0 47  ILE A N   1 ? 
ATOM   374  C CA  . ILE A 1 48  ? 11.162  -6.564  9.258   1.000 12.890 0 47  ILE A CA  1 ? 
ATOM   375  C C   . ILE A 1 48  ? 11.315  -5.468  10.310  1.000 11.737 0 47  ILE A C   1 ? 
ATOM   376  O O   . ILE A 1 48  ? 10.852  -5.604  11.438  1.000 13.357 0 47  ILE A O   1 ? 
ATOM   377  C CB  . ILE A 1 48  ? 9.812   -6.478  8.497   1.000 12.917 0 47  ILE A CB  1 ? 
ATOM   378  C CG1 . ILE A 1 48  ? 9.663   -5.174  7.723   1.000 13.328 0 47  ILE A CG1 1 ? 
ATOM   379  C CG2 . ILE A 1 48  ? 8.632   -6.685  9.416   1.000 13.100 0 47  ILE A CG2 1 ? 
ATOM   380  C CD1 . ILE A 1 48  ? 8.512   -5.182  6.675   1.000 14.211 0 47  ILE A CD1 1 ? 
ATOM   381  N N   . TRP A 1 49  ? 11.994  -4.390  9.920   1.000 12.056 0 48  TRP A N   1 ? 
ATOM   382  C CA  . TRP A 1 49  ? 12.136  -3.212  10.777  1.000 12.355 0 48  TRP A CA  1 ? 
ATOM   383  C C   . TRP A 1 49  ? 10.886  -2.345  10.643  1.000 12.867 0 48  TRP A C   1 ? 
ATOM   384  O O   . TRP A 1 49  ? 10.615  -1.876  9.539   1.000 11.838 0 48  TRP A O   1 ? 
ATOM   385  C CB  . TRP A 1 49  ? 13.387  -2.420  10.387  1.000 12.706 0 48  TRP A CB  1 ? 
ATOM   386  C CG  . TRP A 1 49  ? 13.667  -1.236  11.268  1.000 13.412 0 48  TRP A CG  1 ? 
ATOM   387  C CD1 . TRP A 1 49  ? 13.418  0.084   10.998  1.000 13.947 0 48  TRP A CD1 1 ? 
ATOM   388  C CD2 . TRP A 1 49  ? 14.312  -1.266  12.549  1.000 13.601 0 48  TRP A CD2 1 ? 
ATOM   389  N NE1 . TRP A 1 49  ? 13.809  0.870   12.050  1.000 14.565 0 48  TRP A NE1 1 ? 
ATOM   390  C CE2 . TRP A 1 49  ? 14.370  0.073   13.017  1.000 14.543 0 48  TRP A CE2 1 ? 
ATOM   391  C CE3 . TRP A 1 49  ? 14.869  -2.289  13.323  1.000 14.025 0 48  TRP A CE3 1 ? 
ATOM   392  C CZ2 . TRP A 1 49  ? 14.953  0.405   14.243  1.000 15.590 0 48  TRP A CZ2 1 ? 
ATOM   393  C CZ3 . TRP A 1 49  ? 15.376  -1.964  14.564  1.000 15.048 0 48  TRP A CZ3 1 ? 
ATOM   394  C CH2 . TRP A 1 49  ? 15.428  -0.638  15.009  1.000 14.982 0 48  TRP A CH2 1 ? 
ATOM   395  N N   . VAL A 1 50  ? 10.185  -2.125  11.755  1.000 12.788 0 49  VAL A N   1 ? 
ATOM   396  C CA  . VAL A 1 50  ? 8.944   -1.344  11.776  1.000 13.576 0 49  VAL A CA  1 ? 
ATOM   397  C C   . VAL A 1 50  ? 9.127   -0.190  12.762  1.000 14.101 0 49  VAL A C   1 ? 
ATOM   398  O O   . VAL A 1 50  ? 9.111   -0.404  13.970  1.000 12.153 0 49  VAL A O   1 ? 
ATOM   399  C CB  . VAL A 1 50  ? 7.699   -2.184  12.103  1.000 14.137 0 49  VAL A CB  1 ? 
ATOM   400  C CG1 . VAL A 1 50  ? 6.413   -1.376  12.002  1.000 13.994 0 49  VAL A CG1 1 ? 
ATOM   401  C CG2 . VAL A 1 50  ? 7.601   -3.423  11.228  1.000 15.329 0 49  VAL A CG2 1 ? 
ATOM   402  N N   . GLU A 1 51  ? 9.354   1.005   12.199  1.000 15.755 0 50  GLU A N   1 ? 
ATOM   403  C CA  . GLU A 1 51  ? 9.465   2.275   12.929  1.000 16.817 0 50  GLU A CA  1 ? 
ATOM   404  C C   . GLU A 1 51  ? 10.743  2.310   13.764  1.000 17.147 0 50  GLU A C   1 ? 
ATOM   405  O O   . GLU A 1 51  ? 11.671  3.058   13.433  1.000 17.937 0 50  GLU A O   1 ? 
ATOM   406  C CB  . GLU A 1 51  ? 8.228   2.549   13.784  1.000 18.753 0 50  GLU A CB  1 ? 
ATOM   407  C CG  . GLU A 1 51  ? 6.967   2.878   12.994  1.000 20.243 0 50  GLU A CG  1 ? 
ATOM   408  C CD  . GLU A 1 51  ? 6.951   4.245   12.340  1.000 22.154 0 50  GLU A CD  1 ? 
ATOM   409  O OE1 . GLU A 1 51  ? 6.218   4.419   11.356  1.000 16.205 0 50  GLU A OE1 1 ? 
ATOM   410  O OE2 . GLU A 1 51  ? 7.684   5.137   12.819  1.000 28.039 0 50  GLU A OE2 1 ? 
ATOM   411  N N   . HIS A 1 52  ? 10.783  1.535   14.851  1.000 18.305 0 51  HIS A N   1 ? 
ATOM   412  C CA  . HIS A 1 52  ? 11.869  1.648   15.823  1.000 20.659 0 51  HIS A CA  1 ? 
ATOM   413  C C   . HIS A 1 52  ? 12.293  0.289   16.376  1.000 18.359 0 51  HIS A C   1 ? 
ATOM   414  O O   . HIS A 1 52  ? 13.099  0.232   17.307  1.000 18.209 0 51  HIS A O   1 ? 
ATOM   415  C CB  . HIS A 1 52  ? 11.392  2.502   17.023  1.000 23.373 0 51  HIS A CB  1 ? 
ATOM   416  C CG  . HIS A 1 52  ? 10.264  1.840   17.780  1.000 28.268 0 51  HIS A CG  1 ? 
ATOM   417  N ND1 . HIS A 1 52  ? 8.999   1.600   17.252  1.000 28.745 0 51  HIS A ND1 1 ? 
ATOM   418  C CD2 . HIS A 1 52  ? 10.229  1.358   19.065  1.000 29.654 0 51  HIS A CD2 1 ? 
ATOM   419  C CE1 . HIS A 1 52  ? 8.248   0.985   18.164  1.000 33.551 0 51  HIS A CE1 1 ? 
ATOM   420  N NE2 . HIS A 1 52  ? 8.976   0.817   19.272  1.000 33.724 0 51  HIS A NE2 1 ? 
ATOM   421  N N   . LYS A 1 53  ? 11.770  -0.821  15.828  1.000 16.583 0 52  LYS A N   1 ? 
ATOM   422  C CA  . LYS A 1 53  ? 12.178  -2.130  16.304  1.000 17.138 0 52  LYS A CA  1 ? 
ATOM   423  C C   . LYS A 1 53  ? 11.975  -3.210  15.251  1.000 16.738 0 52  LYS A C   1 ? 
ATOM   424  O O   . LYS A 1 53  ? 11.251  -3.031  14.275  1.000 14.377 0 52  LYS A O   1 ? 
ATOM   425  C CB  . LYS A 1 53  ? 11.441  -2.486  17.591  1.000 21.119 0 52  LYS A CB  1 ? 
ATOM   426  C CG  . LYS A 1 53  ? 9.944   -2.652  17.523  1.000 25.285 0 52  LYS A CG  1 ? 
ATOM   427  C CD  . LYS A 1 53  ? 9.395   -3.042  18.897  1.000 32.192 0 52  LYS A CD  1 ? 
ATOM   428  C CE  . LYS A 1 53  ? 9.894   -4.418  19.295  1.000 41.191 0 52  LYS A CE  1 ? 
ATOM   429  N NZ  . LYS A 1 53  ? 9.056   -5.058  20.340  1.000 48.450 0 52  LYS A NZ  1 ? 
ATOM   430  N N   . LEU A 1 54  ? 12.653  -4.326  15.470  1.000 13.926 0 53  LEU A N   1 ? 
ATOM   431  C CA  . LEU A 1 54  ? 12.608  -5.459  14.571  1.000 15.063 0 53  LEU A CA  1 ? 
ATOM   432  C C   . LEU A 1 54  ? 11.435  -6.342  14.992  1.000 16.098 0 53  LEU A C   1 ? 
ATOM   433  O O   . LEU A 1 54  ? 11.287  -6.654  16.171  1.000 17.202 0 53  LEU A O   1 ? 
ATOM   434  C CB  . LEU A 1 54  ? 13.961  -6.167  14.688  1.000 16.173 0 53  LEU A CB  1 ? 
ATOM   435  C CG  . LEU A 1 54  ? 14.402  -7.078  13.565  1.000 18.015 0 53  LEU A CG  1 ? 
ATOM   436  C CD1 . LEU A 1 54  ? 14.548  -6.341  12.236  1.000 16.929 0 53  LEU A CD1 1 ? 
ATOM   437  C CD2 . LEU A 1 54  ? 15.720  -7.743  13.975  1.000 18.481 0 53  LEU A CD2 1 ? 
ATOM   438  N N   . ILE A 1 55  ? 10.628  -6.763  14.015  1.000 14.432 0 54  ILE A N   1 ? 
ATOM   439  C CA  . ILE A 1 55  ? 9.402   -7.506  14.247  1.000 14.475 0 54  ILE A CA  1 ? 
ATOM   440  C C   . ILE A 1 55  ? 9.497   -8.828  13.464  1.000 14.372 0 54  ILE A C   1 ? 
ATOM   441  O O   . ILE A 1 55  ? 9.809   -8.827  12.277  1.000 15.243 0 54  ILE A O   1 ? 
ATOM   442  C CB  . ILE A 1 55  ? 8.178   -6.679  13.791  1.000 14.543 0 54  ILE A CB  1 ? 
ATOM   443  C CG1 . ILE A 1 55  ? 8.073   -5.301  14.474  1.000 16.758 0 54  ILE A CG1 1 ? 
ATOM   444  C CG2 . ILE A 1 55  ? 6.899   -7.499  13.953  1.000 15.525 0 54  ILE A CG2 1 ? 
ATOM   445  C CD1 . ILE A 1 55  ? 7.771   -5.332  15.919  1.000 18.904 0 54  ILE A CD1 1 ? 
ATOM   446  N N   A ASN A 1 56  ? 9.210   -9.959  14.131  0.500 13.344 0 55  ASN A N   1 ? 
ATOM   447  N N   B ASN A 1 56  ? 9.163   -9.930  14.145  0.500 13.575 0 55  ASN A N   1 ? 
ATOM   448  C CA  A ASN A 1 56  ? 9.168   -11.257 13.470  0.500 14.339 0 55  ASN A CA  1 ? 
ATOM   449  C CA  B ASN A 1 56  ? 9.107   -11.254 13.553  0.500 14.679 0 55  ASN A CA  1 ? 
ATOM   450  C C   A ASN A 1 56  ? 7.902   -11.342 12.620  0.500 13.844 0 55  ASN A C   1 ? 
ATOM   451  C C   B ASN A 1 56  ? 7.880   -11.360 12.637  0.500 14.011 0 55  ASN A C   1 ? 
ATOM   452  O O   A ASN A 1 56  ? 6.822   -10.929 13.036  0.500 13.011 0 55  ASN A O   1 ? 
ATOM   453  O O   B ASN A 1 56  ? 6.779   -10.981 13.030  0.500 13.000 0 55  ASN A O   1 ? 
ATOM   454  C CB  A ASN A 1 56  ? 9.262   -12.404 14.483  0.500 15.163 0 55  ASN A CB  1 ? 
ATOM   455  C CB  B ASN A 1 56  ? 9.095   -12.284 14.687  0.500 15.557 0 55  ASN A CB  1 ? 
ATOM   456  C CG  A ASN A 1 56  ? 9.036   -13.807 13.935  0.500 15.497 0 55  ASN A CG  1 ? 
ATOM   457  C CG  B ASN A 1 56  ? 10.278  -12.138 15.630  0.500 16.822 0 55  ASN A CG  1 ? 
ATOM   458  O OD1 A ASN A 1 56  ? 8.367   -14.600 14.589  0.500 19.449 0 55  ASN A OD1 1 ? 
ATOM   459  O OD1 B ASN A 1 56  ? 11.310  -11.580 15.258  0.500 18.178 0 55  ASN A OD1 1 ? 
ATOM   460  N ND2 A ASN A 1 56  ? 9.655   -14.169 12.821  0.500 16.258 0 55  ASN A ND2 1 ? 
ATOM   461  N ND2 B ASN A 1 56  ? 10.140  -12.641 16.849  0.500 19.576 0 55  ASN A ND2 1 ? 
ATOM   462  N N   . ILE A 1 57  ? 8.054   -11.910 11.427  1.000 13.441 0 56  ILE A N   1 ? 
ATOM   463  C CA  . ILE A 1 57  ? 6.949   -12.169 10.524  1.000 12.800 0 56  ILE A CA  1 ? 
ATOM   464  C C   . ILE A 1 57  ? 6.541   -13.632 10.684  1.000 12.545 0 56  ILE A C   1 ? 
ATOM   465  O O   . ILE A 1 57  ? 7.365   -14.527 10.453  1.000 14.432 0 56  ILE A O   1 ? 
ATOM   466  C CB  . ILE A 1 57  ? 7.299   -11.830 9.059   1.000 12.692 0 56  ILE A CB  1 ? 
ATOM   467  C CG1 . ILE A 1 57  ? 7.524   -10.324 8.885   1.000 14.607 0 56  ILE A CG1 1 ? 
ATOM   468  C CG2 . ILE A 1 57  ? 6.199   -12.342 8.119   1.000 12.500 0 56  ILE A CG2 1 ? 
ATOM   469  C CD1 . ILE A 1 57  ? 8.011   -9.885  7.520   1.000 16.041 0 56  ILE A CD1 1 ? 
ATOM   470  N N   . LEU A 1 58  ? 5.282   -13.859 11.069  1.000 12.045 0 57  LEU A N   1 ? 
ATOM   471  C CA  . LEU A 1 58  ? 4.744   -15.191 11.339  1.000 13.088 0 57  LEU A CA  1 ? 
ATOM   472  C C   . LEU A 1 58  ? 4.314   -15.865 10.039  1.000 14.989 0 57  LEU A C   1 ? 
ATOM   473  O O   . LEU A 1 58  ? 4.449   -17.076 9.909   1.000 14.589 0 57  LEU A O   1 ? 
ATOM   474  C CB  . LEU A 1 58  ? 3.548   -15.117 12.311  1.000 13.794 0 57  LEU A CB  1 ? 
ATOM   475  C CG  . LEU A 1 58  ? 3.911   -14.569 13.682  1.000 14.490 0 57  LEU A CG  1 ? 
ATOM   476  C CD1 . LEU A 1 58  ? 2.674   -14.476 14.568  1.000 18.224 0 57  LEU A CD1 1 ? 
ATOM   477  C CD2 . LEU A 1 58  ? 4.982   -15.437 14.347  1.000 17.029 0 57  LEU A CD2 1 ? 
ATOM   478  N N   . ASP A 1 59  ? 3.846   -15.088 9.060   1.000 14.111 0 58  ASP A N   1 ? 
ATOM   479  C CA  . ASP A 1 59  ? 3.358   -15.619 7.796   1.000 15.747 0 58  ASP A CA  1 ? 
ATOM   480  C C   . ASP A 1 59  ? 3.438   -14.520 6.738   1.000 14.600 0 58  ASP A C   1 ? 
ATOM   481  O O   . ASP A 1 59  ? 3.254   -13.359 7.094   1.000 13.290 0 58  ASP A O   1 ? 
ATOM   482  C CB  . ASP A 1 59  ? 1.922   -16.135 7.970   1.000 19.392 0 58  ASP A CB  1 ? 
ATOM   483  C CG  . ASP A 1 59  ? 1.376   -16.825 6.743   1.000 28.002 0 58  ASP A CG  1 ? 
ATOM   484  O OD1 . ASP A 1 59  ? 2.055   -17.741 6.231   1.000 31.364 0 58  ASP A OD1 1 ? 
ATOM   485  O OD2 . ASP A 1 59  ? 0.312   -16.393 6.282   1.000 35.621 0 58  ASP A OD2 1 ? 
ATOM   486  N N   . ALA A 1 60  ? 3.754   -14.896 5.475   1.000 14.789 0 59  ALA A N   1 ? 
ATOM   487  C CA  . ALA A 1 60  ? 3.724   -13.984 4.326   1.000 14.857 0 59  ALA A CA  1 ? 
ATOM   488  C C   . ALA A 1 60  ? 3.023   -14.682 3.158   1.000 16.173 0 59  ALA A C   1 ? 
ATOM   489  O O   . ALA A 1 60  ? 3.202   -15.886 2.955   1.000 18.298 0 59  ALA A O   1 ? 
ATOM   490  C CB  . ALA A 1 60  ? 5.099   -13.505 3.910   1.000 15.801 0 59  ALA A CB  1 ? 
ATOM   491  N N   . VAL A 1 61  ? 2.198   -13.937 2.413   1.000 16.000 0 60  VAL A N   1 ? 
ATOM   492  C CA  . VAL A 1 61  ? 1.463   -14.464 1.256   1.000 17.538 0 60  VAL A CA  1 ? 
ATOM   493  C C   . VAL A 1 61  ? 1.641   -13.458 0.111   1.000 17.237 0 60  VAL A C   1 ? 
ATOM   494  O O   . VAL A 1 61  ? 1.221   -12.288 0.250   1.000 16.171 0 60  VAL A O   1 ? 
ATOM   495  C CB  . VAL A 1 61  ? -0.043  -14.695 1.566   1.000 18.766 0 60  VAL A CB  1 ? 
ATOM   496  C CG1 . VAL A 1 61  ? -0.835  -15.161 0.338   1.000 22.713 0 60  VAL A CG1 1 ? 
ATOM   497  C CG2 . VAL A 1 61  ? -0.309  -15.649 2.722   1.000 21.064 0 60  VAL A CG2 1 ? 
ATOM   498  N N   . GLU A 1 62  ? 2.289   -13.881 -0.998  1.000 15.793 0 61  GLU A N   1 ? 
ATOM   499  C CA  . GLU A 1 62  ? 2.372   -13.066 -2.201  1.000 17.519 0 61  GLU A CA  1 ? 
ATOM   500  C C   . GLU A 1 62  ? 1.126   -13.338 -3.035  1.000 18.977 0 61  GLU A C   1 ? 
ATOM   501  O O   . GLU A 1 62  ? 0.937   -14.451 -3.499  1.000 21.835 0 61  GLU A O   1 ? 
ATOM   502  C CB  . GLU A 1 62  ? 3.666   -13.314 -2.983  1.000 21.670 0 61  GLU A CB  1 ? 
ATOM   503  C CG  . GLU A 1 62  ? 4.927   -13.147 -2.141  1.000 25.461 0 61  GLU A CG  1 ? 
ATOM   504  C CD  . GLU A 1 62  ? 6.209   -13.332 -2.924  1.000 28.711 0 61  GLU A CD  1 ? 
ATOM   505  O OE1 . GLU A 1 62  ? 6.269   -14.324 -3.624  1.000 32.467 0 61  GLU A OE1 1 ? 
ATOM   506  O OE2 . GLU A 1 62  ? 7.123   -12.477 -2.851  1.000 32.862 0 61  GLU A OE2 1 ? 
ATOM   507  N N   . LEU A 1 63  ? 0.247   -12.346 -3.197  1.000 14.539 0 62  LEU A N   1 ? 
ATOM   508  C CA  . LEU A 1 63  ? -1.051  -12.533 -3.841  1.000 13.257 0 62  LEU A CA  1 ? 
ATOM   509  C C   . LEU A 1 63  ? -0.909  -12.645 -5.361  1.000 12.418 0 62  LEU A C   1 ? 
ATOM   510  O O   . LEU A 1 63  ? -0.181  -11.878 -5.993  1.000 13.301 0 62  LEU A O   1 ? 
ATOM   511  C CB  . LEU A 1 63  ? -1.969  -11.338 -3.499  1.000 13.832 0 62  LEU A CB  1 ? 
ATOM   512  C CG  . LEU A 1 63  ? -2.289  -11.085 -2.021  1.000 14.405 0 62  LEU A CG  1 ? 
ATOM   513  C CD1 . LEU A 1 63  ? -3.254  -9.898  -1.870  1.000 15.116 0 62  LEU A CD1 1 ? 
ATOM   514  C CD2 . LEU A 1 63  ? -2.880  -12.339 -1.372  1.000 16.937 0 62  LEU A CD2 1 ? 
ATOM   515  N N   . VAL A 1 64  ? -1.641  -13.624 -5.909  1.000 13.019 0 63  VAL A N   1 ? 
ATOM   516  C CA  . VAL A 1 64  ? -1.780  -13.843 -7.344  1.000 12.677 0 63  VAL A CA  1 ? 
ATOM   517  C C   . VAL A 1 64  ? -3.275  -13.928 -7.648  1.000 12.752 0 63  VAL A C   1 ? 
ATOM   518  O O   . VAL A 1 64  ? -4.081  -14.221 -6.776  1.000 13.948 0 63  VAL A O   1 ? 
ATOM   519  C CB  . VAL A 1 64  ? -1.009  -15.068 -7.895  1.000 13.409 0 63  VAL A CB  1 ? 
ATOM   520  C CG1 . VAL A 1 64  ? 0.475   -14.971 -7.550  1.000 13.831 0 63  VAL A CG1 1 ? 
ATOM   521  C CG2 . VAL A 1 64  ? -1.615  -16.379 -7.434  1.000 13.946 0 63  VAL A CG2 1 ? 
ATOM   522  N N   . ASP A 1 65  ? -3.653  -13.677 -8.898  1.000 13.002 0 64  ASP A N   1 ? 
ATOM   523  C CA  . ASP A 1 65  ? -5.044  -13.811 -9.312  1.000 14.090 0 64  ASP A CA  1 ? 
ATOM   524  C C   . ASP A 1 65  ? -5.366  -15.232 -9.788  1.000 15.706 0 64  ASP A C   1 ? 
ATOM   525  O O   . ASP A 1 65  ? -4.559  -16.123 -9.604  1.000 14.206 0 64  ASP A O   1 ? 
ATOM   526  C CB  . ASP A 1 65  ? -5.383  -12.806 -10.406 1.000 14.880 0 64  ASP A CB  1 ? 
ATOM   527  C CG  . ASP A 1 65  ? -4.895  -13.092 -11.804 1.000 15.718 0 64  ASP A CG  1 ? 
ATOM   528  O OD1 . ASP A 1 65  ? -4.261  -14.140 -12.065 1.000 14.706 0 64  ASP A OD1 1 ? 
ATOM   529  O OD2 . ASP A 1 65  ? -5.096  -12.203 -12.641 1.000 18.485 0 64  ASP A OD2 1 ? 
ATOM   530  N N   . GLU A 1 66  ? -6.588  -15.445 -10.302 1.000 16.346 0 65  GLU A N   1 ? 
ATOM   531  C CA  . GLU A 1 66  ? -7.074  -16.796 -10.585 1.000 20.029 0 65  GLU A CA  1 ? 
ATOM   532  C C   . GLU A 1 66  ? -6.346  -17.448 -11.761 1.000 20.425 0 65  GLU A C   1 ? 
ATOM   533  O O   . GLU A 1 66  ? -6.510  -18.660 -11.957 1.000 25.001 0 65  GLU A O   1 ? 
ATOM   534  C CB  . GLU A 1 66  ? -8.584  -16.771 -10.844 1.000 22.738 0 65  GLU A CB  1 ? 
ATOM   535  C CG  . GLU A 1 66  ? -9.379  -16.465 -9.599  1.000 28.510 0 65  GLU A CG  1 ? 
ATOM   536  C CD  . GLU A 1 66  ? -10.882 -16.443 -9.839  1.000 35.525 0 65  GLU A CD  1 ? 
ATOM   537  O OE1 . GLU A 1 66  ? -11.362 -15.431 -10.415 1.000 42.699 0 65  GLU A OE1 1 ? 
ATOM   538  O OE2 . GLU A 1 66  ? -11.563 -17.442 -9.492  1.000 37.847 0 65  GLU A OE2 1 ? 
ATOM   539  N N   . GLN A 1 67  ? -5.597  -16.655 -12.536 1.000 21.149 0 66  GLN A N   1 ? 
ATOM   540  C CA  . GLN A 1 67  ? -4.771  -17.110 -13.646 1.000 24.030 0 66  GLN A CA  1 ? 
ATOM   541  C C   . GLN A 1 67  ? -3.350  -17.406 -13.165 1.000 19.912 0 66  GLN A C   1 ? 
ATOM   542  O O   . GLN A 1 67  ? -2.506  -17.793 -13.973 1.000 21.918 0 66  GLN A O   1 ? 
ATOM   543  C CB  . GLN A 1 67  ? -4.660  -16.050 -14.764 1.000 29.782 0 66  GLN A CB  1 ? 
ATOM   544  C CG  . GLN A 1 67  ? -5.956  -15.579 -15.455 1.000 36.371 0 66  GLN A CG  1 ? 
ATOM   545  C CD  . GLN A 1 67  ? -5.889  -14.163 -16.032 1.000 42.535 0 66  GLN A CD  1 ? 
ATOM   546  O OE1 . GLN A 1 67  ? -5.866  -13.186 -15.294 1.000 42.208 0 66  GLN A OE1 1 ? 
ATOM   547  N NE2 . GLN A 1 67  ? -5.882  -14.003 -17.354 1.000 40.404 0 66  GLN A NE2 1 ? 
ATOM   548  N N   . GLY A 1 68  ? -3.017  -17.084 -11.896 1.000 17.124 0 67  GLY A N   1 ? 
ATOM   549  C CA  . GLY A 1 68  ? -1.639  -17.183 -11.419 1.000 15.902 0 67  GLY A CA  1 ? 
ATOM   550  C C   . GLY A 1 68  ? -0.759  -15.971 -11.722 1.000 15.293 0 67  GLY A C   1 ? 
ATOM   551  O O   . GLY A 1 68  ? 0.453   -16.078 -11.621 1.000 15.596 0 67  GLY A O   1 ? 
ATOM   552  N N   . VAL A 1 69  ? -1.361  -14.821 -12.056 1.000 14.180 0 68  VAL A N   1 ? 
ATOM   553  C CA  . VAL A 1 69  ? -0.625  -13.616 -12.381 1.000 13.427 0 68  VAL A CA  1 ? 
ATOM   554  C C   . VAL A 1 69  ? -0.413  -12.787 -11.097 1.000 13.264 0 68  VAL A C   1 ? 
ATOM   555  O O   . VAL A 1 69  ? -1.320  -12.631 -10.290 1.000 12.546 0 68  VAL A O   1 ? 
ATOM   556  C CB  . VAL A 1 69  ? -1.281  -12.795 -13.521 1.000 14.593 0 68  VAL A CB  1 ? 
ATOM   557  C CG1 . VAL A 1 69  ? -0.504  -11.520 -13.762 1.000 14.948 0 68  VAL A CG1 1 ? 
ATOM   558  C CG2 . VAL A 1 69  ? -1.401  -13.654 -14.799 1.000 14.771 0 68  VAL A CG2 1 ? 
ATOM   559  N N   . ASN A 1 70  ? 0.817   -12.286 -10.959 1.000 14.262 0 69  ASN A N   1 ? 
ATOM   560  C CA  . ASN A 1 70  ? 1.253   -11.393 -9.886  1.000 14.494 0 69  ASN A CA  1 ? 
ATOM   561  C C   . ASN A 1 70  ? 0.283   -10.224 -9.697  1.000 12.996 0 69  ASN A C   1 ? 
ATOM   562  O O   . ASN A 1 70  ? -0.090  -9.552  -10.650 1.000 13.234 0 69  ASN A O   1 ? 
ATOM   563  C CB  . ASN A 1 70  ? 2.656   -10.882 -10.260 1.000 16.284 0 69  ASN A CB  1 ? 
ATOM   564  C CG  . ASN A 1 70  ? 3.195   -9.857  -9.300  1.000 16.423 0 69  ASN A CG  1 ? 
ATOM   565  O OD1 . ASN A 1 70  ? 3.201   -10.123 -8.100  1.000 17.436 0 69  ASN A OD1 1 ? 
ATOM   566  N ND2 . ASN A 1 70  ? 3.543   -8.686  -9.815  1.000 17.646 0 69  ASN A ND2 1 ? 
ATOM   567  N N   . LEU A 1 71  ? -0.080  -9.930  -8.427  1.000 12.871 0 70  LEU A N   1 ? 
ATOM   568  C CA  . LEU A 1 71  ? -0.796  -8.699  -8.093  1.000 12.761 0 70  LEU A CA  1 ? 
ATOM   569  C C   . LEU A 1 71  ? 0.106   -7.652  -7.399  1.000 12.122 0 70  LEU A C   1 ? 
ATOM   570  O O   . LEU A 1 71  ? -0.363  -6.561  -7.069  1.000 12.122 0 70  LEU A O   1 ? 
ATOM   571  C CB  . LEU A 1 71  ? -1.980  -9.107  -7.204  1.000 12.807 0 70  LEU A CB  1 ? 
ATOM   572  C CG  . LEU A 1 71  ? -3.024  -10.012 -7.874  1.000 12.546 0 70  LEU A CG  1 ? 
ATOM   573  C CD1 . LEU A 1 71  ? -4.121  -10.420 -6.882  1.000 12.350 0 70  LEU A CD1 1 ? 
ATOM   574  C CD2 . LEU A 1 71  ? -3.612  -9.314  -9.089  1.000 12.928 0 70  LEU A CD2 1 ? 
ATOM   575  N N   . GLU A 1 72  ? 1.356   -8.016  -7.084  1.000 12.649 0 71  GLU A N   1 ? 
ATOM   576  C CA  . GLU A 1 72  ? 2.367   -7.097  -6.555  1.000 13.526 0 71  GLU A CA  1 ? 
ATOM   577  C C   . GLU A 1 72  ? 2.071   -6.679  -5.109  1.000 12.511 0 71  GLU A C   1 ? 
ATOM   578  O O   . GLU A 1 72  ? 2.574   -5.665  -4.658  1.000 11.833 0 71  GLU A O   1 ? 
ATOM   579  C CB  . GLU A 1 72  ? 2.602   -5.914  -7.503  1.000 16.024 0 71  GLU A CB  1 ? 
ATOM   580  C CG  . GLU A 1 72  ? 3.916   -5.177  -7.235  1.000 18.908 0 71  GLU A CG  1 ? 
ATOM   581  C CD  . GLU A 1 72  ? 5.185   -5.995  -7.465  1.000 23.268 0 71  GLU A CD  1 ? 
ATOM   582  O OE1 . GLU A 1 72  ? 5.119   -7.014  -8.180  1.000 21.695 0 71  GLU A OE1 1 ? 
ATOM   583  O OE2 . GLU A 1 72  ? 6.243   -5.598  -6.903  1.000 30.888 0 71  GLU A OE2 1 ? 
ATOM   584  N N   . LEU A 1 73  ? 1.324   -7.496  -4.357  1.000 12.783 0 72  LEU A N   1 ? 
ATOM   585  C CA  . LEU A 1 73  ? 1.033   -7.277  -2.942  1.000 12.729 0 72  LEU A CA  1 ? 
ATOM   586  C C   . LEU A 1 73  ? 1.474   -8.505  -2.148  1.000 13.244 0 72  LEU A C   1 ? 
ATOM   587  O O   . LEU A 1 73  ? 1.292   -9.630  -2.590  1.000 13.879 0 72  LEU A O   1 ? 
ATOM   588  C CB  . LEU A 1 73  ? -0.475  -7.066  -2.767  1.000 14.668 0 72  LEU A CB  1 ? 
ATOM   589  C CG  . LEU A 1 73  ? -1.095  -5.815  -3.416  1.000 15.016 0 72  LEU A CG  1 ? 
ATOM   590  C CD1 . LEU A 1 73  ? -2.619  -5.850  -3.311  1.000 15.926 0 72  LEU A CD1 1 ? 
ATOM   591  C CD2 . LEU A 1 73  ? -0.582  -4.522  -2.789  1.000 16.969 0 72  LEU A CD2 1 ? 
ATOM   592  N N   . THR A 1 74  ? 2.086   -8.257  -0.969  1.000 12.792 0 73  THR A N   1 ? 
ATOM   593  C CA  . THR A 1 74  ? 2.436   -9.288  -0.006  1.000 12.250 0 73  THR A CA  1 ? 
ATOM   594  C C   . THR A 1 74  ? 1.716   -8.973  1.298   1.000 11.872 0 73  THR A C   1 ? 
ATOM   595  O O   . THR A 1 74  ? 1.869   -7.884  1.862   1.000 12.059 0 73  THR A O   1 ? 
ATOM   596  C CB  . THR A 1 74  ? 3.962   -9.423  0.178   1.000 12.494 0 73  THR A CB  1 ? 
ATOM   597  O OG1 . THR A 1 74  ? 4.525   -9.682  -1.121  1.000 14.300 0 73  THR A OG1 1 ? 
ATOM   598  C CG2 . THR A 1 74  ? 4.304   -10.493 1.183   1.000 13.449 0 73  THR A CG2 1 ? 
ATOM   599  N N   . LEU A 1 75  ? 0.897   -9.924  1.757   1.000 10.836 0 74  LEU A N   1 ? 
ATOM   600  C CA  . LEU A 1 75  ? 0.273   -9.855  3.078   1.000 12.360 0 74  LEU A CA  1 ? 
ATOM   601  C C   . LEU A 1 75  ? 1.232   -10.455 4.085   1.000 12.700 0 74  LEU A C   1 ? 
ATOM   602  O O   . LEU A 1 75  ? 1.762   -11.530 3.824   1.000 13.799 0 74  LEU A O   1 ? 
ATOM   603  C CB  . LEU A 1 75  ? -1.012  -10.682 3.144   1.000 13.795 0 74  LEU A CB  1 ? 
ATOM   604  C CG  . LEU A 1 75  ? -2.118  -10.297 2.171   1.000 16.065 0 74  LEU A CG  1 ? 
ATOM   605  C CD1 . LEU A 1 75  ? -3.335  -11.199 2.338   1.000 16.829 0 74  LEU A CD1 1 ? 
ATOM   606  C CD2 . LEU A 1 75  ? -2.477  -8.866  2.375   1.000 18.003 0 74  LEU A CD2 1 ? 
ATOM   607  N N   . VAL A 1 76  ? 1.366   -9.802  5.247   1.000 11.135 0 75  VAL A N   1 ? 
ATOM   608  C CA  . VAL A 1 76  ? 2.192   -10.270 6.343   1.000 11.734 0 75  VAL A CA  1 ? 
ATOM   609  C C   . VAL A 1 76  ? 1.404   -10.238 7.654   1.000 11.074 0 75  VAL A C   1 ? 
ATOM   610  O O   . VAL A 1 76  ? 0.623   -9.332  7.923   1.000 11.627 0 75  VAL A O   1 ? 
ATOM   611  C CB  . VAL A 1 76  ? 3.509   -9.471  6.468   1.000 11.527 0 75  VAL A CB  1 ? 
ATOM   612  C CG1 . VAL A 1 76  ? 4.407   -9.694  5.269   1.000 12.272 0 75  VAL A CG1 1 ? 
ATOM   613  C CG2 . VAL A 1 76  ? 3.275   -8.002  6.732   1.000 11.610 0 75  VAL A CG2 1 ? 
ATOM   614  N N   . THR A 1 77  ? 1.578   -11.312 8.444   1.000 10.805 0 76  THR A N   1 ? 
ATOM   615  C CA  . THR A 1 77  ? 1.082   -11.382 9.799   1.000 11.853 0 76  THR A CA  1 ? 
ATOM   616  C C   . THR A 1 77  ? 2.275   -11.180 10.735  1.000 11.626 0 76  THR A C   1 ? 
ATOM   617  O O   . THR A 1 77  ? 3.259   -11.910 10.636  1.000 12.299 0 76  THR A O   1 ? 
ATOM   618  C CB  . THR A 1 77  ? 0.391   -12.731 10.090  1.000 13.349 0 76  THR A CB  1 ? 
ATOM   619  O OG1 . THR A 1 77  ? -0.702  -12.906 9.208   1.000 15.897 0 76  THR A OG1 1 ? 
ATOM   620  C CG2 . THR A 1 77  ? -0.151  -12.789 11.501  1.000 14.887 0 76  THR A CG2 1 ? 
ATOM   621  N N   . LEU A 1 78  ? 2.200   -10.171 11.609  1.000 12.833 0 77  LEU A N   1 ? 
ATOM   622  C CA  . LEU A 1 78  ? 3.318   -9.741  12.438  1.000 13.630 0 77  LEU A CA  1 ? 
ATOM   623  C C   . LEU A 1 78  ? 3.192   -10.307 13.848  1.000 15.601 0 77  LEU A C   1 ? 
ATOM   624  O O   . LEU A 1 78  ? 2.084   -10.377 14.405  1.000 17.393 0 77  LEU A O   1 ? 
ATOM   625  C CB  . LEU A 1 78  ? 3.337   -8.204  12.473  1.000 14.531 0 77  LEU A CB  1 ? 
ATOM   626  C CG  . LEU A 1 78  ? 3.407   -7.530  11.103  1.000 15.160 0 77  LEU A CG  1 ? 
ATOM   627  C CD1 . LEU A 1 78  ? 3.284   -6.012  11.221  1.000 16.400 0 77  LEU A CD1 1 ? 
ATOM   628  C CD2 . LEU A 1 78  ? 4.693   -7.922  10.396  1.000 16.841 0 77  LEU A CD2 1 ? 
ATOM   629  N N   . ASP A 1 79  ? 4.338   -10.602 14.457  1.000 14.374 0 78  ASP A N   1 ? 
ATOM   630  C CA  . ASP A 1 79  ? 4.384   -10.987 15.868  1.000 16.351 0 78  ASP A CA  1 ? 
ATOM   631  C C   . ASP A 1 79  ? 4.599   -9.753  16.749  1.000 18.632 0 78  ASP A C   1 ? 
ATOM   632  O O   . ASP A 1 79  ? 5.738   -9.397  17.084  1.000 18.671 0 78  ASP A O   1 ? 
ATOM   633  C CB  . ASP A 1 79  ? 5.521   -11.990 16.087  1.000 16.228 0 78  ASP A CB  1 ? 
ATOM   634  C CG  . ASP A 1 79  ? 5.596   -12.559 17.498  1.000 18.503 0 78  ASP A CG  1 ? 
ATOM   635  O OD1 . ASP A 1 79  ? 4.637   -12.354 18.273  1.000 20.732 0 78  ASP A OD1 1 ? 
ATOM   636  O OD2 . ASP A 1 79  ? 6.618   -13.206 17.787  1.000 20.929 0 78  ASP A OD2 1 ? 
ATOM   637  N N   . THR A 1 80  ? 3.518   -9.023  17.010  1.000 20.132 0 79  THR A N   1 ? 
ATOM   638  C CA  . THR A 1 80  ? 3.657   -7.752  17.703  1.000 22.600 0 79  THR A CA  1 ? 
ATOM   639  C C   . THR A 1 80  ? 2.503   -7.615  18.684  1.000 23.700 0 79  THR A C   1 ? 
ATOM   640  O O   . THR A 1 80  ? 1.510   -8.303  18.562  1.000 22.486 0 79  THR A O   1 ? 
ATOM   641  C CB  . THR A 1 80  ? 3.740   -6.592  16.693  1.000 24.162 0 79  THR A CB  1 ? 
ATOM   642  O OG1 . THR A 1 80  ? 4.072   -5.334  17.294  1.000 28.530 0 79  THR A OG1 1 ? 
ATOM   643  C CG2 . THR A 1 80  ? 2.446   -6.418  15.941  1.000 24.463 0 79  THR A CG2 1 ? 
ATOM   644  N N   . ASN A 1 81  ? 2.692   -6.703  19.656  1.000 26.763 0 80  ASN A N   1 ? 
ATOM   645  C CA  . ASN A 1 81  ? 1.624   -6.279  20.548  1.000 30.575 0 80  ASN A CA  1 ? 
ATOM   646  C C   . ASN A 1 81  ? 0.680   -5.286  19.865  1.000 30.255 0 80  ASN A C   1 ? 
ATOM   647  O O   . ASN A 1 81  ? -0.506  -5.312  20.166  1.000 36.799 0 80  ASN A O   1 ? 
ATOM   648  C CB  . ASN A 1 81  ? 2.176   -5.701  21.857  1.000 29.063 0 80  ASN A CB  1 ? 
ATOM   649  C CG  . ASN A 1 81  ? 2.878   -6.749  22.686  1.000 29.230 0 80  ASN A CG  1 ? 
ATOM   650  O OD1 . ASN A 1 81  ? 3.964   -6.503  23.240  1.000 30.266 0 80  ASN A OD1 1 ? 
ATOM   651  N ND2 . ASN A 1 81  ? 2.249   -7.914  22.763  1.000 26.853 0 80  ASN A ND2 1 ? 
ATOM   652  N N   . GLU A 1 82  ? 1.176   -4.422  18.960  1.000 32.166 0 81  GLU A N   1 ? 
ATOM   653  C CA  . GLU A 1 82  ? 0.266   -3.521  18.257  1.000 32.722 0 81  GLU A CA  1 ? 
ATOM   654  C C   . GLU A 1 82  ? -0.875  -4.350  17.631  1.000 35.033 0 81  GLU A C   1 ? 
ATOM   655  O O   . GLU A 1 82  ? -0.660  -5.408  17.046  1.000 30.485 0 81  GLU A O   1 ? 
ATOM   656  C CB  . GLU A 1 82  ? 0.988   -2.612  17.248  1.000 39.313 0 81  GLU A CB  1 ? 
ATOM   657  C CG  . GLU A 1 82  ? -0.004  -1.790  16.429  1.000 42.541 0 81  GLU A CG  1 ? 
ATOM   658  C CD  . GLU A 1 82  ? 0.306   -0.405  15.876  1.000 49.253 0 81  GLU A CD  1 ? 
ATOM   659  O OE1 . GLU A 1 82  ? 1.463   -0.172  15.383  1.000 45.772 0 81  GLU A OE1 1 ? 
ATOM   660  O OE2 . GLU A 1 82  ? -0.683  0.412   15.813  1.000 42.396 0 81  GLU A OE2 1 ? 
ATOM   661  N N   . LYS A 1 83  ? -2.117  -3.894  17.817  1.000 33.732 0 82  LYS A N   1 ? 
ATOM   662  C CA  . LYS A 1 83  ? -3.229  -4.309  16.982  1.000 31.726 0 82  LYS A CA  1 ? 
ATOM   663  C C   . LYS A 1 83  ? -3.645  -3.101  16.144  1.000 26.286 0 82  LYS A C   1 ? 
ATOM   664  O O   . LYS A 1 83  ? -3.866  -2.024  16.713  1.000 24.374 0 82  LYS A O   1 ? 
ATOM   665  C CB  . LYS A 1 83  ? -4.385  -4.801  17.845  1.000 37.957 0 82  LYS A CB  1 ? 
ATOM   666  C CG  . LYS A 1 83  ? -5.681  -5.043  17.078  1.000 44.414 0 82  LYS A CG  1 ? 
ATOM   667  C CD  . LYS A 1 83  ? -6.883  -5.448  17.923  1.000 48.673 0 82  LYS A CD  1 ? 
ATOM   668  C CE  . LYS A 1 83  ? -6.809  -6.887  18.382  1.000 53.885 0 82  LYS A CE  1 ? 
ATOM   669  N NZ  . LYS A 1 83  ? -5.547  -7.149  19.119  1.000 57.689 0 82  LYS A NZ  1 ? 
ATOM   670  N N   . PHE A 1 84  ? -3.703  -3.262  14.803  1.000 17.235 0 83  PHE A N   1 ? 
ATOM   671  C CA  . PHE A 1 84  ? -4.042  -2.132  13.948  1.000 15.074 0 83  PHE A CA  1 ? 
ATOM   672  C C   . PHE A 1 84  ? -5.528  -1.801  14.042  1.000 14.602 0 83  PHE A C   1 ? 
ATOM   673  O O   . PHE A 1 84  ? -6.376  -2.688  14.016  1.000 15.108 0 83  PHE A O   1 ? 
ATOM   674  C CB  . PHE A 1 84  ? -3.686  -2.379  12.481  1.000 14.785 0 83  PHE A CB  1 ? 
ATOM   675  C CG  . PHE A 1 84  ? -2.236  -2.651  12.207  1.000 14.064 0 83  PHE A CG  1 ? 
ATOM   676  C CD1 . PHE A 1 84  ? -1.277  -1.648  12.369  1.000 14.837 0 83  PHE A CD1 1 ? 
ATOM   677  C CD2 . PHE A 1 84  ? -1.828  -3.905  11.802  1.000 15.871 0 83  PHE A CD2 1 ? 
ATOM   678  C CE1 . PHE A 1 84  ? 0.064   -1.914  12.084  1.000 16.117 0 83  PHE A CE1 1 ? 
ATOM   679  C CE2 . PHE A 1 84  ? -0.487  -4.165  11.517  1.000 15.321 0 83  PHE A CE2 1 ? 
ATOM   680  C CZ  . PHE A 1 84  ? 0.458   -3.181  11.691  1.000 15.995 0 83  PHE A CZ  1 ? 
ATOM   681  N N   . ARG A 1 85  ? -5.835  -0.507  14.128  1.000 14.170 0 84  ARG A N   1 ? 
ATOM   682  C CA  . ARG A 1 85  ? -7.200  -0.036  13.968  1.000 14.152 0 84  ARG A CA  1 ? 
ATOM   683  C C   . ARG A 1 85  ? -7.756  -0.604  12.666  1.000 14.158 0 84  ARG A C   1 ? 
ATOM   684  O O   . ARG A 1 85  ? -7.123  -0.481  11.628  1.000 12.930 0 84  ARG A O   1 ? 
ATOM   685  C CB  . ARG A 1 85  ? -7.239  1.500   13.948  1.000 13.909 0 84  ARG A CB  1 ? 
ATOM   686  C CG  . ARG A 1 85  ? -8.640  2.082   13.819  1.000 17.051 0 84  ARG A CG  1 ? 
ATOM   687  C CD  . ARG A 1 85  ? -9.014  2.599   12.450  1.000 18.873 0 84  ARG A CD  1 ? 
ATOM   688  N NE  . ARG A 1 85  ? -8.024  3.514   11.858  1.000 18.111 0 84  ARG A NE  1 ? 
ATOM   689  C CZ  . ARG A 1 85  ? -8.234  4.769   11.485  1.000 19.572 0 84  ARG A CZ  1 ? 
ATOM   690  N NH1 . ARG A 1 85  ? -9.392  5.382   11.721  1.000 20.643 0 84  ARG A NH1 1 ? 
ATOM   691  N NH2 . ARG A 1 85  ? -7.295  5.393   10.806  1.000 18.188 0 84  ARG A NH2 1 ? 
ATOM   692  N N   . ASP A 1 86  ? -8.957  -1.207  12.722  1.000 12.532 0 85  ASP A N   1 ? 
ATOM   693  C CA  . ASP A 1 86  ? -9.471  -1.979  11.606  1.000 13.259 0 85  ASP A CA  1 ? 
ATOM   694  C C   . ASP A 1 86  ? -10.019 -1.014  10.571  1.000 12.904 0 85  ASP A C   1 ? 
ATOM   695  O O   . ASP A 1 86  ? -11.002 -0.297  10.828  1.000 16.008 0 85  ASP A O   1 ? 
ATOM   696  C CB  . ASP A 1 86  ? -10.501 -3.002  12.106  1.000 15.649 0 85  ASP A CB  1 ? 
ATOM   697  C CG  . ASP A 1 86  ? -11.119 -3.902  11.043  1.000 17.367 0 85  ASP A CG  1 ? 
ATOM   698  O OD1 . ASP A 1 86  ? -10.909 -3.656  9.847   1.000 14.338 0 85  ASP A OD1 1 ? 
ATOM   699  O OD2 . ASP A 1 86  ? -11.806 -4.890  11.458  1.000 21.281 0 85  ASP A OD2 1 ? 
ATOM   700  N N   . ILE A 1 87  ? -9.344  -0.971  9.410   1.000 12.589 0 86  ILE A N   1 ? 
ATOM   701  C CA  . ILE A 1 87  ? -9.725  -0.075  8.320   1.000 11.886 0 86  ILE A CA  1 ? 
ATOM   702  C C   . ILE A 1 87  ? -10.357 -0.847  7.165   1.000 11.584 0 86  ILE A C   1 ? 
ATOM   703  O O   . ILE A 1 87  ? -10.581 -0.262  6.108   1.000 11.964 0 86  ILE A O   1 ? 
ATOM   704  C CB  . ILE A 1 87  ? -8.559  0.775   7.805   1.000 12.065 0 86  ILE A CB  1 ? 
ATOM   705  C CG1 . ILE A 1 87  ? -7.399  -0.112  7.335   1.000 12.911 0 86  ILE A CG1 1 ? 
ATOM   706  C CG2 . ILE A 1 87  ? -8.122  1.790   8.846   1.000 12.439 0 86  ILE A CG2 1 ? 
ATOM   707  C CD1 . ILE A 1 87  ? -6.392  0.613   6.507   1.000 14.043 0 86  ILE A CD1 1 ? 
ATOM   708  N N   . THR A 1 88  ? -10.740 -2.113  7.358   1.000 12.648 0 87  THR A N   1 ? 
ATOM   709  C CA  . THR A 1 88  ? -11.342 -2.829  6.245   1.000 12.736 0 87  THR A CA  1 ? 
ATOM   710  C C   . THR A 1 88  ? -12.639 -2.176  5.745   1.000 12.999 0 87  THR A C   1 ? 
ATOM   711  O O   . THR A 1 88  ? -12.911 -2.284  4.535   1.000 11.419 0 87  THR A O   1 ? 
ATOM   712  C CB  . THR A 1 88  ? -11.577 -4.315  6.556   1.000 15.497 0 87  THR A CB  1 ? 
ATOM   713  O OG1 . THR A 1 88  ? -12.444 -4.462  7.672   1.000 15.783 0 87  THR A OG1 1 ? 
ATOM   714  C CG2 . THR A 1 88  ? -10.297 -5.065  6.859   1.000 15.467 0 87  THR A CG2 1 ? 
ATOM   715  N N   . LYS A 1 89  ? -13.407 -1.480  6.610   1.000 12.390 0 88  LYS A N   1 ? 
ATOM   716  C CA  . LYS A 1 89  ? -14.628 -0.831  6.141   1.000 13.611 0 88  LYS A CA  1 ? 
ATOM   717  C C   . LYS A 1 89  ? -14.320 0.260   5.107   1.000 13.387 0 88  LYS A C   1 ? 
ATOM   718  O O   . LYS A 1 89  ? -15.224 0.618   4.353   1.000 13.267 0 88  LYS A O   1 ? 
ATOM   719  C CB  . LYS A 1 89  ? -15.455 -0.219  7.291   1.000 16.697 0 88  LYS A CB  1 ? 
ATOM   720  C CG  . LYS A 1 89  ? -14.710 0.830   8.116   1.000 18.624 0 88  LYS A CG  1 ? 
ATOM   721  C CD  . LYS A 1 89  ? -15.534 1.707   9.056   1.000 21.353 0 88  LYS A CD  1 ? 
ATOM   722  C CE  . LYS A 1 89  ? -16.245 0.925   10.107  1.000 24.712 0 88  LYS A CE  1 ? 
ATOM   723  N NZ  . LYS A 1 89  ? -15.258 0.227   10.963  1.000 25.820 0 88  LYS A NZ  1 ? 
ATOM   724  N N   . PHE A 1 90  ? -13.091 0.803   5.092   1.000 12.564 0 89  PHE A N   1 ? 
ATOM   725  C CA  . PHE A 1 90  ? -12.729 1.878   4.176   1.000 11.790 0 89  PHE A CA  1 ? 
ATOM   726  C C   . PHE A 1 90  ? -12.139 1.369   2.863   1.000 11.747 0 89  PHE A C   1 ? 
ATOM   727  O O   . PHE A 1 90  ? -11.938 2.159   1.940   1.000 11.365 0 89  PHE A O   1 ? 
ATOM   728  C CB  . PHE A 1 90  ? -11.718 2.819   4.835   1.000 12.561 0 89  PHE A CB  1 ? 
ATOM   729  C CG  . PHE A 1 90  ? -12.129 3.422   6.154   1.000 12.491 0 89  PHE A CG  1 ? 
ATOM   730  C CD1 . PHE A 1 90  ? -13.356 4.039   6.320   1.000 14.450 0 89  PHE A CD1 1 ? 
ATOM   731  C CD2 . PHE A 1 90  ? -11.272 3.383   7.243   1.000 14.554 0 89  PHE A CD2 1 ? 
ATOM   732  C CE1 . PHE A 1 90  ? -13.730 4.599   7.535   1.000 14.766 0 89  PHE A CE1 1 ? 
ATOM   733  C CE2 . PHE A 1 90  ? -11.641 3.933   8.464   1.000 14.928 0 89  PHE A CE2 1 ? 
ATOM   734  C CZ  . PHE A 1 90  ? -12.879 4.531   8.612   1.000 14.902 0 89  PHE A CZ  1 ? 
ATOM   735  N N   . ILE A 1 91  ? -11.912 0.051   2.747   1.000 11.450 0 90  ILE A N   1 ? 
ATOM   736  C CA  . ILE A 1 91  ? -11.421 -0.556  1.534   1.000 12.102 0 90  ILE A CA  1 ? 
ATOM   737  C C   . ILE A 1 91  ? -12.617 -0.993  0.695   1.000 12.515 0 90  ILE A C   1 ? 
ATOM   738  O O   . ILE A 1 91  ? -13.478 -1.743  1.166   1.000 14.093 0 90  ILE A O   1 ? 
ATOM   739  C CB  . ILE A 1 91  ? -10.470 -1.720  1.879   1.000 12.128 0 90  ILE A CB  1 ? 
ATOM   740  C CG1 . ILE A 1 91  ? -9.337  -1.250  2.785   1.000 13.119 0 90  ILE A CG1 1 ? 
ATOM   741  C CG2 . ILE A 1 91  ? -9.906  -2.388  0.621   1.000 12.440 0 90  ILE A CG2 1 ? 
ATOM   742  C CD1 . ILE A 1 91  ? -8.397  -2.346  3.244   1.000 13.911 0 90  ILE A CD1 1 ? 
ATOM   743  N N   . PRO A 1 92  ? -12.709 -0.597  -0.592  1.000 13.914 0 91  PRO A N   1 ? 
ATOM   744  C CA  . PRO A 1 92  ? -13.857 -1.019  -1.398  1.000 15.105 0 91  PRO A CA  1 ? 
ATOM   745  C C   . PRO A 1 92  ? -13.895 -2.544  -1.613  1.000 15.970 0 91  PRO A C   1 ? 
ATOM   746  O O   . PRO A 1 92  ? -12.863 -3.202  -1.630  1.000 14.429 0 91  PRO A O   1 ? 
ATOM   747  C CB  . PRO A 1 92  ? -13.622 -0.337  -2.756  1.000 16.271 0 91  PRO A CB  1 ? 
ATOM   748  C CG  . PRO A 1 92  ? -12.204 0.153   -2.763  1.000 19.219 0 91  PRO A CG  1 ? 
ATOM   749  C CD  . PRO A 1 92  ? -11.731 0.207   -1.342  1.000 14.820 0 91  PRO A CD  1 ? 
ATOM   750  N N   . GLU A 1 93  ? -15.076 -3.071  -1.950  1.000 16.929 0 92  GLU A N   1 ? 
ATOM   751  C CA  . GLU A 1 93  ? -15.211 -4.494  -2.252  1.000 19.769 0 92  GLU A CA  1 ? 
ATOM   752  C C   . GLU A 1 93  ? -14.634 -4.823  -3.627  1.000 19.362 0 92  GLU A C   1 ? 
ATOM   753  O O   . GLU A 1 93  ? -14.178 -5.947  -3.833  1.000 20.807 0 92  GLU A O   1 ? 
ATOM   754  C CB  . GLU A 1 93  ? -16.669 -4.936  -2.230  1.000 22.787 0 92  GLU A CB  1 ? 
ATOM   755  C CG  . GLU A 1 93  ? -17.321 -4.775  -0.889  1.000 26.848 0 92  GLU A CG  1 ? 
ATOM   756  C CD  . GLU A 1 93  ? -18.525 -5.682  -0.757  1.000 33.442 0 92  GLU A CD  1 ? 
ATOM   757  O OE1 . GLU A 1 93  ? -19.639 -5.147  -0.713  1.000 41.485 0 92  GLU A OE1 1 ? 
ATOM   758  O OE2 . GLU A 1 93  ? -18.341 -6.922  -0.745  1.000 38.669 0 92  GLU A OE2 1 ? 
ATOM   759  N N   . ASN A 1 94  ? -14.682 -3.873  -4.576  1.000 17.373 0 93  ASN A N   1 ? 
ATOM   760  C CA  . ASN A 1 94  ? -14.082 -4.071  -5.876  1.000 20.631 0 93  ASN A CA  1 ? 
ATOM   761  C C   . ASN A 1 94  ? -13.115 -2.939  -6.173  1.000 19.859 0 93  ASN A C   1 ? 
ATOM   762  O O   . ASN A 1 94  ? -13.224 -1.854  -5.620  1.000 18.491 0 93  ASN A O   1 ? 
ATOM   763  C CB  . ASN A 1 94  ? -15.148 -4.194  -6.964  1.000 23.105 0 93  ASN A CB  1 ? 
ATOM   764  C CG  . ASN A 1 94  ? -15.868 -5.519  -6.828  1.000 28.501 0 93  ASN A CG  1 ? 
ATOM   765  O OD1 . ASN A 1 94  ? -15.243 -6.583  -6.921  1.000 33.941 0 93  ASN A OD1 1 ? 
ATOM   766  N ND2 . ASN A 1 94  ? -17.143 -5.457  -6.489  1.000 33.648 0 93  ASN A ND2 1 ? 
ATOM   767  N N   . ILE A 1 95  ? -12.176 -3.215  -7.059  1.000 20.929 0 94  ILE A N   1 ? 
ATOM   768  C CA  . ILE A 1 95  ? -11.139 -2.245  -7.345  1.000 21.782 0 94  ILE A CA  1 ? 
ATOM   769  C C   . ILE A 1 95  ? -11.818 -1.052  -8.007  1.000 25.056 0 94  ILE A C   1 ? 
ATOM   770  O O   . ILE A 1 95  ? -12.523 -1.206  -8.996  1.000 24.882 0 94  ILE A O   1 ? 
ATOM   771  C CB  . ILE A 1 95  ? -9.958  -2.866  -8.105  1.000 20.345 0 94  ILE A CB  1 ? 
ATOM   772  C CG1 . ILE A 1 95  ? -9.173  -3.744  -7.119  1.000 20.667 0 94  ILE A CG1 1 ? 
ATOM   773  C CG2 . ILE A 1 95  ? -9.077  -1.792  -8.750  1.000 21.431 0 94  ILE A CG2 1 ? 
ATOM   774  C CD1 . ILE A 1 95  ? -8.249  -4.738  -7.731  1.000 19.992 0 94  ILE A CD1 1 ? 
ATOM   775  N N   A SER A 1 96  ? -11.659 0.123   -7.373  0.500 24.142 0 95  SER A N   1 ? 
ATOM   776  N N   B SER A 1 96  ? -11.498 0.132   -7.474  0.500 26.703 0 95  SER A N   1 ? 
ATOM   777  C CA  A SER A 1 96  ? -12.446 1.302   -7.690  0.500 24.065 0 95  SER A CA  1 ? 
ATOM   778  C CA  B SER A 1 96  ? -12.306 1.321   -7.628  0.500 27.914 0 95  SER A CA  1 ? 
ATOM   779  C C   A SER A 1 96  ? -11.544 2.479   -8.093  0.500 23.514 0 95  SER A C   1 ? 
ATOM   780  C C   B SER A 1 96  ? -11.463 2.501   -8.113  0.500 25.406 0 95  SER A C   1 ? 
ATOM   781  O O   A SER A 1 96  ? -10.625 2.863   -7.359  0.500 24.368 0 95  SER A O   1 ? 
ATOM   782  O O   B SER A 1 96  ? -10.518 2.923   -7.435  0.500 26.205 0 95  SER A O   1 ? 
ATOM   783  C CB  A SER A 1 96  ? -13.336 1.706   -6.514  0.500 23.349 0 95  SER A CB  1 ? 
ATOM   784  C CB  B SER A 1 96  ? -12.927 1.660   -6.306  0.500 29.860 0 95  SER A CB  1 ? 
ATOM   785  O OG  A SER A 1 96  ? -14.061 0.607   -5.960  0.500 19.759 0 95  SER A OG  1 ? 
ATOM   786  O OG  B SER A 1 96  ? -11.904 1.794   -5.334  0.500 31.012 0 95  SER A OG  1 ? 
ATOM   787  N N   . ALA A 1 97  ? -11.861 3.049   -9.259  1.000 23.160 0 96  ALA A N   1 ? 
ATOM   788  C CA  . ALA A 1 97  ? -11.403 4.377   -9.681  1.000 23.420 0 96  ALA A CA  1 ? 
ATOM   789  C C   . ALA A 1 97  ? -11.849 5.464   -8.710  1.000 20.765 0 96  ALA A C   1 ? 
ATOM   790  O O   . ALA A 1 97  ? -12.807 5.301   -7.944  1.000 22.489 0 96  ALA A O   1 ? 
ATOM   791  C CB  . ALA A 1 97  ? -11.974 4.691   -11.034 1.000 19.485 0 96  ALA A CB  1 ? 
ATOM   792  N N   . ALA A 1 98  ? -11.185 6.623   -8.770  1.000 18.806 0 97  ALA A N   1 ? 
ATOM   793  C CA  . ALA A 1 98  ? -11.473 7.697   -7.824  1.000 18.829 0 97  ALA A CA  1 ? 
ATOM   794  C C   . ALA A 1 98  ? -11.085 9.041   -8.427  1.000 17.394 0 97  ALA A C   1 ? 
ATOM   795  O O   . ALA A 1 98  ? -10.244 9.092   -9.309  1.000 19.141 0 97  ALA A O   1 ? 
ATOM   796  C CB  . ALA A 1 98  ? -10.688 7.475   -6.534  1.000 20.467 0 97  ALA A CB  1 ? 
ATOM   797  N N   . SER A 1 99  ? -11.693 10.119  -7.917  1.000 17.781 0 98  SER A N   1 ? 
ATOM   798  C CA  . SER A 1 99  ? -11.344 11.464  -8.324  1.000 18.349 0 98  SER A CA  1 ? 
ATOM   799  C C   . SER A 1 99  ? -10.418 12.094  -7.274  1.000 17.319 0 98  SER A C   1 ? 
ATOM   800  O O   . SER A 1 99  ? -10.603 11.883  -6.075  1.000 20.012 0 98  SER A O   1 ? 
ATOM   801  C CB  . SER A 1 99  ? -12.605 12.295  -8.495  1.000 21.381 0 98  SER A CB  1 ? 
ATOM   802  O OG  . SER A 1 99  ? -13.424 11.727  -9.512  1.000 24.580 0 98  SER A OG  1 ? 
ATOM   803  N N   . ASP A 1 100 ? -9.429  12.859  -7.741  1.000 18.485 0 99  ASP A N   1 ? 
ATOM   804  C CA  . ASP A 1 100 ? -8.650  13.768  -6.892  1.000 19.915 0 99  ASP A CA  1 ? 
ATOM   805  C C   . ASP A 1 100 ? -8.133  13.043  -5.653  1.000 17.914 0 99  ASP A C   1 ? 
ATOM   806  O O   . ASP A 1 100 ? -8.352  13.455  -4.520  1.000 18.381 0 99  ASP A O   1 ? 
ATOM   807  C CB  . ASP A 1 100 ? -9.442  15.015  -6.488  1.000 23.206 0 99  ASP A CB  1 ? 
ATOM   808  C CG  . ASP A 1 100 ? -9.870  15.905  -7.653  1.000 27.694 0 99  ASP A CG  1 ? 
ATOM   809  O OD1 . ASP A 1 100 ? -9.037  16.124  -8.573  1.000 28.531 0 99  ASP A OD1 1 ? 
ATOM   810  O OD2 . ASP A 1 100 ? -11.052 16.376  -7.628  1.000 34.140 0 99  ASP A OD2 1 ? 
ATOM   811  N N   . ALA A 1 101 ? -7.402  11.958  -5.893  1.000 16.184 0 100 ALA A N   1 ? 
ATOM   812  C CA  . ALA A 1 101 ? -6.825  11.168  -4.811  1.000 14.875 0 100 ALA A CA  1 ? 
ATOM   813  C C   . ALA A 1 101 ? -5.519  11.772  -4.297  1.000 14.299 0 100 ALA A C   1 ? 
ATOM   814  O O   . ALA A 1 101 ? -4.865  12.585  -4.962  1.000 14.712 0 100 ALA A O   1 ? 
ATOM   815  C CB  . ALA A 1 101 ? -6.618  9.740   -5.280  1.000 14.014 0 100 ALA A CB  1 ? 
ATOM   816  N N   . THR A 1 102 ? -5.166  11.342  -3.083  1.000 13.482 0 101 THR A N   1 ? 
ATOM   817  C CA  . THR A 1 102 ? -3.900  11.687  -2.444  1.000 13.348 0 101 THR A CA  1 ? 
ATOM   818  C C   . THR A 1 102 ? -3.114  10.388  -2.256  1.000 13.242 0 101 THR A C   1 ? 
ATOM   819  O O   . THR A 1 102 ? -3.669  9.400   -1.788  1.000 12.808 0 101 THR A O   1 ? 
ATOM   820  C CB  . THR A 1 102 ? -4.166  12.446  -1.131  1.000 15.383 0 101 THR A CB  1 ? 
ATOM   821  O OG1 . THR A 1 102 ? -4.935  13.623  -1.394  1.000 17.947 0 101 THR A OG1 1 ? 
ATOM   822  C CG2 . THR A 1 102 ? -2.904  12.933  -0.462  1.000 15.279 0 101 THR A CG2 1 ? 
ATOM   823  N N   . LEU A 1 103 ? -1.805  10.430  -2.529  1.000 12.595 0 102 LEU A N   1 ? 
ATOM   824  C CA  . LEU A 1 103 ? -0.859  9.359   -2.206  1.000 11.754 0 102 LEU A CA  1 ? 
ATOM   825  C C   . LEU A 1 103 ? -0.097  9.743   -0.940  1.000 12.802 0 102 LEU A C   1 ? 
ATOM   826  O O   . LEU A 1 103 ? 0.470   10.829  -0.900  1.000 12.974 0 102 LEU A O   1 ? 
ATOM   827  C CB  . LEU A 1 103 ? 0.069   9.174   -3.397  1.000 12.058 0 102 LEU A CB  1 ? 
ATOM   828  C CG  . LEU A 1 103 ? 1.281   8.242   -3.215  1.000 11.485 0 102 LEU A CG  1 ? 
ATOM   829  C CD1 . LEU A 1 103 ? 0.830   6.784   -2.997  1.000 11.851 0 102 LEU A CD1 1 ? 
ATOM   830  C CD2 . LEU A 1 103 ? 2.202   8.310   -4.397  1.000 13.181 0 102 LEU A CD2 1 ? 
ATOM   831  N N   . VAL A 1 104 ? -0.156  8.879   0.098   1.000 11.102 0 103 VAL A N   1 ? 
ATOM   832  C CA  . VAL A 1 104 ? 0.414   9.126   1.426   1.000 12.071 0 103 VAL A CA  1 ? 
ATOM   833  C C   . VAL A 1 104 ? 1.610   8.169   1.585   1.000 11.970 0 103 VAL A C   1 ? 
ATOM   834  O O   . VAL A 1 104 ? 1.465   6.937   1.595   1.000 11.722 0 103 VAL A O   1 ? 
ATOM   835  C CB  . VAL A 1 104 ? -0.604  8.895   2.561   1.000 13.412 0 103 VAL A CB  1 ? 
ATOM   836  C CG1 . VAL A 1 104 ? 0.034   9.172   3.917   1.000 15.144 0 103 VAL A CG1 1 ? 
ATOM   837  C CG2 . VAL A 1 104 ? -1.904  9.715   2.370   1.000 14.968 0 103 VAL A CG2 1 ? 
ATOM   838  N N   . ILE A 1 105 ? 2.795   8.755   1.669   1.000 11.054 0 104 ILE A N   1 ? 
ATOM   839  C CA  . ILE A 1 105 ? 4.050   8.024   1.787   1.000 12.034 0 104 ILE A CA  1 ? 
ATOM   840  C C   . ILE A 1 105 ? 4.523   8.183   3.239   1.000 11.814 0 104 ILE A C   1 ? 
ATOM   841  O O   . ILE A 1 105 ? 4.386   9.243   3.875   1.000 10.239 0 104 ILE A O   1 ? 
ATOM   842  C CB  . ILE A 1 105 ? 5.121   8.590   0.821   1.000 13.558 0 104 ILE A CB  1 ? 
ATOM   843  C CG1 . ILE A 1 105 ? 4.648   8.715   -0.639  1.000 16.014 0 104 ILE A CG1 1 ? 
ATOM   844  C CG2 . ILE A 1 105 ? 6.426   7.828   0.921   1.000 13.608 0 104 ILE A CG2 1 ? 
ATOM   845  C CD1 . ILE A 1 105 ? 4.041   7.523   -1.117  1.000 18.697 0 104 ILE A CD1 1 ? 
ATOM   846  N N   . ASN A 1 106 ? 5.135   7.134   3.780   1.000 10.859 0 105 ASN A N   1 ? 
ATOM   847  C CA  . ASN A 1 106 ? 5.725   7.263   5.107   1.000 10.799 0 105 ASN A CA  1 ? 
ATOM   848  C C   . ASN A 1 106 ? 6.919   6.333   5.250   1.000 10.576 0 105 ASN A C   1 ? 
ATOM   849  O O   . ASN A 1 106 ? 6.748   5.182   5.691   1.000 9.911  0 105 ASN A O   1 ? 
ATOM   850  C CB  . ASN A 1 106 ? 4.711   6.967   6.213   1.000 11.185 0 105 ASN A CB  1 ? 
ATOM   851  C CG  . ASN A 1 106 ? 5.142   7.423   7.586   1.000 11.702 0 105 ASN A CG  1 ? 
ATOM   852  O OD1 . ASN A 1 106 ? 5.947   8.336   7.702   1.000 11.655 0 105 ASN A OD1 1 ? 
ATOM   853  N ND2 . ASN A 1 106 ? 4.593   6.812   8.643   1.000 12.033 0 105 ASN A ND2 1 ? 
ATOM   854  N N   . THR A 1 107 ? 8.110   6.866   4.931   1.000 10.346 0 106 THR A N   1 ? 
ATOM   855  C CA  . THR A 1 107 ? 9.366   6.171   5.134   1.000 11.176 0 106 THR A CA  1 ? 
ATOM   856  C C   . THR A 1 107 ? 10.303  7.087   5.895   1.000 11.733 0 106 THR A C   1 ? 
ATOM   857  O O   . THR A 1 107 ? 10.031  8.278   6.010   1.000 10.925 0 106 THR A O   1 ? 
ATOM   858  C CB  . THR A 1 107 ? 10.045  5.727   3.826   1.000 11.637 0 106 THR A CB  1 ? 
ATOM   859  O OG1 . THR A 1 107 ? 10.727  6.838   3.231   1.000 11.589 0 106 THR A OG1 1 ? 
ATOM   860  C CG2 . THR A 1 107 ? 9.056   5.109   2.863   1.000 11.444 0 106 THR A CG2 1 ? 
ATOM   861  N N   . GLU A 1 108 ? 11.439  6.554   6.360   1.000 13.000 0 107 GLU A N   1 ? 
ATOM   862  C CA  . GLU A 1 108 ? 12.436  7.404   7.020   1.000 14.946 0 107 GLU A CA  1 ? 
ATOM   863  C C   . GLU A 1 108 ? 12.896  8.564   6.120   1.000 14.159 0 107 GLU A C   1 ? 
ATOM   864  O O   . GLU A 1 108 ? 13.115  9.680   6.620   1.000 14.141 0 107 GLU A O   1 ? 
ATOM   865  C CB  . GLU A 1 108 ? 13.625  6.558   7.493   1.000 18.142 0 107 GLU A CB  1 ? 
ATOM   866  C CG  . GLU A 1 108 ? 14.691  7.342   8.262   1.000 23.747 0 107 GLU A CG  1 ? 
ATOM   867  C CD  . GLU A 1 108 ? 15.969  6.536   8.454   1.000 29.767 0 107 GLU A CD  1 ? 
ATOM   868  O OE1 . GLU A 1 108 ? 17.080  7.093   8.215   1.000 36.408 0 107 GLU A OE1 1 ? 
ATOM   869  O OE2 . GLU A 1 108 ? 15.849  5.356   8.807   1.000 29.676 0 107 GLU A OE2 1 ? 
ATOM   870  N N   . HIS A 1 109 ? 12.960  8.338   4.805   1.000 14.071 0 108 HIS A N   1 ? 
ATOM   871  C CA  . HIS A 1 109 ? 13.430  9.336   3.837   1.000 16.090 0 108 HIS A CA  1 ? 
ATOM   872  C C   . HIS A 1 109 ? 12.322  10.309  3.410   1.000 14.792 0 108 HIS A C   1 ? 
ATOM   873  O O   . HIS A 1 109 ? 12.593  11.453  3.043   1.000 16.288 0 108 HIS A O   1 ? 
ATOM   874  C CB  . HIS A 1 109 ? 14.039  8.628   2.628   1.000 18.818 0 108 HIS A CB  1 ? 
ATOM   875  C CG  . HIS A 1 109 ? 15.270  7.842   2.943   1.000 22.885 0 108 HIS A CG  1 ? 
ATOM   876  N ND1 . HIS A 1 109 ? 16.191  8.207   3.904   1.000 27.133 0 108 HIS A ND1 1 ? 
ATOM   877  C CD2 . HIS A 1 109 ? 15.739  6.723   2.390   1.000 25.392 0 108 HIS A CD2 1 ? 
ATOM   878  C CE1 . HIS A 1 109 ? 17.178  7.318   3.936   1.000 26.375 0 108 HIS A CE1 1 ? 
ATOM   879  N NE2 . HIS A 1 109 ? 16.928  6.411   3.026   1.000 28.483 0 108 HIS A NE2 1 ? 
ATOM   880  N N   . MET A 1 110 ? 11.062  9.859   3.439   1.000 13.484 0 109 MET A N   1 ? 
ATOM   881  C CA  . MET A 1 110 ? 9.893   10.627  3.023   1.000 12.712 0 109 MET A CA  1 ? 
ATOM   882  C C   . MET A 1 110 ? 8.810   10.431  4.093   1.000 11.419 0 109 MET A C   1 ? 
ATOM   883  O O   . MET A 1 110 ? 7.806   9.756   3.895   1.000 11.352 0 109 MET A O   1 ? 
ATOM   884  C CB  . MET A 1 110 ? 9.420   10.171  1.636   1.000 13.650 0 109 MET A CB  1 ? 
ATOM   885  C CG  . MET A 1 110 ? 10.236  10.797  0.504   1.000 15.822 0 109 MET A CG  1 ? 
ATOM   886  S SD  . MET A 1 110 ? 9.786   10.182  -1.122  1.000 18.394 0 109 MET A SD  1 ? 
ATOM   887  C CE  . MET A 1 110 ? 10.557  8.583   -1.107  1.000 19.165 0 109 MET A CE  1 ? 
ATOM   888  N N   . PRO A 1 111 ? 8.997   11.007  5.298   1.000 10.455 0 110 PRO A N   1 ? 
ATOM   889  C CA  . PRO A 1 111 ? 8.012   10.831  6.366   1.000 10.684 0 110 PRO A CA  1 ? 
ATOM   890  C C   . PRO A 1 111 ? 6.771   11.686  6.171   1.000 10.153 0 110 PRO A C   1 ? 
ATOM   891  O O   . PRO A 1 111 ? 6.879   12.853  5.792   1.000 10.954 0 110 PRO A O   1 ? 
ATOM   892  C CB  . PRO A 1 111 ? 8.783   11.275  7.612   1.000 10.926 0 110 PRO A CB  1 ? 
ATOM   893  C CG  . PRO A 1 111 ? 9.716   12.321  7.065   1.000 11.272 0 110 PRO A CG  1 ? 
ATOM   894  C CD  . PRO A 1 111 ? 10.182  11.786  5.722   1.000 10.530 0 110 PRO A CD  1 ? 
ATOM   895  N N   . SER A 1 112 ? 5.602   11.116  6.478   1.000 10.532 0 111 SER A N   1 ? 
ATOM   896  C CA  . SER A 1 112 ? 4.347   11.856  6.477   1.000 12.164 0 111 SER A CA  1 ? 
ATOM   897  C C   . SER A 1 112 ? 4.193   12.748  5.246   1.000 12.660 0 111 SER A C   1 ? 
ATOM   898  O O   . SER A 1 112 ? 3.789   13.908  5.374   1.000 13.725 0 111 SER A O   1 ? 
ATOM   899  C CB  . SER A 1 112 ? 4.212   12.664  7.726   1.000 13.477 0 111 SER A CB  1 ? 
ATOM   900  O OG  . SER A 1 112 ? 4.148   11.851  8.886   1.000 15.796 0 111 SER A OG  1 ? 
ATOM   901  N N   . MET A 1 113 ? 4.374   12.154  4.059   1.000 12.445 0 112 MET A N   1 ? 
ATOM   902  C CA  . MET A 1 113 ? 4.447   12.889  2.813   1.000 13.046 0 112 MET A CA  1 ? 
ATOM   903  C C   . MET A 1 113 ? 3.129   12.751  2.027   1.000 13.931 0 112 MET A C   1 ? 
ATOM   904  O O   . MET A 1 113 ? 2.630   11.638  1.820   1.000 13.756 0 112 MET A O   1 ? 
ATOM   905  C CB  . MET A 1 113 ? 5.621   12.396  1.968   1.000 13.707 0 112 MET A CB  1 ? 
ATOM   906  C CG  . MET A 1 113 ? 5.751   13.074  0.618   1.000 13.700 0 112 MET A CG  1 ? 
ATOM   907  S SD  . MET A 1 113 ? 7.067   12.425  -0.375  1.000 14.657 0 112 MET A SD  1 ? 
ATOM   908  C CE  . MET A 1 113 ? 7.159   13.697  -1.623  1.000 14.368 0 112 MET A CE  1 ? 
ATOM   909  N N   . PHE A 1 114 ? 2.594   13.897  1.584   1.000 16.337 0 113 PHE A N   1 ? 
ATOM   910  C CA  . PHE A 1 114 ? 1.312   13.943  0.872   1.000 19.867 0 113 PHE A CA  1 ? 
ATOM   911  C C   . PHE A 1 114 ? 1.534   14.386  -0.561  1.000 20.263 0 113 PHE A C   1 ? 
ATOM   912  O O   . PHE A 1 114 ? 2.142   15.428  -0.818  1.000 21.668 0 113 PHE A O   1 ? 
ATOM   913  C CB  . PHE A 1 114 ? 0.302   14.906  1.489   1.000 24.110 0 113 PHE A CB  1 ? 
ATOM   914  C CG  . PHE A 1 114 ? -0.281  14.466  2.790   1.000 26.886 0 113 PHE A CG  1 ? 
ATOM   915  C CD1 . PHE A 1 114 ? 0.515   13.943  3.790   1.000 33.100 0 113 PHE A CD1 1 ? 
ATOM   916  C CD2 . PHE A 1 114 ? -1.625  14.624  3.051   1.000 37.186 0 113 PHE A CD2 1 ? 
ATOM   917  C CE1 . PHE A 1 114 ? -0.024  13.528  4.994   1.000 39.056 0 113 PHE A CE1 1 ? 
ATOM   918  C CE2 . PHE A 1 114 ? -2.159  14.229  4.269   1.000 37.365 0 113 PHE A CE2 1 ? 
ATOM   919  C CZ  . PHE A 1 114 ? -1.367  13.669  5.235   1.000 35.624 0 113 PHE A CZ  1 ? 
ATOM   920  N N   . VAL A 1 115 ? 1.060   13.574  -1.505  1.000 17.779 0 114 VAL A N   1 ? 
ATOM   921  C CA  . VAL A 1 115 ? 1.316   13.807  -2.919  1.000 19.673 0 114 VAL A CA  1 ? 
ATOM   922  C C   . VAL A 1 115 ? -0.022  13.842  -3.636  1.000 20.897 0 114 VAL A C   1 ? 
ATOM   923  O O   . VAL A 1 115 ? -0.763  12.867  -3.611  1.000 16.488 0 114 VAL A O   1 ? 
ATOM   924  C CB  . VAL A 1 115 ? 2.265   12.777  -3.550  1.000 21.399 0 114 VAL A CB  1 ? 
ATOM   925  C CG1 . VAL A 1 115 ? 2.504   13.038  -5.038  1.000 21.880 0 114 VAL A CG1 1 ? 
ATOM   926  C CG2 . VAL A 1 115 ? 3.603   12.736  -2.809  1.000 23.429 0 114 VAL A CG2 1 ? 
ATOM   927  N N   . PRO A 1 116 ? -0.322  14.967  -4.314  1.000 20.600 0 115 PRO A N   1 ? 
ATOM   928  C CA  . PRO A 1 116 ? -1.621  15.195  -4.953  1.000 19.298 0 115 PRO A CA  1 ? 
ATOM   929  C C   . PRO A 1 116 ? -1.660  14.547  -6.339  1.000 17.974 0 115 PRO A C   1 ? 
ATOM   930  O O   . PRO A 1 116 ? -1.442  15.208  -7.348  1.000 19.846 0 115 PRO A O   1 ? 
ATOM   931  C CB  . PRO A 1 116 ? -1.584  16.758  -5.025  1.000 20.431 0 115 PRO A CB  1 ? 
ATOM   932  C CG  . PRO A 1 116 ? -0.149  17.037  -5.440  1.000 21.666 0 115 PRO A CG  1 ? 
ATOM   933  C CD  . PRO A 1 116 ? 0.644   16.072  -4.584  1.000 22.589 0 115 PRO A CD  1 ? 
ATOM   934  N N   . VAL A 1 117 ? -1.993  13.256  -6.445  1.000 15.240 0 116 VAL A N   1 ? 
ATOM   935  C CA  . VAL A 1 117 ? -1.783  12.542  -7.707  1.000 14.205 0 116 VAL A CA  1 ? 
ATOM   936  C C   . VAL A 1 117 ? -2.930  12.760  -8.711  1.000 14.878 0 116 VAL A C   1 ? 
ATOM   937  O O   . VAL A 1 117 ? -2.786  12.423  -9.897  1.000 15.384 0 116 VAL A O   1 ? 
ATOM   938  C CB  . VAL A 1 117 ? -1.513  11.034  -7.493  1.000 15.128 0 116 VAL A CB  1 ? 
ATOM   939  C CG1 . VAL A 1 117 ? -0.188  10.788  -6.756  1.000 14.204 0 116 VAL A CG1 1 ? 
ATOM   940  C CG2 . VAL A 1 117 ? -2.675  10.338  -6.789  1.000 14.510 0 116 VAL A CG2 1 ? 
ATOM   941  N N   . GLY A 1 118 ? -4.068  13.262  -8.247  1.000 16.836 0 117 GLY A N   1 ? 
ATOM   942  C CA  . GLY A 1 118 ? -5.206  13.520  -9.135  1.000 17.648 0 117 GLY A CA  1 ? 
ATOM   943  C C   . GLY A 1 118 ? -6.099  12.291  -9.313  1.000 17.016 0 117 GLY A C   1 ? 
ATOM   944  O O   . GLY A 1 118 ? -6.184  11.399  -8.462  1.000 15.195 0 117 GLY A O   1 ? 
ATOM   945  N N   . ASP A 1 119 ? -6.822  12.254  -10.443 1.000 18.366 0 118 ASP A N   1 ? 
ATOM   946  C CA  . ASP A 1 119 ? -7.725  11.147  -10.703 1.000 17.453 0 118 ASP A CA  1 ? 
ATOM   947  C C   . ASP A 1 119 ? -6.954  9.826   -10.857 1.000 15.204 0 118 ASP A C   1 ? 
ATOM   948  O O   . ASP A 1 119 ? -5.884  9.749   -11.437 1.000 14.784 0 118 ASP A O   1 ? 
ATOM   949  C CB  . ASP A 1 119 ? -8.595  11.439  -11.935 1.000 21.549 0 118 ASP A CB  1 ? 
ATOM   950  C CG  . ASP A 1 119 ? -9.621  12.553  -11.782 1.000 24.377 0 118 ASP A CG  1 ? 
ATOM   951  O OD1 . ASP A 1 119 ? -9.821  13.060  -10.665 1.000 22.465 0 118 ASP A OD1 1 ? 
ATOM   952  O OD2 . ASP A 1 119 ? -10.244 12.869  -12.803 1.000 25.615 0 118 ASP A OD2 1 ? 
ATOM   953  N N   . VAL A 1 120 ? -7.573  8.743   -10.362 1.000 15.173 0 119 VAL A N   1 ? 
ATOM   954  C CA  . VAL A 1 120 ? -7.037  7.384   -10.449 1.000 14.086 0 119 VAL A CA  1 ? 
ATOM   955  C C   . VAL A 1 120 ? -7.988  6.570   -11.326 1.000 14.099 0 119 VAL A C   1 ? 
ATOM   956  O O   . VAL A 1 120 ? -9.176  6.549   -11.037 1.000 16.537 0 119 VAL A O   1 ? 
ATOM   957  C CB  . VAL A 1 120 ? -6.931  6.764   -9.039  1.000 14.831 0 119 VAL A CB  1 ? 
ATOM   958  C CG1 . VAL A 1 120 ? -6.437  5.315   -9.074  1.000 14.391 0 119 VAL A CG1 1 ? 
ATOM   959  C CG2 . VAL A 1 120 ? -6.056  7.643   -8.133  1.000 14.723 0 119 VAL A CG2 1 ? 
ATOM   960  N N   . VAL A 1 121 ? -7.461  5.964   -12.403 1.000 14.006 0 120 VAL A N   1 ? 
ATOM   961  C CA  . VAL A 1 121 ? -8.286  5.238   -13.356 1.000 15.677 0 120 VAL A CA  1 ? 
ATOM   962  C C   . VAL A 1 121 ? -7.875  3.778   -13.367 1.000 15.597 0 120 VAL A C   1 ? 
ATOM   963  O O   . VAL A 1 121 ? -6.748  3.428   -13.110 1.000 15.386 0 120 VAL A O   1 ? 
ATOM   964  C CB  . VAL A 1 121 ? -8.228  5.852   -14.765 1.000 17.033 0 120 VAL A CB  1 ? 
ATOM   965  C CG1 . VAL A 1 121 ? -8.798  7.275   -14.800 1.000 18.399 0 120 VAL A CG1 1 ? 
ATOM   966  C CG2 . VAL A 1 121 ? -6.843  5.779   -15.366 1.000 17.108 0 120 VAL A CG2 1 ? 
ATOM   967  N N   . GLN A 1 122 ? -8.811  2.921   -13.777 1.000 18.421 0 121 GLN A N   1 ? 
ATOM   968  C CA  . GLN A 1 122 ? -8.549  1.525   -14.072 1.000 18.553 0 121 GLN A CA  1 ? 
ATOM   969  C C   . GLN A 1 122 ? -7.486  1.405   -15.156 1.000 19.361 0 121 GLN A C   1 ? 
ATOM   970  O O   . GLN A 1 122 ? -7.539  2.078   -16.182 1.000 19.247 0 121 GLN A O   1 ? 
ATOM   971  C CB  . GLN A 1 122 ? -9.826  0.837   -14.556 1.000 22.859 0 121 GLN A CB  1 ? 
ATOM   972  C CG  . GLN A 1 122 ? -10.957 0.863   -13.553 1.000 25.248 0 121 GLN A CG  1 ? 
ATOM   973  C CD  . GLN A 1 122 ? -10.663 0.058   -12.315 1.000 31.393 0 121 GLN A CD  1 ? 
ATOM   974  O OE1 . GLN A 1 122 ? -11.306 0.228   -11.278 1.000 42.146 0 121 GLN A OE1 1 ? 
ATOM   975  N NE2 . GLN A 1 122 ? -9.669  -0.810  -12.402 1.000 38.412 0 121 GLN A NE2 1 ? 
ATOM   976  N N   . TYR A 1 123 ? -6.540  0.500   -14.940 1.000 17.437 0 122 TYR A N   1 ? 
ATOM   977  C CA  . TYR A 1 123 ? -5.451  0.327   -15.881 1.000 17.153 0 122 TYR A CA  1 ? 
ATOM   978  C C   . TYR A 1 123 ? -5.357  -1.137  -16.297 1.000 18.396 0 122 TYR A C   1 ? 
ATOM   979  O O   . TYR A 1 123 ? -5.402  -1.434  -17.491 1.000 18.036 0 122 TYR A O   1 ? 
ATOM   980  C CB  . TYR A 1 123 ? -4.129  0.866   -15.332 1.000 16.790 0 122 TYR A CB  1 ? 
ATOM   981  C CG  . TYR A 1 123 ? -3.118  1.134   -16.417 1.000 17.013 0 122 TYR A CG  1 ? 
ATOM   982  C CD1 . TYR A 1 123 ? -3.200  2.300   -17.184 1.000 17.943 0 122 TYR A CD1 1 ? 
ATOM   983  C CD2 . TYR A 1 123 ? -2.113  0.239   -16.705 1.000 17.139 0 122 TYR A CD2 1 ? 
ATOM   984  C CE1 . TYR A 1 123 ? -2.312  2.543   -18.213 1.000 18.913 0 122 TYR A CE1 1 ? 
ATOM   985  C CE2 . TYR A 1 123 ? -1.199  0.485   -17.719 1.000 20.812 0 122 TYR A CE2 1 ? 
ATOM   986  C CZ  . TYR A 1 123 ? -1.291  1.651   -18.461 1.000 20.188 0 122 TYR A CZ  1 ? 
ATOM   987  O OH  . TYR A 1 123 ? -0.386  1.953   -19.465 1.000 24.911 0 122 TYR A OH  1 ? 
ATOM   988  N N   . GLY A 1 124 ? -5.236  -2.030  -15.312 1.000 16.207 0 123 GLY A N   1 ? 
ATOM   989  C CA  . GLY A 1 124 ? -5.210  -3.463  -15.512 1.000 16.017 0 123 GLY A CA  1 ? 
ATOM   990  C C   . GLY A 1 124 ? -3.792  -4.006  -15.598 1.000 16.056 0 123 GLY A C   1 ? 
ATOM   991  O O   . GLY A 1 124 ? -3.071  -4.066  -14.605 1.000 14.307 0 123 GLY A O   1 ? 
ATOM   992  N N   . PHE A 1 125 ? -3.396  -4.427  -16.802 1.000 14.378 0 124 PHE A N   1 ? 
ATOM   993  C CA  . PHE A 1 125 ? -2.104  -5.054  -17.015 1.000 15.822 0 124 PHE A CA  1 ? 
ATOM   994  C C   . PHE A 1 125 ? -0.985  -4.026  -16.986 1.000 17.146 0 124 PHE A C   1 ? 
ATOM   995  O O   . PHE A 1 125 ? -1.117  -2.947  -17.563 1.000 18.590 0 124 PHE A O   1 ? 
ATOM   996  C CB  . PHE A 1 125 ? -2.093  -5.745  -18.385 1.000 16.790 0 124 PHE A CB  1 ? 
ATOM   997  C CG  . PHE A 1 125 ? -0.792  -6.421  -18.710 1.000 17.337 0 124 PHE A CG  1 ? 
ATOM   998  C CD1 . PHE A 1 125 ? 0.245   -5.715  -19.291 1.000 19.174 0 124 PHE A CD1 1 ? 
ATOM   999  C CD2 . PHE A 1 125 ? -0.594  -7.742  -18.337 1.000 18.927 0 124 PHE A CD2 1 ? 
ATOM   1000 C CE1 . PHE A 1 125 ? 1.438   -6.369  -19.592 1.000 21.609 0 124 PHE A CE1 1 ? 
ATOM   1001 C CE2 . PHE A 1 125 ? 0.602   -8.387  -18.626 1.000 20.173 0 124 PHE A CE2 1 ? 
ATOM   1002 C CZ  . PHE A 1 125 ? 1.602   -7.703  -19.262 1.000 20.229 0 124 PHE A CZ  1 ? 
ATOM   1003 N N   . LEU A 1 126 ? 0.109   -4.384  -16.299 1.000 17.461 0 125 LEU A N   1 ? 
ATOM   1004 C CA  . LEU A 1 126 ? 1.298   -3.561  -16.215 1.000 18.993 0 125 LEU A CA  1 ? 
ATOM   1005 C C   . LEU A 1 126 ? 2.520   -4.477  -16.208 1.000 20.964 0 125 LEU A C   1 ? 
ATOM   1006 O O   . LEU A 1 126 ? 2.562   -5.501  -15.535 1.000 18.411 0 125 LEU A O   1 ? 
ATOM   1007 C CB  . LEU A 1 126 ? 1.215   -2.707  -14.940 1.000 19.979 0 125 LEU A CB  1 ? 
ATOM   1008 C CG  . LEU A 1 126 ? 2.270   -1.630  -14.760 1.000 20.852 0 125 LEU A CG  1 ? 
ATOM   1009 C CD1 . LEU A 1 126 ? 2.056   -0.503  -15.786 1.000 22.993 0 125 LEU A CD1 1 ? 
ATOM   1010 C CD2 . LEU A 1 126 ? 2.210   -1.080  -13.335 1.000 22.533 0 125 LEU A CD2 1 ? 
ATOM   1011 N N   . ASN A 1 127 ? 3.529   -4.099  -16.983 1.000 25.235 0 126 ASN A N   1 ? 
ATOM   1012 C CA  . ASN A 1 127 ? 4.780   -4.824  -16.926 1.000 29.716 0 126 ASN A CA  1 ? 
ATOM   1013 C C   . ASN A 1 127 ? 5.720   -4.061  -16.006 1.000 33.097 0 126 ASN A C   1 ? 
ATOM   1014 O O   . ASN A 1 127 ? 6.210   -3.001  -16.376 1.000 32.787 0 126 ASN A O   1 ? 
ATOM   1015 C CB  . ASN A 1 127 ? 5.378   -5.034  -18.312 1.000 32.890 0 126 ASN A CB  1 ? 
ATOM   1016 C CG  . ASN A 1 127 ? 6.164   -6.314  -18.317 1.000 38.489 0 126 ASN A CG  1 ? 
ATOM   1017 O OD1 . ASN A 1 127 ? 5.722   -7.297  -18.909 1.000 40.866 0 126 ASN A OD1 1 ? 
ATOM   1018 N ND2 . ASN A 1 127 ? 7.249   -6.336  -17.555 1.000 42.388 0 126 ASN A ND2 1 ? 
ATOM   1019 N N   . LEU A 1 128 ? 5.895   -4.587  -14.785 1.000 42.771 0 127 LEU A N   1 ? 
ATOM   1020 C CA  . LEU A 1 128 ? 6.642   -3.902  -13.748 1.000 43.428 0 127 LEU A CA  1 ? 
ATOM   1021 C C   . LEU A 1 128 ? 8.069   -4.433  -13.767 1.000 47.282 0 127 LEU A C   1 ? 
ATOM   1022 O O   . LEU A 1 128 ? 8.321   -5.526  -13.247 1.000 44.980 0 127 LEU A O   1 ? 
ATOM   1023 C CB  . LEU A 1 128 ? 5.977   -4.125  -12.384 1.000 47.577 0 127 LEU A CB  1 ? 
ATOM   1024 C CG  . LEU A 1 128 ? 6.297   -3.078  -11.310 1.000 49.580 0 127 LEU A CG  1 ? 
ATOM   1025 C CD1 . LEU A 1 128 ? 6.041   -3.628  -9.912  1.000 47.149 0 127 LEU A CD1 1 ? 
ATOM   1026 C CD2 . LEU A 1 128 ? 7.729   -2.556  -11.416 1.000 51.042 0 127 LEU A CD2 1 ? 
ATOM   1027 N N   . SER A 1 129 ? 8.965   -3.648  -14.398 1.000 49.857 0 128 SER A N   1 ? 
ATOM   1028 C CA  . SER A 1 129 ? 10.380  -3.969  -14.510 1.000 52.348 0 128 SER A CA  1 ? 
ATOM   1029 C C   . SER A 1 129 ? 10.584  -5.456  -14.812 1.000 54.220 0 128 SER A C   1 ? 
ATOM   1030 O O   . SER A 1 129 ? 11.342  -6.139  -14.123 1.000 59.072 0 128 SER A O   1 ? 
ATOM   1031 C CB  . SER A 1 129 ? 11.117  -3.541  -13.260 1.000 56.799 0 128 SER A CB  1 ? 
ATOM   1032 O OG  . SER A 1 129 ? 11.099  -2.122  -13.107 1.000 58.700 0 128 SER A OG  1 ? 
ATOM   1033 N N   . GLY A 1 130 ? 9.885   -5.952  -15.845 1.000 52.587 0 129 GLY A N   1 ? 
ATOM   1034 C CA  . GLY A 1 130 ? 9.991   -7.336  -16.276 1.000 48.305 0 129 GLY A CA  1 ? 
ATOM   1035 C C   . GLY A 1 130 ? 9.010   -8.310  -15.617 1.000 47.699 0 129 GLY A C   1 ? 
ATOM   1036 O O   . GLY A 1 130 ? 9.008   -9.477  -15.987 1.000 50.154 0 129 GLY A O   1 ? 
ATOM   1037 N N   . LYS A 1 131 ? 8.187   -7.876  -14.644 1.000 44.319 0 130 LYS A N   1 ? 
ATOM   1038 C CA  . LYS A 1 131 ? 7.241   -8.792  -14.005 1.000 40.266 0 130 LYS A CA  1 ? 
ATOM   1039 C C   . LYS A 1 131 ? 5.810   -8.374  -14.367 1.000 30.485 0 130 LYS A C   1 ? 
ATOM   1040 O O   . LYS A 1 131 ? 5.415   -7.243  -14.102 1.000 28.319 0 130 LYS A O   1 ? 
ATOM   1041 C CB  . LYS A 1 131 ? 7.453   -8.846  -12.491 1.000 45.937 0 130 LYS A CB  1 ? 
ATOM   1042 C CG  . LYS A 1 131 ? 6.805   -10.044 -11.793 1.000 52.102 0 130 LYS A CG  1 ? 
ATOM   1043 C CD  . LYS A 1 131 ? 7.191   -10.184 -10.324 1.000 57.062 0 130 LYS A CD  1 ? 
ATOM   1044 C CE  . LYS A 1 131 ? 6.471   -11.305 -9.603  1.000 57.660 0 130 LYS A CE  1 ? 
ATOM   1045 N NZ  . LYS A 1 131 ? 7.039   -12.639 -9.908  1.000 62.895 0 130 LYS A NZ  1 ? 
ATOM   1046 N N   . PRO A 1 132 ? 5.029   -9.237  -15.062 1.000 26.801 0 131 PRO A N   1 ? 
ATOM   1047 C CA  . PRO A 1 132 ? 3.654   -8.906  -15.441 1.000 24.321 0 131 PRO A CA  1 ? 
ATOM   1048 C C   . PRO A 1 132 ? 2.759   -8.899  -14.211 1.000 20.799 0 131 PRO A C   1 ? 
ATOM   1049 O O   . PRO A 1 132 ? 2.843   -9.804  -13.372 1.000 20.778 0 131 PRO A O   1 ? 
ATOM   1050 C CB  . PRO A 1 132 ? 3.191   -10.000 -16.400 1.000 25.712 0 131 PRO A CB  1 ? 
ATOM   1051 C CG  . PRO A 1 132 ? 4.412   -10.879 -16.646 1.000 26.750 0 131 PRO A CG  1 ? 
ATOM   1052 C CD  . PRO A 1 132 ? 5.444   -10.532 -15.597 1.000 26.130 0 131 PRO A CD  1 ? 
ATOM   1053 N N   . THR A 1 133 ? 1.848   -7.920  -14.186 1.000 20.243 0 132 THR A N   1 ? 
ATOM   1054 C CA  . THR A 1 133 ? 1.047   -7.606  -13.009 1.000 16.757 0 132 THR A CA  1 ? 
ATOM   1055 C C   . THR A 1 133 ? -0.368  -7.285  -13.490 1.000 16.206 0 132 THR A C   1 ? 
ATOM   1056 O O   . THR A 1 133 ? -0.512  -6.627  -14.516 1.000 15.457 0 132 THR A O   1 ? 
ATOM   1057 C CB  . THR A 1 133 ? 1.634   -6.396  -12.267 1.000 16.675 0 132 THR A CB  1 ? 
ATOM   1058 O OG1 . THR A 1 133 ? 3.022   -6.586  -11.990 1.000 18.767 0 132 THR A OG1 1 ? 
ATOM   1059 C CG2 . THR A 1 133 ? 0.931   -6.077  -10.965 1.000 15.755 0 132 THR A CG2 1 ? 
ATOM   1060 N N   . HIS A 1 134 ? -1.399  -7.743  -12.759 1.000 13.781 0 133 HIS A N   1 ? 
ATOM   1061 C CA  . HIS A 1 134 ? -2.788  -7.432  -13.037 1.000 13.334 0 133 HIS A CA  1 ? 
ATOM   1062 C C   . HIS A 1 134 ? -3.373  -6.531  -11.948 1.000 12.057 0 133 HIS A C   1 ? 
ATOM   1063 O O   . HIS A 1 134 ? -2.773  -6.322  -10.889 1.000 11.567 0 133 HIS A O   1 ? 
ATOM   1064 C CB  . HIS A 1 134 ? -3.586  -8.738  -13.139 1.000 12.900 0 133 HIS A CB  1 ? 
ATOM   1065 C CG  . HIS A 1 134 ? -3.414  -9.522  -14.393 1.000 16.944 0 133 HIS A CG  1 ? 
ATOM   1066 N ND1 . HIS A 1 134 ? -2.833  -9.057  -15.567 1.000 21.010 0 133 HIS A ND1 1 ? 
ATOM   1067 C CD2 . HIS A 1 134 ? -3.885  -10.756 -14.670 1.000 17.256 0 133 HIS A CD2 1 ? 
ATOM   1068 C CE1 . HIS A 1 134 ? -2.893  -10.022 -16.503 1.000 18.975 0 133 HIS A CE1 1 ? 
ATOM   1069 N NE2 . HIS A 1 134 ? -3.518  -11.080 -15.971 1.000 21.507 0 133 HIS A NE2 1 ? 
ATOM   1070 N N   . ARG A 1 135 ? -4.571  -5.994  -12.233 1.000 12.369 0 134 ARG A N   1 ? 
ATOM   1071 C CA  . ARG A 1 135 ? -5.416  -5.240  -11.314 1.000 12.414 0 134 ARG A CA  1 ? 
ATOM   1072 C C   . ARG A 1 135 ? -4.778  -3.942  -10.831 1.000 13.229 0 134 ARG A C   1 ? 
ATOM   1073 O O   . ARG A 1 135 ? -5.053  -3.517  -9.699  1.000 11.488 0 134 ARG A O   1 ? 
ATOM   1074 C CB  . ARG A 1 135 ? -5.825  -6.114  -10.120 1.000 12.662 0 134 ARG A CB  1 ? 
ATOM   1075 C CG  . ARG A 1 135 ? -6.580  -7.387  -10.476 1.000 13.055 0 134 ARG A CG  1 ? 
ATOM   1076 C CD  . ARG A 1 135 ? -7.038  -8.139  -9.248  1.000 13.627 0 134 ARG A CD  1 ? 
ATOM   1077 N NE  . ARG A 1 135 ? -7.590  -9.440  -9.582  1.000 16.051 0 134 ARG A NE  1 ? 
ATOM   1078 C CZ  . ARG A 1 135 ? -8.016  -10.348 -8.698  1.000 16.294 0 134 ARG A CZ  1 ? 
ATOM   1079 N NH1 . ARG A 1 135 ? -8.066  -10.090 -7.394  1.000 14.944 0 134 ARG A NH1 1 ? 
ATOM   1080 N NH2 . ARG A 1 135 ? -8.534  -11.475 -9.170  1.000 18.194 0 134 ARG A NH2 1 ? 
ATOM   1081 N N   . THR A 1 136 ? -3.993  -3.297  -11.716 1.000 12.350 0 135 THR A N   1 ? 
ATOM   1082 C CA  . THR A 1 136 ? -3.392  -2.011  -11.411 1.000 12.361 0 135 THR A CA  1 ? 
ATOM   1083 C C   . THR A 1 136 ? -4.331  -0.860  -11.777 1.000 13.518 0 135 THR A C   1 ? 
ATOM   1084 O O   . THR A 1 136 ? -5.211  -0.959  -12.652 1.000 13.018 0 135 THR A O   1 ? 
ATOM   1085 C CB  . THR A 1 136 ? -2.031  -1.839  -12.094 1.000 12.286 0 135 THR A CB  1 ? 
ATOM   1086 O OG1 . THR A 1 136 ? -2.180  -1.664  -13.520 1.000 13.761 0 135 THR A OG1 1 ? 
ATOM   1087 C CG2 . THR A 1 136 ? -1.098  -2.989  -11.792 1.000 12.604 0 135 THR A CG2 1 ? 
ATOM   1088 N N   . MET A 1 137 ? -4.022  0.283   -11.153 1.000 12.532 0 136 MET A N   1 ? 
ATOM   1089 C CA  . MET A 1 137 ? -4.648  1.551   -11.470 1.000 12.996 0 136 MET A CA  1 ? 
ATOM   1090 C C   . MET A 1 137 ? -3.562  2.588   -11.703 1.000 12.317 0 136 MET A C   1 ? 
ATOM   1091 O O   . MET A 1 137 ? -2.403  2.381   -11.354 1.000 11.292 0 136 MET A O   1 ? 
ATOM   1092 C CB  . MET A 1 137 ? -5.653  2.020   -10.412 1.000 14.037 0 136 MET A CB  1 ? 
ATOM   1093 C CG  . MET A 1 137 ? -6.935  1.169   -10.409 1.000 16.051 0 136 MET A CG  1 ? 
ATOM   1094 S SD  . MET A 1 137 ? -8.327  1.798   -9.398  1.000 19.153 0 136 MET A SD  1 ? 
ATOM   1095 C CE  . MET A 1 137 ? -7.515  1.770   -7.799  1.000 16.312 0 136 MET A CE  1 ? 
ATOM   1096 N N   . MET A 1 138 ? -3.959  3.699   -12.344 1.000 13.502 0 137 MET A N   1 ? 
ATOM   1097 C CA  . MET A 1 138 ? -3.004  4.673   -12.867 1.000 13.658 0 137 MET A CA  1 ? 
ATOM   1098 C C   . MET A 1 138 ? -3.413  6.103   -12.518 1.000 14.330 0 137 MET A C   1 ? 
ATOM   1099 O O   . MET A 1 138 ? -4.602  6.445   -12.480 1.000 15.021 0 137 MET A O   1 ? 
ATOM   1100 C CB  . MET A 1 138 ? -2.876  4.532   -14.405 1.000 15.324 0 137 MET A CB  1 ? 
ATOM   1101 C CG  . MET A 1 138 ? -1.886  5.470   -15.051 1.000 16.220 0 137 MET A CG  1 ? 
ATOM   1102 S SD  . MET A 1 138 ? -2.536  7.140   -15.466 1.000 20.265 0 137 MET A SD  1 ? 
ATOM   1103 C CE  . MET A 1 138 ? -3.459  6.774   -16.978 1.000 20.612 0 137 MET A CE  1 ? 
ATOM   1104 N N   . TYR A 1 139 ? -2.379  6.930   -12.211 1.000 13.908 0 138 TYR A N   1 ? 
ATOM   1105 C CA  . TYR A 1 139 ? -2.510  8.372   -12.000 1.000 14.460 0 138 TYR A CA  1 ? 
ATOM   1106 C C   . TYR A 1 139 ? -1.485  9.097   -12.880 1.000 14.258 0 138 TYR A C   1 ? 
ATOM   1107 O O   . TYR A 1 139 ? -0.339  8.680   -13.042 1.000 12.940 0 138 TYR A O   1 ? 
ATOM   1108 C CB  . TYR A 1 139 ? -2.384  8.774   -10.528 1.000 13.833 0 138 TYR A CB  1 ? 
ATOM   1109 C CG  . TYR A 1 139 ? -1.707  7.764   -9.630  1.000 13.874 0 138 TYR A CG  1 ? 
ATOM   1110 C CD1 . TYR A 1 139 ? -2.409  6.640   -9.192  1.000 14.314 0 138 TYR A CD1 1 ? 
ATOM   1111 C CD2 . TYR A 1 139 ? -0.414  7.931   -9.190  1.000 13.097 0 138 TYR A CD2 1 ? 
ATOM   1112 C CE1 . TYR A 1 139 ? -1.826  5.711   -8.349  1.000 13.694 0 138 TYR A CE1 1 ? 
ATOM   1113 C CE2 . TYR A 1 139 ? 0.180   7.005   -8.339  1.000 13.539 0 138 TYR A CE2 1 ? 
ATOM   1114 C CZ  . TYR A 1 139 ? -0.523  5.888   -7.934  1.000 12.675 0 138 TYR A CZ  1 ? 
ATOM   1115 O OH  . TYR A 1 139 ? 0.025   4.957   -7.067  1.000 12.890 0 138 TYR A OH  1 ? 
ATOM   1116 N N   . ASN A 1 140 ? -1.936  10.201  -13.485 1.000 15.613 0 139 ASN A N   1 ? 
ATOM   1117 C CA  . ASN A 1 140 ? -1.085  10.978  -14.387 1.000 17.747 0 139 ASN A CA  1 ? 
ATOM   1118 C C   . ASN A 1 140 ? -0.280  11.977  -13.566 1.000 17.318 0 139 ASN A C   1 ? 
ATOM   1119 O O   . ASN A 1 140 ? -0.453  13.198  -13.700 1.000 18.414 0 139 ASN A O   1 ? 
ATOM   1120 C CB  . ASN A 1 140 ? -1.909  11.646  -15.494 1.000 18.727 0 139 ASN A CB  1 ? 
ATOM   1121 C CG  . ASN A 1 140 ? -2.285  10.700  -16.619 1.000 20.247 0 139 ASN A CG  1 ? 
ATOM   1122 O OD1 . ASN A 1 140 ? -3.442  10.667  -17.031 1.000 26.898 0 139 ASN A OD1 1 ? 
ATOM   1123 N ND2 . ASN A 1 140 ? -1.332  9.940   -17.123 1.000 19.784 0 139 ASN A ND2 1 ? 
ATOM   1124 N N   . PHE A 1 141 ? 0.631   11.427  -12.758 1.000 16.510 0 140 PHE A N   1 ? 
ATOM   1125 C CA  . PHE A 1 141 ? 1.513   12.173  -11.865 1.000 14.443 0 140 PHE A CA  1 ? 
ATOM   1126 C C   . PHE A 1 141 ? 2.902   11.540  -11.888 1.000 14.555 0 140 PHE A C   1 ? 
ATOM   1127 O O   . PHE A 1 141 ? 3.044   10.315  -11.786 1.000 14.546 0 140 PHE A O   1 ? 
ATOM   1128 C CB  . PHE A 1 141 ? 0.981   12.222  -10.432 1.000 14.963 0 140 PHE A CB  1 ? 
ATOM   1129 C CG  . PHE A 1 141 ? 1.673   13.239  -9.554  1.000 15.538 0 140 PHE A CG  1 ? 
ATOM   1130 C CD1 . PHE A 1 141 ? 2.882   12.940  -8.934  1.000 16.836 0 140 PHE A CD1 1 ? 
ATOM   1131 C CD2 . PHE A 1 141 ? 1.146   14.516  -9.389  1.000 16.932 0 140 PHE A CD2 1 ? 
ATOM   1132 C CE1 . PHE A 1 141 ? 3.546   13.880  -8.165  1.000 18.288 0 140 PHE A CE1 1 ? 
ATOM   1133 C CE2 . PHE A 1 141 ? 1.794   15.440  -8.582  1.000 17.114 0 140 PHE A CE2 1 ? 
ATOM   1134 C CZ  . PHE A 1 141 ? 3.006   15.138  -8.008  1.000 17.407 0 140 PHE A CZ  1 ? 
ATOM   1135 N N   . PRO A 1 142 ? 4.003   12.310  -12.042 1.000 13.939 0 141 PRO A N   1 ? 
ATOM   1136 C CA  . PRO A 1 142 ? 5.337   11.714  -12.097 1.000 13.277 0 141 PRO A CA  1 ? 
ATOM   1137 C C   . PRO A 1 142 ? 5.901   11.411  -10.697 1.000 14.373 0 141 PRO A C   1 ? 
ATOM   1138 O O   . PRO A 1 142 ? 6.772   12.093  -10.157 1.000 15.421 0 141 PRO A O   1 ? 
ATOM   1139 C CB  . PRO A 1 142 ? 6.117   12.807  -12.872 1.000 13.686 0 141 PRO A CB  1 ? 
ATOM   1140 C CG  . PRO A 1 142 ? 5.480   14.080  -12.408 1.000 13.895 0 141 PRO A CG  1 ? 
ATOM   1141 C CD  . PRO A 1 142 ? 4.015   13.755  -12.273 1.000 14.407 0 141 PRO A CD  1 ? 
ATOM   1142 N N   . THR A 1 143 ? 5.423   10.303  -10.121 1.000 14.330 0 142 THR A N   1 ? 
ATOM   1143 C CA  . THR A 1 143 ? 5.948   9.757   -8.897  1.000 15.052 0 142 THR A CA  1 ? 
ATOM   1144 C C   . THR A 1 143 ? 7.413   9.356   -9.073  1.000 16.191 0 142 THR A C   1 ? 
ATOM   1145 O O   . THR A 1 143 ? 7.899   9.194   -10.196 1.000 16.441 0 142 THR A O   1 ? 
ATOM   1146 C CB  . THR A 1 143 ? 5.091   8.561   -8.463  1.000 14.668 0 142 THR A CB  1 ? 
ATOM   1147 O OG1 . THR A 1 143 ? 5.043   7.558   -9.482  1.000 14.027 0 142 THR A OG1 1 ? 
ATOM   1148 C CG2 . THR A 1 143 ? 3.682   8.991   -8.081  1.000 14.476 0 142 THR A CG2 1 ? 
ATOM   1149 N N   . LYS A 1 144 ? 8.104   9.160   -7.947  1.000 16.286 0 143 LYS A N   1 ? 
ATOM   1150 C CA  . LYS A 1 144 ? 9.528   8.915   -7.968  1.000 19.952 0 143 LYS A CA  1 ? 
ATOM   1151 C C   . LYS A 1 144 ? 9.904   7.657   -7.179  1.000 18.122 0 143 LYS A C   1 ? 
ATOM   1152 O O   . LYS A 1 144 ? 9.053   6.994   -6.606  1.000 17.230 0 143 LYS A O   1 ? 
ATOM   1153 C CB  . LYS A 1 144 ? 10.218  10.179  -7.489  1.000 24.879 0 143 LYS A CB  1 ? 
ATOM   1154 C CG  . LYS A 1 144 ? 10.057  10.513  -6.033  1.000 27.344 0 143 LYS A CG  1 ? 
ATOM   1155 C CD  . LYS A 1 144 ? 10.587  11.907  -5.765  1.000 35.292 0 143 LYS A CD  1 ? 
ATOM   1156 C CE  . LYS A 1 144 ? 11.230  12.035  -4.404  1.000 42.886 0 143 LYS A CE  1 ? 
ATOM   1157 N NZ  . LYS A 1 144 ? 10.221  12.233  -3.336  1.000 48.255 0 143 LYS A NZ  1 ? 
ATOM   1158 N N   . ALA A 1 145 ? 11.198  7.312   -7.189  1.000 16.546 0 144 ALA A N   1 ? 
ATOM   1159 C CA  . ALA A 1 145 ? 11.662  6.151   -6.461  1.000 18.680 0 144 ALA A CA  1 ? 
ATOM   1160 C C   . ALA A 1 145 ? 11.455  6.377   -4.961  1.000 16.581 0 144 ALA A C   1 ? 
ATOM   1161 O O   . ALA A 1 145 ? 11.412  7.515   -4.483  1.000 18.607 0 144 ALA A O   1 ? 
ATOM   1162 C CB  . ALA A 1 145 ? 13.122  5.846   -6.780  1.000 20.382 0 144 ALA A CB  1 ? 
ATOM   1163 N N   . GLY A 1 146 ? 11.250  5.257   -4.242  1.000 15.387 0 145 GLY A N   1 ? 
ATOM   1164 C CA  . GLY A 1 146 ? 11.184  5.286   -2.801  1.000 15.182 0 145 GLY A CA  1 ? 
ATOM   1165 C C   . GLY A 1 146 ? 9.752   5.465   -2.271  1.000 14.556 0 145 GLY A C   1 ? 
ATOM   1166 O O   . GLY A 1 146 ? 9.575   5.582   -1.062  1.000 15.461 0 145 GLY A O   1 ? 
ATOM   1167 N N   . GLN A 1 147 ? 8.751   5.547   -3.170  1.000 14.143 0 146 GLN A N   1 ? 
ATOM   1168 C CA  . GLN A 1 147 ? 7.357   5.712   -2.765  1.000 13.230 0 146 GLN A CA  1 ? 
ATOM   1169 C C   . GLN A 1 147 ? 6.548   4.405   -2.817  1.000 12.774 0 146 GLN A C   1 ? 
ATOM   1170 O O   . GLN A 1 147 ? 5.339   4.465   -2.590  1.000 12.411 0 146 GLN A O   1 ? 
ATOM   1171 C CB  . GLN A 1 147 ? 6.720   6.841   -3.600  1.000 12.759 0 146 GLN A CB  1 ? 
ATOM   1172 C CG  . GLN A 1 147 ? 7.490   8.156   -3.479  1.000 13.211 0 146 GLN A CG  1 ? 
ATOM   1173 C CD  . GLN A 1 147 ? 6.969   9.316   -4.303  1.000 13.255 0 146 GLN A CD  1 ? 
ATOM   1174 O OE1 . GLN A 1 147 ? 6.561   9.151   -5.459  1.000 12.826 0 146 GLN A OE1 1 ? 
ATOM   1175 N NE2 . GLN A 1 147 ? 7.032   10.518  -3.740  1.000 14.520 0 146 GLN A NE2 1 ? 
ATOM   1176 N N   . CYS A 1 148 ? 7.161   3.237   -3.079  1.000 14.097 0 147 CYS A N   1 ? 
ATOM   1177 C CA  . CYS A 1 148 ? 6.469   1.954   -3.115  1.000 14.718 0 147 CYS A CA  1 ? 
ATOM   1178 C C   . CYS A 1 148 ? 5.894   1.654   -1.734  1.000 11.971 0 147 CYS A C   1 ? 
ATOM   1179 O O   . CYS A 1 148 ? 6.600   1.791   -0.750  1.000 13.123 0 147 CYS A O   1 ? 
ATOM   1180 C CB  . CYS A 1 148 ? 7.403   0.835   -3.590  1.000 17.297 0 147 CYS A CB  1 ? 
ATOM   1181 S SG  . CYS A 1 148 ? 7.872   1.186   -5.315  1.000 27.883 0 147 CYS A SG  1 ? 
ATOM   1182 N N   . GLY A 1 149 ? 4.657   1.189   -1.710  1.000 11.489 0 148 GLY A N   1 ? 
ATOM   1183 C CA  . GLY A 1 149 ? 3.926   1.021   -0.476  1.000 10.995 0 148 GLY A CA  1 ? 
ATOM   1184 C C   . GLY A 1 149 ? 3.015   2.189   -0.114  1.000 10.940 0 148 GLY A C   1 ? 
ATOM   1185 O O   . GLY A 1 149 ? 2.150   2.017   0.762   1.000 12.201 0 148 GLY A O   1 ? 
ATOM   1186 N N   . GLY A 1 150 ? 3.220   3.342   -0.738  1.000 10.323 0 149 GLY A N   1 ? 
ATOM   1187 C CA  . GLY A 1 150 ? 2.422   4.516   -0.480  1.000 9.660  0 149 GLY A CA  1 ? 
ATOM   1188 C C   . GLY A 1 150 ? 0.944   4.218   -0.677  1.000 9.813  0 149 GLY A C   1 ? 
ATOM   1189 O O   . GLY A 1 150 ? 0.571   3.423   -1.533  1.000 10.452 0 149 GLY A O   1 ? 
ATOM   1190 N N   . VAL A 1 151 ? 0.122   4.817   0.166   1.000 9.160  0 150 VAL A N   1 ? 
ATOM   1191 C CA  . VAL A 1 151 ? -1.292  4.500   0.197   1.000 9.935  0 150 VAL A CA  1 ? 
ATOM   1192 C C   . VAL A 1 151 ? -2.087  5.542   -0.600  1.000 9.877  0 150 VAL A C   1 ? 
ATOM   1193 O O   . VAL A 1 151 ? -2.059  6.749   -0.298  1.000 10.670 0 150 VAL A O   1 ? 
ATOM   1194 C CB  . VAL A 1 151 ? -1.746  4.438   1.663   1.000 10.133 0 150 VAL A CB  1 ? 
ATOM   1195 C CG1 . VAL A 1 151 ? -3.220  4.057   1.761   1.000 10.272 0 150 VAL A CG1 1 ? 
ATOM   1196 C CG2 . VAL A 1 151 ? -0.879  3.467   2.473   1.000 10.102 0 150 VAL A CG2 1 ? 
ATOM   1197 N N   . VAL A 1 152 ? -2.826  5.074   -1.603  1.000 10.466 0 151 VAL A N   1 ? 
ATOM   1198 C CA  . VAL A 1 152 ? -3.727  5.900   -2.383  1.000 11.002 0 151 VAL A CA  1 ? 
ATOM   1199 C C   . VAL A 1 152 ? -5.076  5.994   -1.676  1.000 11.928 0 151 VAL A C   1 ? 
ATOM   1200 O O   . VAL A 1 152 ? -5.711  4.986   -1.447  1.000 12.098 0 151 VAL A O   1 ? 
ATOM   1201 C CB  . VAL A 1 152 ? -3.854  5.344   -3.821  1.000 10.478 0 151 VAL A CB  1 ? 
ATOM   1202 C CG1 . VAL A 1 152 ? -4.732  6.209   -4.709  1.000 10.825 0 151 VAL A CG1 1 ? 
ATOM   1203 C CG2 . VAL A 1 152 ? -2.481  5.154   -4.479  1.000 11.717 0 151 VAL A CG2 1 ? 
ATOM   1204 N N   . THR A 1 153 ? -5.546  7.231   -1.413  1.000 12.817 0 152 THR A N   1 ? 
ATOM   1205 C CA  . THR A 1 153 ? -6.808  7.436   -0.706  1.000 14.048 0 152 THR A CA  1 ? 
ATOM   1206 C C   . THR A 1 153 ? -7.604  8.591   -1.332  1.000 14.855 0 152 THR A C   1 ? 
ATOM   1207 O O   . THR A 1 153 ? -7.025  9.566   -1.840  1.000 14.798 0 152 THR A O   1 ? 
ATOM   1208 C CB  . THR A 1 153 ? -6.531  7.623   0.787   1.000 17.267 0 152 THR A CB  1 ? 
ATOM   1209 O OG1 . THR A 1 153 ? -7.745  7.625   1.565   1.000 21.258 0 152 THR A OG1 1 ? 
ATOM   1210 C CG2 . THR A 1 153 ? -5.782  8.903   1.038   1.000 17.483 0 152 THR A CG2 1 ? 
ATOM   1211 N N   . SER A 1 154 ? -8.935  8.451   -1.269  1.000 14.303 0 153 SER A N   1 ? 
ATOM   1212 C CA  . SER A 1 154 ? -9.877  9.460   -1.794  1.000 17.323 0 153 SER A CA  1 ? 
ATOM   1213 C C   . SER A 1 154 ? -11.210 9.392   -1.075  1.000 17.719 0 153 SER A C   1 ? 
ATOM   1214 O O   . SER A 1 154 ? -11.778 8.313   -1.003  1.000 17.109 0 153 SER A O   1 ? 
ATOM   1215 C CB  . SER A 1 154 ? -10.144 9.228   -3.276  1.000 20.149 0 153 SER A CB  1 ? 
ATOM   1216 O OG  . SER A 1 154 ? -11.130 10.143  -3.769  1.000 21.509 0 153 SER A OG  1 ? 
ATOM   1217 N N   . VAL A 1 155 ? -11.676 10.522  -0.497  1.000 20.485 0 154 VAL A N   1 ? 
ATOM   1218 C CA  . VAL A 1 155 ? -12.944 10.644  0.239   1.000 20.718 0 154 VAL A CA  1 ? 
ATOM   1219 C C   . VAL A 1 155 ? -13.227 9.480   1.216   1.000 18.868 0 154 VAL A C   1 ? 
ATOM   1220 O O   . VAL A 1 155 ? -14.334 8.959   1.273   1.000 20.896 0 154 VAL A O   1 ? 
ATOM   1221 C CB  . VAL A 1 155 ? -14.113 10.881  -0.741  1.000 24.280 0 154 VAL A CB  1 ? 
ATOM   1222 C CG1 . VAL A 1 155 ? -13.930 12.213  -1.472  1.000 25.721 0 154 VAL A CG1 1 ? 
ATOM   1223 C CG2 . VAL A 1 155 ? -14.263 9.741   -1.729  1.000 27.037 0 154 VAL A CG2 1 ? 
ATOM   1224 N N   . GLY A 1 156 ? -12.290 9.190   2.112   1.000 16.113 0 155 GLY A N   1 ? 
ATOM   1225 C CA  . GLY A 1 156 ? -12.493 8.204   3.157   1.000 17.180 0 155 GLY A CA  1 ? 
ATOM   1226 C C   . GLY A 1 156 ? -12.339 6.764   2.665   1.000 16.277 0 155 GLY A C   1 ? 
ATOM   1227 O O   . GLY A 1 156 ? -12.658 5.842   3.401   1.000 16.850 0 155 GLY A O   1 ? 
ATOM   1228 N N   . LYS A 1 157 ? -11.808 6.570   1.468   1.000 15.008 0 156 LYS A N   1 ? 
ATOM   1229 C CA  . LYS A 1 157 ? -11.616 5.237   0.897   1.000 15.313 0 156 LYS A CA  1 ? 
ATOM   1230 C C   . LYS A 1 157 ? -10.127 4.976   0.703   1.000 13.790 0 156 LYS A C   1 ? 
ATOM   1231 O O   . LYS A 1 157 ? -9.372  5.873   0.316   1.000 13.770 0 156 LYS A O   1 ? 
ATOM   1232 C CB  . LYS A 1 157 ? -12.376 5.140   -0.427  1.000 19.044 0 156 LYS A CB  1 ? 
ATOM   1233 C CG  . LYS A 1 157 ? -13.878 5.215   -0.214  1.000 22.017 0 156 LYS A CG  1 ? 
ATOM   1234 C CD  . LYS A 1 157 ? -14.737 4.998   -1.413  1.000 28.004 0 156 LYS A CD  1 ? 
ATOM   1235 C CE  . LYS A 1 157 ? -16.160 4.809   -0.941  1.000 31.369 0 156 LYS A CE  1 ? 
ATOM   1236 N NZ  . LYS A 1 157 ? -17.091 4.800   -2.086  1.000 36.966 0 156 LYS A NZ  1 ? 
ATOM   1237 N N   . VAL A 1 158 ? -9.712  3.736   0.979   1.000 11.626 0 157 VAL A N   1 ? 
ATOM   1238 C CA  . VAL A 1 158 ? -8.319  3.319   0.855   1.000 11.218 0 157 VAL A CA  1 ? 
ATOM   1239 C C   . VAL A 1 158 ? -8.264  2.336   -0.314  1.000 11.521 0 157 VAL A C   1 ? 
ATOM   1240 O O   . VAL A 1 158 ? -8.767  1.215   -0.193  1.000 11.777 0 157 VAL A O   1 ? 
ATOM   1241 C CB  . VAL A 1 158 ? -7.854  2.704   2.193   1.000 11.530 0 157 VAL A CB  1 ? 
ATOM   1242 C CG1 . VAL A 1 158 ? -6.443  2.150   2.091   1.000 12.191 0 157 VAL A CG1 1 ? 
ATOM   1243 C CG2 . VAL A 1 158 ? -7.952  3.691   3.360   1.000 11.749 0 157 VAL A CG2 1 ? 
ATOM   1244 N N   . ILE A 1 159 ? -7.712  2.776   -1.441  1.000 11.231 0 158 ILE A N   1 ? 
ATOM   1245 C CA  . ILE A 1 159 ? -8.020  2.163   -2.727  1.000 11.846 0 158 ILE A CA  1 ? 
ATOM   1246 C C   . ILE A 1 159 ? -6.826  1.499   -3.411  1.000 11.254 0 158 ILE A C   1 ? 
ATOM   1247 O O   . ILE A 1 159 ? -7.046  0.733   -4.344  1.000 11.963 0 158 ILE A O   1 ? 
ATOM   1248 C CB  . ILE A 1 159 ? -8.736  3.120   -3.702  1.000 13.630 0 158 ILE A CB  1 ? 
ATOM   1249 C CG1 . ILE A 1 159 ? -7.777  4.141   -4.309  1.000 13.516 0 158 ILE A CG1 1 ? 
ATOM   1250 C CG2 . ILE A 1 159 ? -9.977  3.772   -3.111  1.000 15.536 0 158 ILE A CG2 1 ? 
ATOM   1251 C CD1 . ILE A 1 159 ? -8.435  5.096   -5.257  1.000 14.361 0 158 ILE A CD1 1 ? 
ATOM   1252 N N   . GLY A 1 160 ? -5.582  1.739   -3.011  1.000 9.912  0 159 GLY A N   1 ? 
ATOM   1253 C CA  . GLY A 1 160 ? -4.458  1.182   -3.723  1.000 10.053 0 159 GLY A CA  1 ? 
ATOM   1254 C C   . GLY A 1 160 ? -3.155  1.347   -2.957  1.000 9.578  0 159 GLY A C   1 ? 
ATOM   1255 O O   . GLY A 1 160 ? -3.074  2.150   -2.031  1.000 9.515  0 159 GLY A O   1 ? 
ATOM   1256 N N   . ILE A 1 161 ? -2.167  0.544   -3.365  1.000 9.972  0 160 ILE A N   1 ? 
ATOM   1257 C CA  . ILE A 1 161 ? -0.794  0.607   -2.844  1.000 10.802 0 160 ILE A CA  1 ? 
ATOM   1258 C C   . ILE A 1 161 ? 0.166   0.895   -3.988  1.000 10.342 0 160 ILE A C   1 ? 
ATOM   1259 O O   . ILE A 1 161 ? 0.182   0.204   -4.998  1.000 11.014 0 160 ILE A O   1 ? 
ATOM   1260 C CB  . ILE A 1 161 ? -0.423  -0.735  -2.168  1.000 10.710 0 160 ILE A CB  1 ? 
ATOM   1261 C CG1 . ILE A 1 161 ? -1.361  -1.076  -1.011  1.000 11.397 0 160 ILE A CG1 1 ? 
ATOM   1262 C CG2 . ILE A 1 161 ? 1.035   -0.781  -1.776  1.000 12.615 0 160 ILE A CG2 1 ? 
ATOM   1263 C CD1 . ILE A 1 161 ? -1.271  -0.146  0.168   1.000 11.414 0 160 ILE A CD1 1 ? 
ATOM   1264 N N   . HIS A 1 162 ? 0.946   1.977   -3.867  1.000 10.860 0 161 HIS A N   1 ? 
ATOM   1265 C CA  . HIS A 1 162 ? 1.834   2.388   -4.937  1.000 10.667 0 161 HIS A CA  1 ? 
ATOM   1266 C C   . HIS A 1 162 ? 2.884   1.303   -5.216  1.000 10.710 0 161 HIS A C   1 ? 
ATOM   1267 O O   . HIS A 1 162 ? 3.548   0.806   -4.308  1.000 11.486 0 161 HIS A O   1 ? 
ATOM   1268 C CB  . HIS A 1 162 ? 2.518   3.713   -4.560  1.000 10.953 0 161 HIS A CB  1 ? 
ATOM   1269 C CG  . HIS A 1 162 ? 3.295   4.285   -5.709  1.000 10.893 0 161 HIS A CG  1 ? 
ATOM   1270 N ND1 . HIS A 1 162 ? 2.710   4.916   -6.800  1.000 11.368 0 161 HIS A ND1 1 ? 
ATOM   1271 C CD2 . HIS A 1 162 ? 4.648   4.261   -5.969  1.000 11.704 0 161 HIS A CD2 1 ? 
ATOM   1272 C CE1 . HIS A 1 162 ? 3.679   5.285   -7.662  1.000 12.415 0 161 HIS A CE1 1 ? 
ATOM   1273 N NE2 . HIS A 1 162 ? 4.864   4.936   -7.163  1.000 12.377 0 161 HIS A NE2 1 ? 
ATOM   1274 N N   . ILE A 1 163 ? 3.131   1.005   -6.512  1.000 11.086 0 162 ILE A N   1 ? 
ATOM   1275 C CA  . ILE A 1 163 ? 4.067   -0.028  -6.927  1.000 12.307 0 162 ILE A CA  1 ? 
ATOM   1276 C C   . ILE A 1 163 ? 5.108   0.459   -7.951  1.000 13.223 0 162 ILE A C   1 ? 
ATOM   1277 O O   . ILE A 1 163 ? 6.038   -0.282  -8.226  1.000 14.525 0 162 ILE A O   1 ? 
ATOM   1278 C CB  . ILE A 1 163 ? 3.357   -1.302  -7.453  1.000 13.274 0 162 ILE A CB  1 ? 
ATOM   1279 C CG1 . ILE A 1 163 ? 2.463   -1.050  -8.676  1.000 14.229 0 162 ILE A CG1 1 ? 
ATOM   1280 C CG2 . ILE A 1 163 ? 2.621   -2.000  -6.323  1.000 14.387 0 162 ILE A CG2 1 ? 
ATOM   1281 C CD1 . ILE A 1 163 ? 1.923   -2.337  -9.310  1.000 14.827 0 162 ILE A CD1 1 ? 
ATOM   1282 N N   . GLY A 1 164 ? 4.996   1.673   -8.507  1.000 14.299 0 163 GLY A N   1 ? 
ATOM   1283 C CA  . GLY A 1 164 ? 6.034   2.189   -9.389  1.000 15.124 0 163 GLY A CA  1 ? 
ATOM   1284 C C   . GLY A 1 164 ? 5.521   3.247   -10.358 1.000 15.097 0 163 GLY A C   1 ? 
ATOM   1285 O O   . GLY A 1 164 ? 4.392   3.668   -10.270 1.000 15.020 0 163 GLY A O   1 ? 
ATOM   1286 N N   . GLY A 1 165 ? 6.372   3.680   -11.291 1.000 17.505 0 164 GLY A N   1 ? 
ATOM   1287 C CA  . GLY A 1 165 ? 5.998   4.733   -12.236 1.000 17.711 0 164 GLY A CA  1 ? 
ATOM   1288 C C   . GLY A 1 165 ? 6.912   4.690   -13.456 1.000 18.896 0 164 GLY A C   1 ? 
ATOM   1289 O O   . GLY A 1 165 ? 7.866   3.919   -13.452 1.000 19.582 0 164 GLY A O   1 ? 
ATOM   1290 N N   . ASN A 1 166 ? 6.637   5.545   -14.450 1.000 19.262 0 165 ASN A N   1 ? 
ATOM   1291 C CA  . ASN A 1 166 ? 7.371   5.528   -15.719 1.000 20.897 0 165 ASN A CA  1 ? 
ATOM   1292 C C   . ASN A 1 166 ? 8.012   6.898   -15.992 1.000 24.615 0 165 ASN A C   1 ? 
ATOM   1293 O O   . ASN A 1 166 ? 8.456   7.150   -17.114 1.000 24.446 0 165 ASN A O   1 ? 
ATOM   1294 C CB  . ASN A 1 166 ? 6.454   5.087   -16.880 1.000 20.752 0 165 ASN A CB  1 ? 
ATOM   1295 C CG  . ASN A 1 166 ? 5.249   5.980   -17.097 1.000 20.599 0 165 ASN A CG  1 ? 
ATOM   1296 O OD1 . ASN A 1 166 ? 5.229   7.151   -16.688 1.000 19.723 0 165 ASN A OD1 1 ? 
ATOM   1297 N ND2 . ASN A 1 166 ? 4.219   5.442   -17.746 1.000 21.163 0 165 ASN A ND2 1 ? 
ATOM   1298 N N   . GLY A 1 167 ? 8.016   7.780   -14.982 1.000 22.119 0 166 GLY A N   1 ? 
ATOM   1299 C CA  . GLY A 1 167 ? 8.535   9.140   -15.087 1.000 20.343 0 166 GLY A CA  1 ? 
ATOM   1300 C C   . GLY A 1 167 ? 7.477   10.194  -15.422 1.000 17.730 0 166 GLY A C   1 ? 
ATOM   1301 O O   . GLY A 1 167 ? 7.749   11.378  -15.243 1.000 18.287 0 166 GLY A O   1 ? 
ATOM   1302 N N   . ARG A 1 168 ? 6.327   9.787   -15.983 1.000 16.446 0 167 ARG A N   1 ? 
ATOM   1303 C CA  . ARG A 1 168 ? 5.201   10.678  -16.258 1.000 18.551 0 167 ARG A CA  1 ? 
ATOM   1304 C C   . ARG A 1 168 ? 3.959   10.270  -15.469 1.000 15.116 0 167 ARG A C   1 ? 
ATOM   1305 O O   . ARG A 1 168 ? 3.113   11.112  -15.185 1.000 17.401 0 167 ARG A O   1 ? 
ATOM   1306 C CB  . ARG A 1 168 ? 4.832   10.638  -17.749 1.000 19.647 0 167 ARG A CB  1 ? 
ATOM   1307 C CG  . ARG A 1 168 ? 5.972   11.058  -18.663 1.000 24.961 0 167 ARG A CG  1 ? 
ATOM   1308 C CD  . ARG A 1 168 ? 5.631   10.808  -20.119 1.000 26.977 0 167 ARG A CD  1 ? 
ATOM   1309 N NE  . ARG A 1 168 ? 5.509   9.383   -20.393 1.000 27.955 0 167 ARG A NE  1 ? 
ATOM   1310 C CZ  . ARG A 1 168 ? 6.524   8.526   -20.359 1.000 29.728 0 167 ARG A CZ  1 ? 
ATOM   1311 N NH1 . ARG A 1 168 ? 7.748   8.957   -20.180 1.000 33.123 0 167 ARG A NH1 1 ? 
ATOM   1312 N NH2 . ARG A 1 168 ? 6.305   7.226   -20.436 1.000 30.673 0 167 ARG A NH2 1 ? 
ATOM   1313 N N   . GLN A 1 169 ? 3.824   8.964   -15.203 1.000 16.649 0 168 GLN A N   1 ? 
ATOM   1314 C CA  . GLN A 1 169 ? 2.653   8.384   -14.553 1.000 16.311 0 168 GLN A CA  1 ? 
ATOM   1315 C C   . GLN A 1 169 ? 3.091   7.520   -13.362 1.000 14.130 0 168 GLN A C   1 ? 
ATOM   1316 O O   . GLN A 1 169 ? 4.218   7.031   -13.290 1.000 13.936 0 168 GLN A O   1 ? 
ATOM   1317 C CB  . GLN A 1 169 ? 1.862   7.531   -15.559 1.000 18.261 0 168 GLN A CB  1 ? 
ATOM   1318 C CG  . GLN A 1 169 ? 1.249   8.340   -16.728 1.000 20.859 0 168 GLN A CG  1 ? 
ATOM   1319 C CD  . GLN A 1 169 ? 0.771   7.446   -17.860 1.000 20.525 0 168 GLN A CD  1 ? 
ATOM   1320 O OE1 . GLN A 1 169 ? 1.475   6.542   -18.314 1.000 23.827 0 168 GLN A OE1 1 ? 
ATOM   1321 N NE2 . GLN A 1 169 ? -0.462  7.656   -18.278 1.000 20.293 0 168 GLN A NE2 1 ? 
ATOM   1322 N N   . GLY A 1 170 ? 2.141   7.301   -12.447 1.000 14.675 0 169 GLY A N   1 ? 
ATOM   1323 C CA  . GLY A 1 170 ? 2.323   6.386   -11.328 1.000 13.286 0 169 GLY A CA  1 ? 
ATOM   1324 C C   . GLY A 1 170 ? 1.244   5.302   -11.355 1.000 12.982 0 169 GLY A C   1 ? 
ATOM   1325 O O   . GLY A 1 170 ? 0.176   5.480   -11.926 1.000 13.223 0 169 GLY A O   1 ? 
ATOM   1326 N N   . PHE A 1 171 ? 1.549   4.169   -10.731 1.000 12.582 0 170 PHE A N   1 ? 
ATOM   1327 C CA  . PHE A 1 171 ? 0.674   3.018   -10.730 1.000 12.324 0 170 PHE A CA  1 ? 
ATOM   1328 C C   . PHE A 1 171 ? 0.592   2.427   -9.320  1.000 11.518 0 170 PHE A C   1 ? 
ATOM   1329 O O   . PHE A 1 171 ? 1.595   2.355   -8.603  1.000 11.675 0 170 PHE A O   1 ? 
ATOM   1330 C CB  . PHE A 1 171 ? 1.192   1.937   -11.680 1.000 13.141 0 170 PHE A CB  1 ? 
ATOM   1331 C CG  . PHE A 1 171 ? 1.323   2.391   -13.116 1.000 14.116 0 170 PHE A CG  1 ? 
ATOM   1332 C CD1 . PHE A 1 171 ? 0.229   2.345   -13.961 1.000 15.163 0 170 PHE A CD1 1 ? 
ATOM   1333 C CD2 . PHE A 1 171 ? 2.516   2.953   -13.564 1.000 16.717 0 170 PHE A CD2 1 ? 
ATOM   1334 C CE1 . PHE A 1 171 ? 0.364   2.754   -15.283 1.000 16.329 0 170 PHE A CE1 1 ? 
ATOM   1335 C CE2 . PHE A 1 171 ? 2.625   3.426   -14.875 1.000 17.116 0 170 PHE A CE2 1 ? 
ATOM   1336 C CZ  . PHE A 1 171 ? 1.534   3.352   -15.715 1.000 17.986 0 170 PHE A CZ  1 ? 
ATOM   1337 N N   . CYS A 1 172 ? -0.614  1.939   -9.009  1.000 11.613 0 171 CYS A N   1 ? 
ATOM   1338 C CA  . CYS A 1 172 ? -0.868  1.212   -7.778  1.000 11.740 0 171 CYS A CA  1 ? 
ATOM   1339 C C   . CYS A 1 172 ? -1.481  -0.153  -8.071  1.000 12.119 0 171 CYS A C   1 ? 
ATOM   1340 O O   . CYS A 1 172 ? -2.148  -0.358  -9.091  1.000 12.554 0 171 CYS A O   1 ? 
ATOM   1341 C CB  . CYS A 1 172 ? -1.749  2.026   -6.825  1.000 11.920 0 171 CYS A CB  1 ? 
ATOM   1342 S SG  . CYS A 1 172 ? -3.455  2.337   -7.360  1.000 13.944 0 171 CYS A SG  1 ? 
ATOM   1343 N N   . ALA A 1 173 ? -1.200  -1.090  -7.160  1.000 10.662 0 172 ALA A N   1 ? 
ATOM   1344 C CA  . ALA A 1 173 ? -1.988  -2.294  -7.025  1.000 10.783 0 172 ALA A CA  1 ? 
ATOM   1345 C C   . ALA A 1 173 ? -3.321  -1.948  -6.381  1.000 11.313 0 172 ALA A C   1 ? 
ATOM   1346 O O   . ALA A 1 173 ? -3.369  -1.391  -5.287  1.000 11.490 0 172 ALA A O   1 ? 
ATOM   1347 C CB  . ALA A 1 173 ? -1.241  -3.317  -6.207  1.000 10.805 0 172 ALA A CB  1 ? 
ATOM   1348 N N   . GLY A 1 174 ? -4.438  -2.297  -7.022  1.000 11.475 0 173 GLY A N   1 ? 
ATOM   1349 C CA  . GLY A 1 174 ? -5.733  -2.007  -6.424  1.000 11.967 0 173 GLY A CA  1 ? 
ATOM   1350 C C   . GLY A 1 174 ? -6.009  -2.851  -5.174  1.000 12.247 0 173 GLY A C   1 ? 
ATOM   1351 O O   . GLY A 1 174 ? -5.596  -4.024  -5.077  1.000 13.318 0 173 GLY A O   1 ? 
ATOM   1352 N N   . LEU A 1 175 ? -6.676  -2.247  -4.187  1.000 12.316 0 174 LEU A N   1 ? 
ATOM   1353 C CA  . LEU A 1 175 ? -7.106  -2.988  -3.012  1.000 13.430 0 174 LEU A CA  1 ? 
ATOM   1354 C C   . LEU A 1 175 ? -8.585  -3.369  -3.100  1.000 14.022 0 174 LEU A C   1 ? 
ATOM   1355 O O   . LEU A 1 175 ? -9.434  -2.604  -3.552  1.000 14.816 0 174 LEU A O   1 ? 
ATOM   1356 C CB  . LEU A 1 175 ? -6.872  -2.172  -1.749  1.000 13.150 0 174 LEU A CB  1 ? 
ATOM   1357 C CG  . LEU A 1 175 ? -5.409  -1.878  -1.406  1.000 12.358 0 174 LEU A CG  1 ? 
ATOM   1358 C CD1 . LEU A 1 175 ? -5.338  -1.025  -0.143  1.000 13.107 0 174 LEU A CD1 1 ? 
ATOM   1359 C CD2 . LEU A 1 175 ? -4.625  -3.163  -1.200  1.000 13.197 0 174 LEU A CD2 1 ? 
ATOM   1360 N N   . LYS A 1 176 ? -8.881  -4.587  -2.605  1.000 14.650 0 175 LYS A N   1 ? 
ATOM   1361 C CA  . LYS A 1 176 ? -10.261 -4.954  -2.397  1.000 15.853 0 175 LYS A CA  1 ? 
ATOM   1362 C C   . LYS A 1 176 ? -10.347 -5.662  -1.052  1.000 13.694 0 175 LYS A C   1 ? 
ATOM   1363 O O   . LYS A 1 176 ? -9.390  -6.226  -0.540  1.000 11.839 0 175 LYS A O   1 ? 
ATOM   1364 C CB  . LYS A 1 176 ? -10.833 -5.781  -3.540  1.000 20.708 0 175 LYS A CB  1 ? 
ATOM   1365 C CG  . LYS A 1 176 ? -10.122 -7.077  -3.792  1.000 21.960 0 175 LYS A CG  1 ? 
ATOM   1366 C CD  . LYS A 1 176 ? -10.466 -7.675  -5.189  1.000 28.000 0 175 LYS A CD  1 ? 
ATOM   1367 C CE  . LYS A 1 176 ? -11.813 -8.346  -5.158  1.000 31.711 0 175 LYS A CE  1 ? 
ATOM   1368 N NZ  . LYS A 1 176 ? -12.537 -8.110  -6.414  1.000 36.421 0 175 LYS A NZ  1 ? 
ATOM   1369 N N   . ARG A 1 177 ? -11.539 -5.564  -0.478  1.000 14.356 0 176 ARG A N   1 ? 
ATOM   1370 C CA  . ARG A 1 177 ? -11.753 -5.876  0.923   1.000 13.709 0 176 ARG A CA  1 ? 
ATOM   1371 C C   . ARG A 1 177 ? -11.490 -7.358  1.169   1.000 13.174 0 176 ARG A C   1 ? 
ATOM   1372 O O   . ARG A 1 177 ? -10.959 -7.700  2.240   1.000 15.312 0 176 ARG A O   1 ? 
ATOM   1373 C CB  . ARG A 1 177 ? -13.175 -5.492  1.338   1.000 14.821 0 176 ARG A CB  1 ? 
ATOM   1374 C CG  . ARG A 1 177 ? -13.339 -5.298  2.840   1.000 15.295 0 176 ARG A CG  1 ? 
ATOM   1375 C CD  . ARG A 1 177 ? -14.764 -4.923  3.204   1.000 16.850 0 176 ARG A CD  1 ? 
ATOM   1376 N NE  . ARG A 1 177 ? -15.035 -3.585  2.719   1.000 18.038 0 176 ARG A NE  1 ? 
ATOM   1377 C CZ  . ARG A 1 177 ? -16.208 -3.149  2.308   1.000 19.493 0 176 ARG A CZ  1 ? 
ATOM   1378 N NH1 . ARG A 1 177 ? -17.285 -3.900  2.500   1.000 21.170 0 176 ARG A NH1 1 ? 
ATOM   1379 N NH2 . ARG A 1 177 ? -16.288 -1.975  1.722   1.000 18.155 0 176 ARG A NH2 1 ? 
ATOM   1380 N N   . SER A 1 178 ? -11.796 -8.199  0.167   1.000 12.975 0 177 SER A N   1 ? 
ATOM   1381 C CA  . SER A 1 178 ? -11.712 -9.640  0.335   1.000 13.706 0 177 SER A CA  1 ? 
ATOM   1382 C C   . SER A 1 178 ? -10.271 -10.099 0.556   1.000 13.584 0 177 SER A C   1 ? 
ATOM   1383 O O   . SER A 1 178 ? -10.056 -11.173 1.149   1.000 14.742 0 177 SER A O   1 ? 
ATOM   1384 C CB  . SER A 1 178 ? -12.359 -10.360 -0.810  1.000 14.112 0 177 SER A CB  1 ? 
ATOM   1385 O OG  . SER A 1 178 ? -11.676 -10.101 -2.019  1.000 15.973 0 177 SER A OG  1 ? 
ATOM   1386 N N   . TYR A 1 179 ? -9.263  -9.327  0.095   1.000 12.303 0 178 TYR A N   1 ? 
ATOM   1387 C CA  . TYR A 1 179 ? -7.871  -9.708  0.349   1.000 11.986 0 178 TYR A CA  1 ? 
ATOM   1388 C C   . TYR A 1 179 ? -7.605  -9.880  1.842   1.000 13.685 0 178 TYR A C   1 ? 
ATOM   1389 O O   . TYR A 1 179 ? -6.672  -10.589 2.239   1.000 12.535 0 178 TYR A O   1 ? 
ATOM   1390 C CB  . TYR A 1 179 ? -6.902  -8.652  -0.184  1.000 11.863 0 178 TYR A CB  1 ? 
ATOM   1391 C CG  . TYR A 1 179 ? -6.839  -8.495  -1.687  1.000 11.733 0 178 TYR A CG  1 ? 
ATOM   1392 C CD1 . TYR A 1 179 ? -7.304  -9.472  -2.563  1.000 12.381 0 178 TYR A CD1 1 ? 
ATOM   1393 C CD2 . TYR A 1 179 ? -6.308  -7.334  -2.248  1.000 11.620 0 178 TYR A CD2 1 ? 
ATOM   1394 C CE1 . TYR A 1 179 ? -7.188  -9.338  -3.944  1.000 12.571 0 178 TYR A CE1 1 ? 
ATOM   1395 C CE2 . TYR A 1 179 ? -6.203  -7.178  -3.628  1.000 12.411 0 178 TYR A CE2 1 ? 
ATOM   1396 C CZ  . TYR A 1 179 ? -6.664  -8.171  -4.482  1.000 12.658 0 178 TYR A CZ  1 ? 
ATOM   1397 O OH  . TYR A 1 179 ? -6.561  -7.996  -5.838  1.000 12.457 0 178 TYR A OH  1 ? 
ATOM   1398 N N   . PHE A 1 180 ? -8.393  -9.167  2.679   1.000 12.634 0 179 PHE A N   1 ? 
ATOM   1399 C CA  . PHE A 1 180 ? -8.127  -9.045  4.104   1.000 13.717 0 179 PHE A CA  1 ? 
ATOM   1400 C C   . PHE A 1 180 ? -9.164  -9.780  4.956   1.000 16.511 0 179 PHE A C   1 ? 
ATOM   1401 O O   . PHE A 1 180 ? -9.166  -9.631  6.183   1.000 16.852 0 179 PHE A O   1 ? 
ATOM   1402 C CB  . PHE A 1 180 ? -8.055  -7.551  4.484   1.000 13.128 0 179 PHE A CB  1 ? 
ATOM   1403 C CG  . PHE A 1 180 ? -7.089  -6.764  3.634   1.000 12.672 0 179 PHE A CG  1 ? 
ATOM   1404 C CD1 . PHE A 1 180 ? -5.728  -6.928  3.807   1.000 13.565 0 179 PHE A CD1 1 ? 
ATOM   1405 C CD2 . PHE A 1 180 ? -7.524  -6.030  2.535   1.000 12.645 0 179 PHE A CD2 1 ? 
ATOM   1406 C CE1 . PHE A 1 180 ? -4.825  -6.274  2.984   1.000 14.472 0 179 PHE A CE1 1 ? 
ATOM   1407 C CE2 . PHE A 1 180 ? -6.622  -5.360  1.726   1.000 12.984 0 179 PHE A CE2 1 ? 
ATOM   1408 C CZ  . PHE A 1 180 ? -5.271  -5.497  1.946   1.000 13.084 0 179 PHE A CZ  1 ? 
ATOM   1409 N N   . ALA A 1 181 ? -10.024 -10.567 4.304   1.000 19.386 0 180 ALA A N   1 ? 
ATOM   1410 C CA  . ALA A 1 181 ? -11.028 -11.376 4.984   1.000 23.351 0 180 ALA A CA  1 ? 
ATOM   1411 C C   . ALA A 1 181 ? -10.360 -12.448 5.846   1.000 27.853 0 180 ALA A C   1 ? 
ATOM   1412 O O   . ALA A 1 181 ? -9.259  -12.930 5.550   1.000 25.062 0 180 ALA A O   1 ? 
ATOM   1413 C CB  . ALA A 1 181 ? -11.948 -12.006 3.971   1.000 22.873 0 180 ALA A CB  1 ? 
ATOM   1414 N N   . SER A 1 182 ? -11.032 -12.803 6.943   1.000 36.873 0 181 SER A N   1 ? 
ATOM   1415 C CA  . SER A 1 182 ? -10.553 -13.857 7.822   1.000 45.807 0 181 SER A CA  1 ? 
ATOM   1416 C C   . SER A 1 182 ? -11.319 -15.158 7.559   1.000 50.750 0 181 SER A C   1 ? 
ATOM   1417 O O   . SER A 1 182 ? -12.445 -15.231 8.072   1.000 52.278 0 181 SER A O   1 ? 
ATOM   1418 C CB  . SER A 1 182 ? -10.691 -13.456 9.257   1.000 52.817 0 181 SER A CB  1 ? 
ATOM   1419 O OG  . SER A 1 182 ? -10.533 -14.601 10.092  1.000 65.227 0 181 SER A OG  1 ? 
HETATM 1420 O O   . HOH B 2 .   ? 6.590   -3.771  -5.581  1.000 31.089 0 201 HOH A O   1 ? 
HETATM 1421 O O   . HOH B 2 .   ? -1.944  16.862  -8.992  1.000 36.073 0 202 HOH A O   1 ? 
HETATM 1422 O O   . HOH B 2 .   ? 17.496  0.284   5.109   1.000 35.134 0 203 HOH A O   1 ? 
HETATM 1423 O O   . HOH B 2 .   ? 2.394   17.667  -1.808  1.000 25.191 0 204 HOH A O   1 ? 
HETATM 1424 O O   . HOH B 2 .   ? -7.730  -2.305  -12.744 1.000 28.575 0 205 HOH A O   1 ? 
HETATM 1425 O O   . HOH B 2 .   ? -2.631  12.828  14.177  1.000 28.234 0 206 HOH A O   1 ? 
HETATM 1426 O O   . HOH B 2 .   ? -12.904 -0.497  -13.041 1.000 35.838 0 207 HOH A O   1 ? 
HETATM 1427 O O   . HOH B 2 .   ? 13.922  12.816  1.353   1.000 22.410 0 208 HOH A O   1 ? 
HETATM 1428 O O   . HOH B 2 .   ? 17.472  3.559   9.632   1.000 28.450 0 209 HOH A O   1 ? 
HETATM 1429 O O   . HOH B 2 .   ? 1.134   -16.975 -3.890  1.000 39.312 0 210 HOH A O   1 ? 
HETATM 1430 O O   . HOH B 2 .   ? -4.587  14.966  -3.987  1.000 32.484 0 211 HOH A O   1 ? 
HETATM 1431 O O   . HOH B 2 .   ? -16.819 8.430   0.743   1.000 34.840 0 212 HOH A O   1 ? 
HETATM 1432 O O   . HOH B 2 .   ? 2.975   5.832   11.791  1.000 41.899 0 213 HOH A O   1 ? 
HETATM 1433 O O   . HOH B 2 .   ? -3.557  1.252   15.007  1.000 15.674 0 214 HOH A O   1 ? 
HETATM 1434 O O   . HOH B 2 .   ? -5.954  -0.982  17.905  1.000 31.026 0 215 HOH A O   1 ? 
HETATM 1435 O O   . HOH B 2 .   ? -4.898  -6.126  -6.626  1.000 13.678 0 216 HOH A O   1 ? 
HETATM 1436 O O   . HOH B 2 .   ? 9.743   9.560   -18.583 1.000 31.487 0 217 HOH A O   1 ? 
HETATM 1437 O O   . HOH B 2 .   ? -12.700 1.150   12.223  1.000 27.497 0 218 HOH A O   1 ? 
HETATM 1438 O O   . HOH B 2 .   ? -13.838 -7.736  -1.932  1.000 19.680 0 219 HOH A O   1 ? 
HETATM 1439 O O   . HOH B 2 .   ? 9.853   -12.182 0.696   1.000 34.846 0 220 HOH A O   1 ? 
HETATM 1440 O O   . HOH B 2 .   ? -7.147  -10.576 -12.295 1.000 17.792 0 221 HOH A O   1 ? 
HETATM 1441 O O   . HOH B 2 .   ? 8.366   -9.641  16.939  1.000 15.501 0 222 HOH A O   1 ? 
HETATM 1442 O O   . HOH B 2 .   ? 7.067   -14.235 20.190  1.000 23.100 0 223 HOH A O   1 ? 
HETATM 1443 O O   . HOH B 2 .   ? 17.901  -2.127  3.945   1.000 30.287 0 224 HOH A O   1 ? 
HETATM 1444 O O   . HOH B 2 .   ? -1.238  -15.949 -3.779  1.000 31.143 0 225 HOH A O   1 ? 
HETATM 1445 O O   . HOH B 2 .   ? -8.105  -4.672  14.393  1.000 20.220 0 226 HOH A O   1 ? 
HETATM 1446 O O   . HOH B 2 .   ? 1.984   -12.175 18.274  1.000 31.219 0 227 HOH A O   1 ? 
HETATM 1447 O O   . HOH B 2 .   ? 5.899   10.143  9.933   1.000 27.297 0 228 HOH A O   1 ? 
HETATM 1448 O O   . HOH B 2 .   ? 14.357  -8.080  1.913   1.000 31.634 0 229 HOH A O   1 ? 
HETATM 1449 O O   . HOH B 2 .   ? -3.138  -19.568 -15.855 1.000 26.217 0 230 HOH A O   1 ? 
HETATM 1450 O O   . HOH B 2 .   ? -13.995 15.406  2.161   1.000 25.981 0 231 HOH A O   1 ? 
HETATM 1451 O O   . HOH B 2 .   ? 11.595  6.231   0.778   1.000 18.056 0 232 HOH A O   1 ? 
HETATM 1452 O O   . HOH B 2 .   ? 8.257   -13.070 5.332   1.000 29.395 0 233 HOH A O   1 ? 
HETATM 1453 O O   . HOH B 2 .   ? 4.913   -9.517  -20.211 1.000 23.791 0 234 HOH A O   1 ? 
HETATM 1454 O O   . HOH B 2 .   ? 12.780  10.484  9.179   1.000 28.083 0 235 HOH A O   1 ? 
HETATM 1455 O O   . HOH B 2 .   ? 7.113   6.064   -8.584  1.000 15.938 0 236 HOH A O   1 ? 
HETATM 1456 O O   . HOH B 2 .   ? -7.208  -21.048 -13.037 1.000 19.333 0 237 HOH A O   1 ? 
HETATM 1457 O O   . HOH B 2 .   ? -15.210 4.907   3.471   1.000 20.522 0 238 HOH A O   1 ? 
HETATM 1458 O O   . HOH B 2 .   ? 2.104   -18.367 3.204   1.000 27.657 0 239 HOH A O   1 ? 
HETATM 1459 O O   . HOH B 2 .   ? 12.420  -7.976  5.791   1.000 18.363 0 240 HOH A O   1 ? 
HETATM 1460 O O   . HOH B 2 .   ? 7.212   -10.134 -1.229  1.000 18.158 0 241 HOH A O   1 ? 
HETATM 1461 O O   . HOH B 2 .   ? -10.704 13.063  -3.194  1.000 29.252 0 242 HOH A O   1 ? 
HETATM 1462 O O   . HOH B 2 .   ? -4.971  -13.617 -4.262  1.000 21.740 0 243 HOH A O   1 ? 
HETATM 1463 O O   . HOH B 2 .   ? -12.767 -6.923  9.897   1.000 30.557 0 244 HOH A O   1 ? 
HETATM 1464 O O   . HOH B 2 .   ? -9.727  10.747  12.576  1.000 32.867 0 245 HOH A O   1 ? 
HETATM 1465 O O   . HOH B 2 .   ? 11.717  3.566   6.355   1.000 11.339 0 246 HOH A O   1 ? 
HETATM 1466 O O   . HOH B 2 .   ? -15.870 2.452   2.419   1.000 18.380 0 247 HOH A O   1 ? 
HETATM 1467 O O   . HOH B 2 .   ? 4.298   -19.286 6.578   1.000 35.853 0 248 HOH A O   1 ? 
HETATM 1468 O O   . HOH B 2 .   ? 14.695  -1.484  18.737  1.000 24.260 0 249 HOH A O   1 ? 
HETATM 1469 O O   . HOH B 2 .   ? -5.292  15.028  -6.146  1.000 31.854 0 250 HOH A O   1 ? 
HETATM 1470 O O   . HOH B 2 .   ? -4.060  11.697  -12.222 1.000 16.675 0 251 HOH A O   1 ? 
HETATM 1471 O O   . HOH B 2 .   ? -12.124 12.469  9.105   1.000 23.718 0 252 HOH A O   1 ? 
HETATM 1472 O O   . HOH B 2 .   ? 4.852   -12.482 21.011  1.000 28.953 0 253 HOH A O   1 ? 
HETATM 1473 O O   . HOH B 2 .   ? -9.157  7.914   14.146  1.000 35.422 0 254 HOH A O   1 ? 
HETATM 1474 O O   . HOH B 2 .   ? -13.288 9.704   -5.418  1.000 26.667 0 255 HOH A O   1 ? 
HETATM 1475 O O   . HOH B 2 .   ? 3.744   -19.650 9.236   1.000 38.380 0 256 HOH A O   1 ? 
HETATM 1476 O O   . HOH B 2 .   ? 7.332   4.256   0.257   1.000 12.642 0 257 HOH A O   1 ? 
HETATM 1477 O O   . HOH B 2 .   ? 9.752   12.298  -13.576 1.000 18.757 0 258 HOH A O   1 ? 
HETATM 1478 O O   . HOH B 2 .   ? -9.578  -0.203  -4.944  1.000 12.775 0 259 HOH A O   1 ? 
HETATM 1479 O O   . HOH B 2 .   ? 6.611   8.373   -12.509 1.000 17.293 0 260 HOH A O   1 ? 
HETATM 1480 O O   . HOH B 2 .   ? -6.790  -11.991 4.698   1.000 26.341 0 261 HOH A O   1 ? 
HETATM 1481 O O   . HOH B 2 .   ? -3.281  -12.320 10.057  1.000 30.905 0 262 HOH A O   1 ? 
HETATM 1482 O O   . HOH B 2 .   ? -6.279  -11.909 12.349  1.000 38.680 0 263 HOH A O   1 ? 
HETATM 1483 O O   . HOH B 2 .   ? -2.678  -5.473  -8.175  1.000 11.161 0 264 HOH A O   1 ? 
HETATM 1484 O O   . HOH B 2 .   ? 7.009   -1.277  15.577  1.000 23.755 0 265 HOH A O   1 ? 
HETATM 1485 O O   . HOH B 2 .   ? 11.576  4.426   10.961  1.000 18.783 0 266 HOH A O   1 ? 
HETATM 1486 O O   . HOH B 2 .   ? 10.787  -7.991  -6.787  1.000 48.972 0 267 HOH A O   1 ? 
HETATM 1487 O O   . HOH B 2 .   ? 0.097   -12.122 15.332  1.000 35.044 0 268 HOH A O   1 ? 
HETATM 1488 O O   . HOH B 2 .   ? -5.357  8.940   -14.088 1.000 19.119 0 269 HOH A O   1 ? 
HETATM 1489 O O   . HOH B 2 .   ? -12.079 -8.024  4.809   1.000 23.973 0 270 HOH A O   1 ? 
HETATM 1490 O O   . HOH B 2 .   ? 15.127  2.143   17.752  1.000 28.444 0 271 HOH A O   1 ? 
HETATM 1491 O O   . HOH B 2 .   ? -7.689  13.079  -1.798  1.000 29.687 0 272 HOH A O   1 ? 
HETATM 1492 O O   . HOH B 2 .   ? 2.564   13.753  -16.031 1.000 23.406 0 273 HOH A O   1 ? 
HETATM 1493 O O   . HOH B 2 .   ? -0.286  3.363   16.801  1.000 29.579 0 274 HOH A O   1 ? 
HETATM 1494 O O   . HOH B 2 .   ? 5.696   -5.436  19.610  1.000 43.343 0 275 HOH A O   1 ? 
HETATM 1495 O O   . HOH B 2 .   ? 17.685  9.833   7.819   1.000 40.729 0 276 HOH A O   1 ? 
HETATM 1496 O O   . HOH B 2 .   ? -13.432 -3.319  -10.657 1.000 35.138 0 277 HOH A O   1 ? 
HETATM 1497 O O   . HOH B 2 .   ? 5.295   7.248   11.364  1.000 26.775 0 278 HOH A O   1 ? 
HETATM 1498 O O   . HOH B 2 .   ? 8.116   4.376   -6.002  1.000 22.472 0 279 HOH A O   1 ? 
HETATM 1499 O O   . HOH B 2 .   ? 8.725   14.093  4.010   0.590 14.393 0 280 HOH A O   1 ? 
HETATM 1500 O O   . HOH B 2 .   ? 2.214   -10.490 -5.313  1.000 29.284 0 281 HOH A O   1 ? 
HETATM 1501 O O   . HOH B 2 .   ? 3.591   -16.416 -1.174  1.000 24.979 0 282 HOH A O   1 ? 
HETATM 1502 O O   . HOH B 2 .   ? -13.565 -1.664  9.637   1.000 20.077 0 283 HOH A O   1 ? 
HETATM 1503 O O   . HOH B 2 .   ? -9.492  9.886   1.795   1.000 23.825 0 284 HOH A O   1 ? 
HETATM 1504 O O   . HOH B 2 .   ? -17.245 -1.187  -1.905  1.000 23.554 0 285 HOH A O   1 ? 
HETATM 1505 O O   . HOH B 2 .   ? -8.360  7.524   9.191   1.000 21.463 0 286 HOH A O   1 ? 
HETATM 1506 O O   . HOH B 2 .   ? -17.703 -0.839  4.210   1.000 19.070 0 287 HOH A O   1 ? 
HETATM 1507 O O   . HOH B 2 .   ? -0.642  12.222  11.639  1.000 19.128 0 288 HOH A O   1 ? 
HETATM 1508 O O   . HOH B 2 .   ? -13.331 5.270   -5.109  1.000 34.157 0 289 HOH A O   1 ? 
HETATM 1509 O O   . HOH B 2 .   ? -3.469  7.470   18.026  1.000 19.305 0 290 HOH A O   1 ? 
HETATM 1510 O O   . HOH B 2 .   ? -12.413 -5.979  -8.375  1.000 18.569 0 291 HOH A O   1 ? 
HETATM 1511 O O   . HOH B 2 .   ? -13.407 9.137   -10.822 1.000 40.964 0 292 HOH A O   1 ? 
HETATM 1512 O O   . HOH B 2 .   ? 7.575   13.795  -16.842 1.000 23.621 0 293 HOH A O   1 ? 
HETATM 1513 O O   . HOH B 2 .   ? 3.573   13.561  11.166  1.000 26.367 0 294 HOH A O   1 ? 
HETATM 1514 O O   . HOH B 2 .   ? -9.111  -12.132 -5.602  1.000 38.590 0 295 HOH A O   1 ? 
HETATM 1515 O O   . HOH B 2 .   ? 14.498  -8.373  4.505   1.000 31.065 0 296 HOH A O   1 ? 
HETATM 1516 O O   . HOH B 2 .   ? 2.012   -0.755  1.664   1.000 19.500 0 297 HOH A O   1 ? 
HETATM 1517 O O   . HOH B 2 .   ? 13.076  8.945   -8.739  1.000 35.501 0 298 HOH A O   1 ? 
HETATM 1518 O O   . HOH B 2 .   ? -16.664 -1.720  -4.750  1.000 21.841 0 299 HOH A O   1 ? 
HETATM 1519 O O   . HOH B 2 .   ? -14.692 19.362  10.197  1.000 31.491 0 300 HOH A O   1 ? 
HETATM 1520 O O   . HOH B 2 .   ? -6.892  14.510  -12.319 1.000 26.317 0 301 HOH A O   1 ? 
HETATM 1521 O O   . HOH B 2 .   ? 0.599   -1.996  -19.753 1.000 36.066 0 302 HOH A O   1 ? 
HETATM 1522 O O   . HOH B 2 .   ? 11.620  2.850   -5.899  1.000 32.569 0 303 HOH A O   1 ? 
HETATM 1523 O O   . HOH B 2 .   ? 6.688   13.076  -5.161  1.000 21.458 0 304 HOH A O   1 ? 
HETATM 1524 O O   . HOH B 2 .   ? -7.906  11.928  2.850   1.000 27.660 0 305 HOH A O   1 ? 
HETATM 1525 O O   . HOH B 2 .   ? -11.394 4.041   -14.677 1.000 20.525 0 306 HOH A O   1 ? 
HETATM 1526 O O   . HOH B 2 .   ? -4.561  3.009   16.778  1.000 22.564 0 307 HOH A O   1 ? 
HETATM 1527 O O   . HOH B 2 .   ? 5.196   -17.474 5.318   1.000 29.846 0 308 HOH A O   1 ? 
HETATM 1528 O O   . HOH B 2 .   ? -15.312 -4.571  6.925   1.000 38.411 0 309 HOH A O   1 ? 
HETATM 1529 O O   . HOH B 2 .   ? 12.425  2.764   9.005   1.000 16.193 0 310 HOH A O   1 ? 
HETATM 1530 O O   . HOH B 2 .   ? 15.501  2.360   -0.070  1.000 27.491 0 311 HOH A O   1 ? 
HETATM 1531 O O   . HOH B 2 .   ? 8.772   1.964   -10.911 1.000 29.749 0 312 HOH A O   1 ? 
HETATM 1532 O O   . HOH B 2 .   ? 2.808   -12.769 -13.141 1.000 20.259 0 313 HOH A O   1 ? 
HETATM 1533 O O   . HOH B 2 .   ? 15.266  -13.196 6.501   1.000 33.013 0 314 HOH A O   1 ? 
HETATM 1534 O O   . HOH B 2 .   ? -5.352  -4.649  -19.069 1.000 22.069 0 315 HOH A O   1 ? 
HETATM 1535 O O   . HOH B 2 .   ? 4.576   2.774   -19.085 1.000 37.328 0 316 HOH A O   1 ? 
HETATM 1536 O O   . HOH B 2 .   ? -11.165 8.507   -12.179 1.000 25.730 0 317 HOH A O   1 ? 
HETATM 1537 O O   . HOH B 2 .   ? 2.887   -16.198 -5.008  1.000 45.396 0 318 HOH A O   1 ? 
HETATM 1538 O O   . HOH B 2 .   ? -10.321 -1.626  15.386  1.000 25.726 0 319 HOH A O   1 ? 
HETATM 1539 O O   . HOH B 2 .   ? 14.032  4.632   11.115  1.000 42.373 0 320 HOH A O   1 ? 
HETATM 1540 O O   . HOH B 2 .   ? 14.389  -4.372  17.950  1.000 22.211 0 321 HOH A O   1 ? 
HETATM 1541 O O   . HOH B 2 .   ? -3.754  -10.996 12.562  1.000 18.531 0 322 HOH A O   1 ? 
HETATM 1542 O O   . HOH B 2 .   ? -6.015  -6.687  -14.837 1.000 16.822 0 323 HOH A O   1 ? 
HETATM 1543 O O   . HOH B 2 .   ? -0.438  -13.271 6.183   1.000 24.404 0 324 HOH A O   1 ? 
HETATM 1544 O O   . HOH B 2 .   ? 9.902   2.405   -1.994  1.000 33.999 0 325 HOH A O   1 ? 
HETATM 1545 O O   . HOH B 2 .   ? -9.347  -12.130 -2.054  1.000 34.190 0 326 HOH A O   1 ? 
HETATM 1546 O O   . HOH B 2 .   ? -6.429  13.202  12.658  1.000 33.079 0 327 HOH A O   1 ? 
HETATM 1547 O O   . HOH B 2 .   ? -14.159 1.880   -10.983 1.000 41.567 0 328 HOH A O   1 ? 
HETATM 1548 O O   . HOH B 2 .   ? -10.067 13.181  -0.006  1.000 11.226 0 329 HOH A O   1 ? 
HETATM 1549 O O   . HOH B 2 .   ? 2.746   -2.231  -19.368 1.000 33.342 0 330 HOH A O   1 ? 
HETATM 1550 O O   . HOH B 2 .   ? -11.556 -8.139  7.696   1.000 29.136 0 331 HOH A O   1 ? 
HETATM 1551 O O   . HOH B 2 .   ? -5.477  -12.932 8.821   1.000 35.750 0 332 HOH A O   1 ? 
HETATM 1552 O O   . HOH B 2 .   ? -10.490 18.404  4.225   0.850 5.444  0 333 HOH A O   1 ? 
HETATM 1553 O O   . HOH B 2 .   ? -8.821  -13.550 -11.558 1.000 28.161 0 334 HOH A O   1 ? 
HETATM 1554 O O   . HOH B 2 .   ? -9.712  -14.199 -7.523  1.000 41.049 0 335 HOH A O   1 ? 
HETATM 1555 O O   . HOH B 2 .   ? -8.660  -2.905  -15.484 1.000 30.560 0 336 HOH A O   1 ? 
HETATM 1556 O O   . HOH B 2 .   ? 3.947   -14.377 -6.522  1.000 47.136 0 337 HOH A O   1 ? 
HETATM 1557 O O   . HOH B 2 .   ? 5.143   0.436   14.857  1.000 31.132 0 338 HOH A O   1 ? 
HETATM 1558 O O   . HOH B 2 .   ? 7.797   -11.533 21.171  1.000 32.595 0 339 HOH A O   1 ? 
HETATM 1559 O O   . HOH B 2 .   ? -2.504  4.839   17.105  1.000 24.058 0 340 HOH A O   1 ? 
HETATM 1560 O O   . HOH B 2 .   ? -2.708  -13.887 5.174   1.000 38.484 0 341 HOH A O   1 ? 
HETATM 1561 O O   . HOH B 2 .   ? 9.445   -3.839  -8.975  1.000 39.347 0 342 HOH A O   1 ? 
HETATM 1562 O O   . HOH B 2 .   ? 0.547   -16.905 11.508  1.000 47.692 0 343 HOH A O   1 ? 
HETATM 1563 O O   . HOH B 2 .   ? 14.140  5.590   -0.069  1.000 28.887 0 344 HOH A O   1 ? 
HETATM 1564 O O   . HOH B 2 .   ? -2.124  -12.335 14.920  1.000 33.959 0 345 HOH A O   1 ? 
HETATM 1565 O O   . HOH B 2 .   ? -4.854  -13.381 6.174   1.000 34.449 0 346 HOH A O   1 ? 
# 
